data_4F98
# 
_entry.id   4F98 
# 
_audit_conform.dict_name       mmcif_pdbx.dic 
_audit_conform.dict_version    5.399 
_audit_conform.dict_location   http://mmcif.pdb.org/dictionaries/ascii/mmcif_pdbx.dic 
# 
loop_
_database_2.database_id 
_database_2.database_code 
_database_2.pdbx_database_accession 
_database_2.pdbx_DOI 
PDB   4F98         pdb_00004f98 10.2210/pdb4f98/pdb 
RCSB  RCSB072614   ?            ?                   
WWPDB D_1000072614 ?            ?                   
# 
loop_
_pdbx_audit_revision_history.ordinal 
_pdbx_audit_revision_history.data_content_type 
_pdbx_audit_revision_history.major_revision 
_pdbx_audit_revision_history.minor_revision 
_pdbx_audit_revision_history.revision_date 
1 'Structure model' 1 0 2012-07-18 
2 'Structure model' 1 1 2014-12-24 
3 'Structure model' 1 2 2017-11-15 
4 'Structure model' 1 3 2018-01-24 
5 'Structure model' 1 4 2023-02-01 
6 'Structure model' 1 5 2024-11-27 
# 
_pdbx_audit_revision_details.ordinal             1 
_pdbx_audit_revision_details.revision_ordinal    1 
_pdbx_audit_revision_details.data_content_type   'Structure model' 
_pdbx_audit_revision_details.provider            repository 
_pdbx_audit_revision_details.type                'Initial release' 
_pdbx_audit_revision_details.description         ? 
_pdbx_audit_revision_details.details             ? 
# 
loop_
_pdbx_audit_revision_group.ordinal 
_pdbx_audit_revision_group.revision_ordinal 
_pdbx_audit_revision_group.data_content_type 
_pdbx_audit_revision_group.group 
1 2 'Structure model' 'Structure summary'      
2 3 'Structure model' 'Refinement description' 
3 4 'Structure model' 'Database references'    
4 5 'Structure model' 'Database references'    
5 5 'Structure model' 'Derived calculations'   
6 6 'Structure model' 'Data collection'        
7 6 'Structure model' 'Structure summary'      
# 
loop_
_pdbx_audit_revision_category.ordinal 
_pdbx_audit_revision_category.revision_ordinal 
_pdbx_audit_revision_category.data_content_type 
_pdbx_audit_revision_category.category 
1  3 'Structure model' software                  
2  4 'Structure model' citation_author           
3  5 'Structure model' database_2                
4  5 'Structure model' struct_conn               
5  5 'Structure model' struct_ref_seq_dif        
6  5 'Structure model' struct_site               
7  6 'Structure model' chem_comp_atom            
8  6 'Structure model' chem_comp_bond            
9  6 'Structure model' pdbx_entry_details        
10 6 'Structure model' pdbx_modification_feature 
# 
loop_
_pdbx_audit_revision_item.ordinal 
_pdbx_audit_revision_item.revision_ordinal 
_pdbx_audit_revision_item.data_content_type 
_pdbx_audit_revision_item.item 
1  3 'Structure model' '_software.classification'                     
2  3 'Structure model' '_software.name'                               
3  4 'Structure model' '_citation_author.name'                        
4  5 'Structure model' '_database_2.pdbx_DOI'                         
5  5 'Structure model' '_database_2.pdbx_database_accession'          
6  5 'Structure model' '_struct_conn.pdbx_leaving_atom_flag'          
7  5 'Structure model' '_struct_ref_seq_dif.details'                  
8  5 'Structure model' '_struct_site.pdbx_auth_asym_id'               
9  5 'Structure model' '_struct_site.pdbx_auth_comp_id'               
10 5 'Structure model' '_struct_site.pdbx_auth_seq_id'                
11 6 'Structure model' '_pdbx_entry_details.has_protein_modification' 
# 
_pdbx_database_status.SG_entry                        Y 
_pdbx_database_status.entry_id                        4F98 
_pdbx_database_status.deposit_site                    RCSB 
_pdbx_database_status.process_site                    RCSB 
_pdbx_database_status.recvd_initial_deposition_date   2012-05-18 
_pdbx_database_status.status_code                     REL 
_pdbx_database_status.status_code_sf                  REL 
_pdbx_database_status.status_code_mr                  ? 
_pdbx_database_status.status_code_cs                  ? 
_pdbx_database_status.methods_development_category    ? 
_pdbx_database_status.pdb_format_compatible           Y 
_pdbx_database_status.status_code_nmr_data            ? 
# 
_pdbx_database_related.db_name        TargetTrack 
_pdbx_database_related.db_id          JCSG-417383 
_pdbx_database_related.details        . 
_pdbx_database_related.content_type   unspecified 
# 
_audit_author.name           'Joint Center for Structural Genomics (JCSG)' 
_audit_author.pdbx_ordinal   1 
# 
_citation.id                        primary 
_citation.title                     
'Crystal structure of a hypothetical protein (PA3229) from Pseudomonas aeruginosa PAO1 at 1.26 A resolution' 
_citation.journal_abbrev            'To be published' 
_citation.journal_volume            ? 
_citation.page_first                ? 
_citation.page_last                 ? 
_citation.year                      ? 
_citation.journal_id_ASTM           ? 
_citation.country                   ? 
_citation.journal_id_ISSN           ? 
_citation.journal_id_CSD            0353 
_citation.book_publisher            ? 
_citation.pdbx_database_id_PubMed   ? 
_citation.pdbx_database_id_DOI      ? 
# 
_citation_author.citation_id        primary 
_citation_author.name               'Joint Center for Structural Genomics (JCSG)' 
_citation_author.ordinal            1 
_citation_author.identifier_ORCID   ? 
# 
loop_
_entity.id 
_entity.type 
_entity.src_method 
_entity.pdbx_description 
_entity.formula_weight 
_entity.pdbx_number_of_molecules 
_entity.pdbx_ec 
_entity.pdbx_mutation 
_entity.pdbx_fragment 
_entity.details 
1 polymer     man 'hypothetical protein' 7752.339 1  ? ? ? ? 
2 non-polymer syn GLYCEROL               92.094   1  ? ? ? ? 
3 water       nat water                  18.015   67 ? ? ? ? 
# 
_entity_poly.entity_id                      1 
_entity_poly.type                           'polypeptide(L)' 
_entity_poly.nstd_linkage                   no 
_entity_poly.nstd_monomer                   yes 
_entity_poly.pdbx_seq_one_letter_code       'GQDVDKDPGRGLPVEEYHYG(MSE)QLDVKNVLHRTDNSTRTGVVPVTVVYEDHSGELHKIRFLEWGGSTSNG' 
_entity_poly.pdbx_seq_one_letter_code_can   GQDVDKDPGRGLPVEEYHYGMQLDVKNVLHRTDNSTRTGVVPVTVVYEDHSGELHKIRFLEWGGSTSNG 
_entity_poly.pdbx_strand_id                 A 
_entity_poly.pdbx_target_identifier         JCSG-417383 
# 
loop_
_pdbx_entity_nonpoly.entity_id 
_pdbx_entity_nonpoly.name 
_pdbx_entity_nonpoly.comp_id 
2 GLYCEROL GOL 
3 water    HOH 
# 
loop_
_entity_poly_seq.entity_id 
_entity_poly_seq.num 
_entity_poly_seq.mon_id 
_entity_poly_seq.hetero 
1 1  GLY n 
1 2  GLN n 
1 3  ASP n 
1 4  VAL n 
1 5  ASP n 
1 6  LYS n 
1 7  ASP n 
1 8  PRO n 
1 9  GLY n 
1 10 ARG n 
1 11 GLY n 
1 12 LEU n 
1 13 PRO n 
1 14 VAL n 
1 15 GLU n 
1 16 GLU n 
1 17 TYR n 
1 18 HIS n 
1 19 TYR n 
1 20 GLY n 
1 21 MSE n 
1 22 GLN n 
1 23 LEU n 
1 24 ASP n 
1 25 VAL n 
1 26 LYS n 
1 27 ASN n 
1 28 VAL n 
1 29 LEU n 
1 30 HIS n 
1 31 ARG n 
1 32 THR n 
1 33 ASP n 
1 34 ASN n 
1 35 SER n 
1 36 THR n 
1 37 ARG n 
1 38 THR n 
1 39 GLY n 
1 40 VAL n 
1 41 VAL n 
1 42 PRO n 
1 43 VAL n 
1 44 THR n 
1 45 VAL n 
1 46 VAL n 
1 47 TYR n 
1 48 GLU n 
1 49 ASP n 
1 50 HIS n 
1 51 SER n 
1 52 GLY n 
1 53 GLU n 
1 54 LEU n 
1 55 HIS n 
1 56 LYS n 
1 57 ILE n 
1 58 ARG n 
1 59 PHE n 
1 60 LEU n 
1 61 GLU n 
1 62 TRP n 
1 63 GLY n 
1 64 GLY n 
1 65 SER n 
1 66 THR n 
1 67 SER n 
1 68 ASN n 
1 69 GLY n 
# 
_entity_src_gen.entity_id                          1 
_entity_src_gen.pdbx_src_id                        1 
_entity_src_gen.pdbx_alt_source_flag               sample 
_entity_src_gen.pdbx_seq_type                      ? 
_entity_src_gen.pdbx_beg_seq_num                   ? 
_entity_src_gen.pdbx_end_seq_num                   ? 
_entity_src_gen.gene_src_common_name               ? 
_entity_src_gen.gene_src_genus                     ? 
_entity_src_gen.pdbx_gene_src_gene                 PA3229 
_entity_src_gen.gene_src_species                   ? 
_entity_src_gen.gene_src_strain                    PAO1 
_entity_src_gen.gene_src_tissue                    ? 
_entity_src_gen.gene_src_tissue_fraction           ? 
_entity_src_gen.gene_src_details                   ? 
_entity_src_gen.pdbx_gene_src_fragment             ? 
_entity_src_gen.pdbx_gene_src_scientific_name      'Pseudomonas aeruginosa' 
_entity_src_gen.pdbx_gene_src_ncbi_taxonomy_id     208964 
_entity_src_gen.pdbx_gene_src_variant              ? 
_entity_src_gen.pdbx_gene_src_cell_line            ? 
_entity_src_gen.pdbx_gene_src_atcc                 ? 
_entity_src_gen.pdbx_gene_src_organ                ? 
_entity_src_gen.pdbx_gene_src_organelle            ? 
_entity_src_gen.pdbx_gene_src_cell                 ? 
_entity_src_gen.pdbx_gene_src_cellular_location    ? 
_entity_src_gen.host_org_common_name               ? 
_entity_src_gen.pdbx_host_org_scientific_name      'Escherichia Coli' 
_entity_src_gen.pdbx_host_org_ncbi_taxonomy_id     562 
_entity_src_gen.host_org_genus                     ? 
_entity_src_gen.pdbx_host_org_gene                 ? 
_entity_src_gen.pdbx_host_org_organ                ? 
_entity_src_gen.host_org_species                   ? 
_entity_src_gen.pdbx_host_org_tissue               ? 
_entity_src_gen.pdbx_host_org_tissue_fraction      ? 
_entity_src_gen.pdbx_host_org_strain               PB1 
_entity_src_gen.pdbx_host_org_variant              ? 
_entity_src_gen.pdbx_host_org_cell_line            ? 
_entity_src_gen.pdbx_host_org_atcc                 ? 
_entity_src_gen.pdbx_host_org_culture_collection   ? 
_entity_src_gen.pdbx_host_org_cell                 ? 
_entity_src_gen.pdbx_host_org_organelle            ? 
_entity_src_gen.pdbx_host_org_cellular_location    ? 
_entity_src_gen.pdbx_host_org_vector_type          Plasmid 
_entity_src_gen.pdbx_host_org_vector               ? 
_entity_src_gen.host_org_details                   ? 
_entity_src_gen.expression_system_id               ? 
_entity_src_gen.plasmid_name                       SpeedET 
_entity_src_gen.plasmid_details                    ? 
_entity_src_gen.pdbx_description                   ? 
# 
loop_
_chem_comp.id 
_chem_comp.type 
_chem_comp.mon_nstd_flag 
_chem_comp.name 
_chem_comp.pdbx_synonyms 
_chem_comp.formula 
_chem_comp.formula_weight 
ARG 'L-peptide linking' y ARGININE         ?                               'C6 H15 N4 O2 1' 175.209 
ASN 'L-peptide linking' y ASPARAGINE       ?                               'C4 H8 N2 O3'    132.118 
ASP 'L-peptide linking' y 'ASPARTIC ACID'  ?                               'C4 H7 N O4'     133.103 
GLN 'L-peptide linking' y GLUTAMINE        ?                               'C5 H10 N2 O3'   146.144 
GLU 'L-peptide linking' y 'GLUTAMIC ACID'  ?                               'C5 H9 N O4'     147.129 
GLY 'peptide linking'   y GLYCINE          ?                               'C2 H5 N O2'     75.067  
GOL non-polymer         . GLYCEROL         'GLYCERIN; PROPANE-1,2,3-TRIOL' 'C3 H8 O3'       92.094  
HIS 'L-peptide linking' y HISTIDINE        ?                               'C6 H10 N3 O2 1' 156.162 
HOH non-polymer         . WATER            ?                               'H2 O'           18.015  
ILE 'L-peptide linking' y ISOLEUCINE       ?                               'C6 H13 N O2'    131.173 
LEU 'L-peptide linking' y LEUCINE          ?                               'C6 H13 N O2'    131.173 
LYS 'L-peptide linking' y LYSINE           ?                               'C6 H15 N2 O2 1' 147.195 
MSE 'L-peptide linking' n SELENOMETHIONINE ?                               'C5 H11 N O2 Se' 196.106 
PHE 'L-peptide linking' y PHENYLALANINE    ?                               'C9 H11 N O2'    165.189 
PRO 'L-peptide linking' y PROLINE          ?                               'C5 H9 N O2'     115.130 
SER 'L-peptide linking' y SERINE           ?                               'C3 H7 N O3'     105.093 
THR 'L-peptide linking' y THREONINE        ?                               'C4 H9 N O3'     119.119 
TRP 'L-peptide linking' y TRYPTOPHAN       ?                               'C11 H12 N2 O2'  204.225 
TYR 'L-peptide linking' y TYROSINE         ?                               'C9 H11 N O3'    181.189 
VAL 'L-peptide linking' y VALINE           ?                               'C5 H11 N O2'    117.146 
# 
loop_
_pdbx_poly_seq_scheme.asym_id 
_pdbx_poly_seq_scheme.entity_id 
_pdbx_poly_seq_scheme.seq_id 
_pdbx_poly_seq_scheme.mon_id 
_pdbx_poly_seq_scheme.ndb_seq_num 
_pdbx_poly_seq_scheme.pdb_seq_num 
_pdbx_poly_seq_scheme.auth_seq_num 
_pdbx_poly_seq_scheme.pdb_mon_id 
_pdbx_poly_seq_scheme.auth_mon_id 
_pdbx_poly_seq_scheme.pdb_strand_id 
_pdbx_poly_seq_scheme.pdb_ins_code 
_pdbx_poly_seq_scheme.hetero 
A 1 1  GLY 1  0  ?  ?   ?   A . n 
A 1 2  GLN 2  21 ?  ?   ?   A . n 
A 1 3  ASP 3  22 ?  ?   ?   A . n 
A 1 4  VAL 4  23 ?  ?   ?   A . n 
A 1 5  ASP 5  24 ?  ?   ?   A . n 
A 1 6  LYS 6  25 25 LYS LYS A . n 
A 1 7  ASP 7  26 26 ASP ASP A . n 
A 1 8  PRO 8  27 27 PRO PRO A . n 
A 1 9  GLY 9  28 28 GLY GLY A . n 
A 1 10 ARG 10 29 29 ARG ARG A . n 
A 1 11 GLY 11 30 30 GLY GLY A . n 
A 1 12 LEU 12 31 31 LEU LEU A . n 
A 1 13 PRO 13 32 32 PRO PRO A . n 
A 1 14 VAL 14 33 33 VAL VAL A . n 
A 1 15 GLU 15 34 34 GLU GLU A . n 
A 1 16 GLU 16 35 35 GLU GLU A . n 
A 1 17 TYR 17 36 36 TYR TYR A . n 
A 1 18 HIS 18 37 37 HIS HIS A . n 
A 1 19 TYR 19 38 38 TYR TYR A . n 
A 1 20 GLY 20 39 39 GLY GLY A . n 
A 1 21 MSE 21 40 40 MSE MSE A . n 
A 1 22 GLN 22 41 41 GLN GLN A . n 
A 1 23 LEU 23 42 42 LEU LEU A . n 
A 1 24 ASP 24 43 43 ASP ASP A . n 
A 1 25 VAL 25 44 44 VAL VAL A . n 
A 1 26 LYS 26 45 45 LYS LYS A . n 
A 1 27 ASN 27 46 46 ASN ASN A . n 
A 1 28 VAL 28 47 47 VAL VAL A . n 
A 1 29 LEU 29 48 48 LEU LEU A . n 
A 1 30 HIS 30 49 49 HIS HIS A . n 
A 1 31 ARG 31 50 50 ARG ARG A . n 
A 1 32 THR 32 51 51 THR THR A . n 
A 1 33 ASP 33 52 52 ASP ASP A . n 
A 1 34 ASN 34 53 53 ASN ASN A . n 
A 1 35 SER 35 54 54 SER SER A . n 
A 1 36 THR 36 55 55 THR THR A . n 
A 1 37 ARG 37 56 56 ARG ARG A . n 
A 1 38 THR 38 57 57 THR THR A . n 
A 1 39 GLY 39 58 58 GLY GLY A . n 
A 1 40 VAL 40 59 59 VAL VAL A . n 
A 1 41 VAL 41 60 60 VAL VAL A . n 
A 1 42 PRO 42 61 61 PRO PRO A . n 
A 1 43 VAL 43 62 62 VAL VAL A . n 
A 1 44 THR 44 63 63 THR THR A . n 
A 1 45 VAL 45 64 64 VAL VAL A . n 
A 1 46 VAL 46 65 65 VAL VAL A . n 
A 1 47 TYR 47 66 66 TYR TYR A . n 
A 1 48 GLU 48 67 67 GLU GLU A . n 
A 1 49 ASP 49 68 68 ASP ASP A . n 
A 1 50 HIS 50 69 69 HIS HIS A . n 
A 1 51 SER 51 70 70 SER SER A . n 
A 1 52 GLY 52 71 71 GLY GLY A . n 
A 1 53 GLU 53 72 72 GLU GLU A . n 
A 1 54 LEU 54 73 73 LEU LEU A . n 
A 1 55 HIS 55 74 74 HIS HIS A . n 
A 1 56 LYS 56 75 75 LYS LYS A . n 
A 1 57 ILE 57 76 76 ILE ILE A . n 
A 1 58 ARG 58 77 77 ARG ARG A . n 
A 1 59 PHE 59 78 78 PHE PHE A . n 
A 1 60 LEU 60 79 79 LEU LEU A . n 
A 1 61 GLU 61 80 80 GLU GLU A . n 
A 1 62 TRP 62 81 81 TRP TRP A . n 
A 1 63 GLY 63 82 82 GLY GLY A . n 
A 1 64 GLY 64 83 83 GLY GLY A . n 
A 1 65 SER 65 84 84 SER SER A . n 
A 1 66 THR 66 85 85 THR THR A . n 
A 1 67 SER 67 86 86 SER SER A . n 
A 1 68 ASN 68 87 ?  ?   ?   A . n 
A 1 69 GLY 69 88 ?  ?   ?   A . n 
# 
loop_
_pdbx_nonpoly_scheme.asym_id 
_pdbx_nonpoly_scheme.entity_id 
_pdbx_nonpoly_scheme.mon_id 
_pdbx_nonpoly_scheme.ndb_seq_num 
_pdbx_nonpoly_scheme.pdb_seq_num 
_pdbx_nonpoly_scheme.auth_seq_num 
_pdbx_nonpoly_scheme.pdb_mon_id 
_pdbx_nonpoly_scheme.auth_mon_id 
_pdbx_nonpoly_scheme.pdb_strand_id 
_pdbx_nonpoly_scheme.pdb_ins_code 
B 2 GOL 1  101 90  GOL GOL A . 
C 3 HOH 1  201 91  HOH HOH A . 
C 3 HOH 2  202 92  HOH HOH A . 
C 3 HOH 3  203 93  HOH HOH A . 
C 3 HOH 4  204 94  HOH HOH A . 
C 3 HOH 5  205 95  HOH HOH A . 
C 3 HOH 6  206 96  HOH HOH A . 
C 3 HOH 7  207 97  HOH HOH A . 
C 3 HOH 8  208 98  HOH HOH A . 
C 3 HOH 9  209 99  HOH HOH A . 
C 3 HOH 10 210 100 HOH HOH A . 
C 3 HOH 11 211 101 HOH HOH A . 
C 3 HOH 12 212 102 HOH HOH A . 
C 3 HOH 13 213 103 HOH HOH A . 
C 3 HOH 14 214 104 HOH HOH A . 
C 3 HOH 15 215 105 HOH HOH A . 
C 3 HOH 16 216 106 HOH HOH A . 
C 3 HOH 17 217 107 HOH HOH A . 
C 3 HOH 18 218 108 HOH HOH A . 
C 3 HOH 19 219 109 HOH HOH A . 
C 3 HOH 20 220 110 HOH HOH A . 
C 3 HOH 21 221 111 HOH HOH A . 
C 3 HOH 22 222 112 HOH HOH A . 
C 3 HOH 23 223 113 HOH HOH A . 
C 3 HOH 24 224 114 HOH HOH A . 
C 3 HOH 25 225 115 HOH HOH A . 
C 3 HOH 26 226 116 HOH HOH A . 
C 3 HOH 27 227 117 HOH HOH A . 
C 3 HOH 28 228 118 HOH HOH A . 
C 3 HOH 29 229 119 HOH HOH A . 
C 3 HOH 30 230 120 HOH HOH A . 
C 3 HOH 31 231 121 HOH HOH A . 
C 3 HOH 32 232 122 HOH HOH A . 
C 3 HOH 33 233 123 HOH HOH A . 
C 3 HOH 34 234 124 HOH HOH A . 
C 3 HOH 35 235 125 HOH HOH A . 
C 3 HOH 36 236 126 HOH HOH A . 
C 3 HOH 37 237 127 HOH HOH A . 
C 3 HOH 38 238 128 HOH HOH A . 
C 3 HOH 39 239 129 HOH HOH A . 
C 3 HOH 40 240 130 HOH HOH A . 
C 3 HOH 41 241 131 HOH HOH A . 
C 3 HOH 42 242 132 HOH HOH A . 
C 3 HOH 43 243 133 HOH HOH A . 
C 3 HOH 44 244 134 HOH HOH A . 
C 3 HOH 45 245 135 HOH HOH A . 
C 3 HOH 46 246 136 HOH HOH A . 
C 3 HOH 47 247 137 HOH HOH A . 
C 3 HOH 48 248 138 HOH HOH A . 
C 3 HOH 49 249 139 HOH HOH A . 
C 3 HOH 50 250 140 HOH HOH A . 
C 3 HOH 51 251 141 HOH HOH A . 
C 3 HOH 52 252 142 HOH HOH A . 
C 3 HOH 53 253 143 HOH HOH A . 
C 3 HOH 54 254 144 HOH HOH A . 
C 3 HOH 55 255 145 HOH HOH A . 
C 3 HOH 56 256 146 HOH HOH A . 
C 3 HOH 57 257 147 HOH HOH A . 
C 3 HOH 58 258 148 HOH HOH A . 
C 3 HOH 59 259 149 HOH HOH A . 
C 3 HOH 60 260 150 HOH HOH A . 
C 3 HOH 61 261 151 HOH HOH A . 
C 3 HOH 62 262 152 HOH HOH A . 
C 3 HOH 63 263 153 HOH HOH A . 
C 3 HOH 64 264 154 HOH HOH A . 
C 3 HOH 65 265 155 HOH HOH A . 
C 3 HOH 66 266 156 HOH HOH A . 
C 3 HOH 67 267 157 HOH HOH A . 
# 
loop_
_pdbx_unobs_or_zero_occ_atoms.id 
_pdbx_unobs_or_zero_occ_atoms.PDB_model_num 
_pdbx_unobs_or_zero_occ_atoms.polymer_flag 
_pdbx_unobs_or_zero_occ_atoms.occupancy_flag 
_pdbx_unobs_or_zero_occ_atoms.auth_asym_id 
_pdbx_unobs_or_zero_occ_atoms.auth_comp_id 
_pdbx_unobs_or_zero_occ_atoms.auth_seq_id 
_pdbx_unobs_or_zero_occ_atoms.PDB_ins_code 
_pdbx_unobs_or_zero_occ_atoms.auth_atom_id 
_pdbx_unobs_or_zero_occ_atoms.label_alt_id 
_pdbx_unobs_or_zero_occ_atoms.label_asym_id 
_pdbx_unobs_or_zero_occ_atoms.label_comp_id 
_pdbx_unobs_or_zero_occ_atoms.label_seq_id 
_pdbx_unobs_or_zero_occ_atoms.label_atom_id 
1  1 Y 1 A LYS 25 ? CB  ? A LYS 6  CB  
2  1 Y 1 A LYS 25 ? CG  ? A LYS 6  CG  
3  1 Y 1 A LYS 25 ? CD  ? A LYS 6  CD  
4  1 Y 1 A LYS 25 ? CE  ? A LYS 6  CE  
5  1 Y 1 A LYS 25 ? NZ  ? A LYS 6  NZ  
6  1 Y 1 A GLN 41 ? CG  ? A GLN 22 CG  
7  1 Y 1 A GLN 41 ? CD  ? A GLN 22 CD  
8  1 Y 1 A GLN 41 ? OE1 ? A GLN 22 OE1 
9  1 Y 1 A GLN 41 ? NE2 ? A GLN 22 NE2 
10 1 Y 1 A ARG 56 ? CZ  ? A ARG 37 CZ  
11 1 Y 1 A ARG 56 ? NH1 ? A ARG 37 NH1 
12 1 Y 1 A ARG 56 ? NH2 ? A ARG 37 NH2 
# 
loop_
_software.pdbx_ordinal 
_software.name 
_software.version 
_software.date 
_software.type 
_software.contact_author 
_software.contact_author_email 
_software.classification 
_software.location 
_software.language 
_software.citation_id 
1 MolProbity  3beta29             ?               package 'D.C. & J.S. Richardson lab' molprobity@kinemage.biochem.duke.edu 
'model building'  http://kinemage.biochem.duke.edu/molprobity/                                ?          ? 
2 PDB_EXTRACT 3.10                'June 10, 2010' package PDB                          deposit@deposit.rcsb.org             
'data extraction' http://sw-tools.pdb.org/apps/PDB_EXTRACT/                                   C++        ? 
3 SHELX       .                   ?               package 'George M. Sheldrick'        gsheldr@shelx.uni-ac.gwdg.de         
phasing           http://shelx.uni-ac.gwdg.de/SHELX/                                          Fortran_77 ? 
4 SHARP       .                   ?               package 'Eric de La Fortelle'        sharp-develop@globalphasing.com      
phasing           http://www.globalphasing.com/sharp/                                         ?          ? 
5 XSCALE      'December 29, 2011' ?               package 'Wolfgang Kabsch'            ?                                    
'data scaling'    http://www.mpimf-heidelberg.mpg.de/~kabsch/xds/html_doc/xscale_program.html ?          ? 
6 REFMAC      5.5.0110            ?               program 'Garib N. Murshudov'         garib@ysbl.york.ac.uk                
refinement        http://www.ccp4.ac.uk/dist/html/refmac5.html                                Fortran_77 ? 
7 XDS         .                   ?               ?       ?                            ?                                    
'data reduction'  ?                                                                           ?          ? 
8 SHELXD      .                   ?               ?       ?                            ?                                    
phasing           ?                                                                           ?          ? 
# 
_cell.entry_id           4F98 
_cell.length_a           38.541 
_cell.length_b           58.728 
_cell.length_c           24.600 
_cell.angle_alpha        90.000 
_cell.angle_beta         90.000 
_cell.angle_gamma        90.000 
_cell.pdbx_unique_axis   ? 
_cell.Z_PDB              4 
_cell.length_a_esd       ? 
_cell.length_b_esd       ? 
_cell.length_c_esd       ? 
_cell.angle_alpha_esd    ? 
_cell.angle_beta_esd     ? 
_cell.angle_gamma_esd    ? 
# 
_symmetry.entry_id                         4F98 
_symmetry.Int_Tables_number                18 
_symmetry.space_group_name_H-M             'P 21 21 2' 
_symmetry.pdbx_full_space_group_name_H-M   ? 
_symmetry.cell_setting                     ? 
_symmetry.space_group_name_Hall            ? 
# 
_exptl.crystals_number   1 
_exptl.method            'X-RAY DIFFRACTION' 
_exptl.entry_id          4F98 
# 
_exptl_crystal.id                    1 
_exptl_crystal.density_Matthews      1.8 
_exptl_crystal.density_meas          ? 
_exptl_crystal.density_percent_sol   31.5 
_exptl_crystal.description           ? 
_exptl_crystal.F_000                 ? 
_exptl_crystal.preparation           ? 
# 
_exptl_crystal_grow.crystal_id      1 
_exptl_crystal_grow.method          'VAPOR DIFFUSION, SITTING DROP' 
_exptl_crystal_grow.pH              ? 
_exptl_crystal_grow.temp            277 
_exptl_crystal_grow.pdbx_details    
'20.0% Glycerol 24.0% polyethylene glycol 1500, NANODROP, VAPOR DIFFUSION, SITTING DROP, temperature 277K' 
_exptl_crystal_grow.temp_details    ? 
_exptl_crystal_grow.pdbx_pH_range   ? 
# 
_diffrn.id                     1 
_diffrn.ambient_temp           100 
_diffrn.ambient_temp_details   ? 
_diffrn.crystal_id             1 
# 
_diffrn_detector.diffrn_id              1 
_diffrn_detector.detector               CCD 
_diffrn_detector.type                   'MARMOSAIC 325 mm CCD' 
_diffrn_detector.details                'double crystal monochromator' 
_diffrn_detector.pdbx_collection_date   2012-05-02 
# 
_diffrn_radiation.diffrn_id                        1 
_diffrn_radiation.pdbx_monochromatic_or_laue_m_l   M 
_diffrn_radiation.monochromator                    'double crystal' 
_diffrn_radiation.pdbx_diffrn_protocol             MAD 
_diffrn_radiation.wavelength_id                    1 
_diffrn_radiation.pdbx_scattering_type             x-ray 
# 
loop_
_diffrn_radiation_wavelength.id 
_diffrn_radiation_wavelength.wavelength 
_diffrn_radiation_wavelength.wt 
1 0.91837 1.0 
2 0.97906 1.0 
3 0.97884 1.0 
# 
_diffrn_source.diffrn_id                   1 
_diffrn_source.source                      SYNCHROTRON 
_diffrn_source.pdbx_synchrotron_beamline   BL9-2 
_diffrn_source.type                        'SSRL BEAMLINE BL9-2' 
_diffrn_source.pdbx_wavelength_list        0.91837,0.97906,0.97884 
_diffrn_source.pdbx_wavelength             ? 
_diffrn_source.pdbx_synchrotron_site       SSRL 
# 
_reflns.entry_id                     4F98 
_reflns.d_resolution_high            1.26 
_reflns.d_resolution_low             38.541 
_reflns.number_obs                   15636 
_reflns.pdbx_Rmerge_I_obs            0.055 
_reflns.pdbx_netI_over_sigmaI        13.660 
_reflns.percent_possible_obs         99.300 
_reflns.B_iso_Wilson_estimate        12.005 
_reflns.observed_criterion_sigma_I   -3.000 
_reflns.observed_criterion_sigma_F   ? 
_reflns.number_all                   ? 
_reflns.pdbx_Rsym_value              ? 
_reflns.pdbx_redundancy              ? 
_reflns.R_free_details               ? 
_reflns.limit_h_max                  ? 
_reflns.limit_h_min                  ? 
_reflns.limit_k_max                  ? 
_reflns.limit_k_min                  ? 
_reflns.limit_l_max                  ? 
_reflns.limit_l_min                  ? 
_reflns.observed_criterion_F_max     ? 
_reflns.observed_criterion_F_min     ? 
_reflns.pdbx_chi_squared             ? 
_reflns.pdbx_scaling_rejects         ? 
_reflns.pdbx_ordinal                 1 
_reflns.pdbx_diffrn_id               1 
# 
loop_
_reflns_shell.d_res_high 
_reflns_shell.d_res_low 
_reflns_shell.number_measured_obs 
_reflns_shell.number_measured_all 
_reflns_shell.number_unique_obs 
_reflns_shell.Rmerge_I_obs 
_reflns_shell.meanI_over_sigI_obs 
_reflns_shell.pdbx_Rsym_value 
_reflns_shell.pdbx_chi_squared 
_reflns_shell.pdbx_redundancy 
_reflns_shell.percent_possible_obs 
_reflns_shell.number_unique_all 
_reflns_shell.percent_possible_all 
_reflns_shell.pdbx_ordinal 
_reflns_shell.pdbx_diffrn_id 
1.260 1.310 6500 ? 1693 0.737 2.0  ? ? ? ? ? 99.700 1  1 
1.310 1.360 5645 ? 1456 0.574 2.6  ? ? ? ? ? 99.900 2  1 
1.360 1.420 5726 ? 1479 0.423 3.4  ? ? ? ? ? 99.600 3  1 
1.420 1.490 5638 ? 1451 0.328 4.5  ? ? ? ? ? 99.800 4  1 
1.490 1.590 6458 ? 1653 0.205 6.9  ? ? ? ? ? 99.500 5  1 
1.590 1.710 5850 ? 1506 0.139 9.5  ? ? ? ? ? 99.900 6  1 
1.710 1.880 6108 ? 1562 0.089 14.2 ? ? ? ? ? 99.700 7  1 
1.880 2.150 5991 ? 1559 0.047 22.8 ? ? ? ? ? 99.000 8  1 
2.150 2.710 6081 ? 1613 0.035 29.5 ? ? ? ? ? 99.200 9  1 
2.710 ?     5818 ? 1664 0.025 38.2 ? ? ? ? ? 96.700 10 1 
# 
_refine.entry_id                                 4F98 
_refine.ls_d_res_high                            1.2600 
_refine.ls_d_res_low                             38.541 
_refine.pdbx_ls_sigma_F                          0.000 
_refine.pdbx_data_cutoff_high_absF               ? 
_refine.pdbx_data_cutoff_low_absF                ? 
_refine.ls_percent_reflns_obs                    99.2400 
_refine.ls_number_reflns_obs                     15593 
_refine.ls_number_reflns_all                     ? 
_refine.pdbx_ls_cross_valid_method               THROUGHOUT 
_refine.pdbx_R_Free_selection_details            RANDOM 
_refine.details                                  
;1.HYDROGENS HAVE BEEN ADDED IN THE RIDING POSITIONS. 2.A MET-INHIBITION PROTOCOL WAS USED FOR SELENOMETHIONINE INCORPORATION DURING PROTEIN EXPRESSION. THE OCCUPANCY OF THE SE ATOMS IN THE MSE RESIDUES WAS REDUCED TO 0.75 FOR THE REDUCED SCATTERING POWER DUE TO PARTIAL S-MET INCORPORATION.
;
_refine.ls_R_factor_all                          ? 
_refine.ls_R_factor_obs                          0.1450 
_refine.ls_R_factor_R_work                       0.1436 
_refine.ls_wR_factor_R_work                      ? 
_refine.ls_R_factor_R_free                       0.1691 
_refine.ls_wR_factor_R_free                      ? 
_refine.ls_percent_reflns_R_free                 5.0000 
_refine.ls_number_reflns_R_free                  779 
_refine.ls_R_factor_R_free_error                 ? 
_refine.B_iso_mean                               15.8642 
_refine.solvent_model_param_bsol                 ? 
_refine.solvent_model_param_ksol                 ? 
_refine.pdbx_isotropic_thermal_model             ? 
_refine.aniso_B[1][1]                            -0.2300 
_refine.aniso_B[2][2]                            -0.3800 
_refine.aniso_B[3][3]                            0.6100 
_refine.aniso_B[1][2]                            0.0000 
_refine.aniso_B[1][3]                            0.0000 
_refine.aniso_B[2][3]                            0.0000 
_refine.correlation_coeff_Fo_to_Fc               0.9770 
_refine.correlation_coeff_Fo_to_Fc_free          0.9760 
_refine.overall_SU_R_Cruickshank_DPI             ? 
_refine.overall_SU_R_free                        ? 
_refine.pdbx_overall_ESU_R                       0.0470 
_refine.pdbx_overall_ESU_R_Free                  0.0440 
_refine.overall_SU_ML                            0.0320 
_refine.overall_SU_B                             1.6840 
_refine.solvent_model_details                    'BABINET MODEL WITH MASK' 
_refine.pdbx_solvent_vdw_probe_radii             1.4000 
_refine.pdbx_solvent_ion_probe_radii             0.8000 
_refine.pdbx_solvent_shrinkage_radii             0.8000 
_refine.ls_number_parameters                     ? 
_refine.ls_number_restraints                     ? 
_refine.pdbx_starting_model                      ? 
_refine.pdbx_method_to_determine_struct          MAD 
_refine.pdbx_stereochemistry_target_values       'MAXIMUM LIKELIHOOD WITH PHASES' 
_refine.pdbx_stereochem_target_val_spec_case     ? 
_refine.overall_FOM_work_R_set                   ? 
_refine.B_iso_max                                47.550 
_refine.B_iso_min                                7.720 
_refine.pdbx_overall_phase_error                 ? 
_refine.occupancy_max                            1.000 
_refine.occupancy_min                            0.250 
_refine.pdbx_ls_sigma_I                          ? 
_refine.ls_redundancy_reflns_obs                 ? 
_refine.ls_R_factor_R_free_error_details         ? 
_refine.pdbx_data_cutoff_high_rms_absF           ? 
_refine.overall_FOM_free_R_set                   ? 
_refine.pdbx_diffrn_id                           1 
_refine.pdbx_refine_id                           'X-RAY DIFFRACTION' 
_refine.pdbx_TLS_residual_ADP_flag               ? 
_refine.pdbx_overall_SU_R_free_Cruickshank_DPI   ? 
_refine.pdbx_overall_SU_R_Blow_DPI               ? 
_refine.pdbx_overall_SU_R_free_Blow_DPI          ? 
# 
_refine_hist.pdbx_refine_id                   'X-RAY DIFFRACTION' 
_refine_hist.cycle_id                         LAST 
_refine_hist.pdbx_number_atoms_protein        482 
_refine_hist.pdbx_number_atoms_nucleic_acid   0 
_refine_hist.pdbx_number_atoms_ligand         6 
_refine_hist.number_atoms_solvent             67 
_refine_hist.number_atoms_total               555 
_refine_hist.d_res_high                       1.2600 
_refine_hist.d_res_low                        38.541 
# 
loop_
_refine_ls_restr.type 
_refine_ls_restr.number 
_refine_ls_restr.dev_ideal 
_refine_ls_restr.dev_ideal_target 
_refine_ls_restr.weight 
_refine_ls_restr.pdbx_restraint_function 
_refine_ls_restr.pdbx_refine_id 
r_bond_refined_d       562 0.013  0.021  ? ? 'X-RAY DIFFRACTION' 
r_bond_other_d         385 0.003  0.020  ? ? 'X-RAY DIFFRACTION' 
r_angle_refined_deg    776 1.565  1.954  ? ? 'X-RAY DIFFRACTION' 
r_angle_other_deg      944 1.192  3.000  ? ? 'X-RAY DIFFRACTION' 
r_dihedral_angle_1_deg 79  5.866  5.000  ? ? 'X-RAY DIFFRACTION' 
r_dihedral_angle_2_deg 27  21.873 23.333 ? ? 'X-RAY DIFFRACTION' 
r_dihedral_angle_3_deg 95  10.029 15.000 ? ? 'X-RAY DIFFRACTION' 
r_dihedral_angle_4_deg 4   19.799 15.000 ? ? 'X-RAY DIFFRACTION' 
r_chiral_restr         84  0.091  0.200  ? ? 'X-RAY DIFFRACTION' 
r_gen_planes_refined   645 0.006  0.021  ? ? 'X-RAY DIFFRACTION' 
r_gen_planes_other     118 0.002  0.020  ? ? 'X-RAY DIFFRACTION' 
r_mcbond_it            334 2.355  3.000  ? ? 'X-RAY DIFFRACTION' 
r_mcbond_other         137 0.988  3.000  ? ? 'X-RAY DIFFRACTION' 
r_mcangle_it           552 3.448  5.000  ? ? 'X-RAY DIFFRACTION' 
r_scbond_it            228 4.055  8.000  ? ? 'X-RAY DIFFRACTION' 
r_scangle_it           214 5.403  11.000 ? ? 'X-RAY DIFFRACTION' 
r_rigid_bond_restr     947 1.487  3.000  ? ? 'X-RAY DIFFRACTION' 
r_sphericity_free      67  10.190 5.000  ? ? 'X-RAY DIFFRACTION' 
r_sphericity_bonded    925 4.129  5.000  ? ? 'X-RAY DIFFRACTION' 
# 
_refine_ls_shell.d_res_high                       1.2600 
_refine_ls_shell.d_res_low                        1.2930 
_refine_ls_shell.pdbx_total_number_of_bins_used   20 
_refine_ls_shell.percent_reflns_obs               99.3800 
_refine_ls_shell.number_reflns_R_work             1062 
_refine_ls_shell.R_factor_all                     ? 
_refine_ls_shell.R_factor_R_work                  0.2340 
_refine_ls_shell.R_factor_R_free                  0.2310 
_refine_ls_shell.percent_reflns_R_free            ? 
_refine_ls_shell.number_reflns_R_free             62 
_refine_ls_shell.R_factor_R_free_error            ? 
_refine_ls_shell.number_reflns_all                1124 
_refine_ls_shell.number_reflns_obs                ? 
_refine_ls_shell.redundancy_reflns_obs            ? 
_refine_ls_shell.pdbx_refine_id                   'X-RAY DIFFRACTION' 
# 
_struct.title                     
'Crystal structure of a DUF2790 family protein (PA3229) from Pseudomonas aeruginosa PAO1 at 1.26 A resolution' 
_struct.entry_id                  4F98 
_struct.pdbx_model_type_details   ? 
_struct.pdbx_model_details        ? 
_struct.pdbx_CASP_flag            Y 
# 
_struct_keywords.text            
;PF10976 family protein, DUF2790, Structural Genomics, Joint Center for Structural Genomics, JCSG, Protein Structure Initiative, PSI-BIOLOGY, UNKNOWN FUNCTION
;
_struct_keywords.pdbx_keywords   'STRUCTURAL GENOMICS, UNKNOWN FUNCTION' 
_struct_keywords.entry_id        4F98 
# 
loop_
_struct_asym.id 
_struct_asym.pdbx_blank_PDB_chainid_flag 
_struct_asym.pdbx_modified 
_struct_asym.entity_id 
_struct_asym.details 
A N N 1 ? 
B N N 2 ? 
C N N 3 ? 
# 
_struct_ref.id                         1 
_struct_ref.db_name                    UNP 
_struct_ref.db_code                    Q9HZ11_PSEAE 
_struct_ref.pdbx_db_accession          Q9HZ11 
_struct_ref.entity_id                  1 
_struct_ref.pdbx_seq_one_letter_code   QDVDKDPGRGLPVEEYHYGMQLDVKNVLHRTDNSTRTGVVPVTVVYEDHSGELHKIRFLEWGGSTSNG 
_struct_ref.pdbx_align_begin           21 
_struct_ref.pdbx_db_isoform            ? 
# 
_struct_ref_seq.align_id                      1 
_struct_ref_seq.ref_id                        1 
_struct_ref_seq.pdbx_PDB_id_code              4F98 
_struct_ref_seq.pdbx_strand_id                A 
_struct_ref_seq.seq_align_beg                 2 
_struct_ref_seq.pdbx_seq_align_beg_ins_code   ? 
_struct_ref_seq.seq_align_end                 69 
_struct_ref_seq.pdbx_seq_align_end_ins_code   ? 
_struct_ref_seq.pdbx_db_accession             Q9HZ11 
_struct_ref_seq.db_align_beg                  21 
_struct_ref_seq.pdbx_db_align_beg_ins_code    ? 
_struct_ref_seq.db_align_end                  88 
_struct_ref_seq.pdbx_db_align_end_ins_code    ? 
_struct_ref_seq.pdbx_auth_seq_align_beg       21 
_struct_ref_seq.pdbx_auth_seq_align_end       88 
# 
_struct_ref_seq_dif.align_id                     1 
_struct_ref_seq_dif.pdbx_pdb_id_code             4F98 
_struct_ref_seq_dif.mon_id                       GLY 
_struct_ref_seq_dif.pdbx_pdb_strand_id           A 
_struct_ref_seq_dif.seq_num                      1 
_struct_ref_seq_dif.pdbx_pdb_ins_code            ? 
_struct_ref_seq_dif.pdbx_seq_db_name             UNP 
_struct_ref_seq_dif.pdbx_seq_db_accession_code   Q9HZ11 
_struct_ref_seq_dif.db_mon_id                    ? 
_struct_ref_seq_dif.pdbx_seq_db_seq_num          ? 
_struct_ref_seq_dif.details                      'expression tag' 
_struct_ref_seq_dif.pdbx_auth_seq_num            0 
_struct_ref_seq_dif.pdbx_ordinal                 1 
# 
_pdbx_struct_assembly.id                   1 
_pdbx_struct_assembly.details              author_and_software_defined_assembly 
_pdbx_struct_assembly.method_details       PISA 
_pdbx_struct_assembly.oligomeric_details   dimeric 
_pdbx_struct_assembly.oligomeric_count     2 
# 
loop_
_pdbx_struct_assembly_prop.biol_id 
_pdbx_struct_assembly_prop.type 
_pdbx_struct_assembly_prop.value 
_pdbx_struct_assembly_prop.details 
1 'ABSA (A^2)' 2510 ? 
1 MORE         -15  ? 
1 'SSA (A^2)'  7160 ? 
# 
_pdbx_struct_assembly_gen.assembly_id       1 
_pdbx_struct_assembly_gen.oper_expression   1,2 
_pdbx_struct_assembly_gen.asym_id_list      A,B,C 
# 
loop_
_pdbx_struct_oper_list.id 
_pdbx_struct_oper_list.type 
_pdbx_struct_oper_list.name 
_pdbx_struct_oper_list.symmetry_operation 
_pdbx_struct_oper_list.matrix[1][1] 
_pdbx_struct_oper_list.matrix[1][2] 
_pdbx_struct_oper_list.matrix[1][3] 
_pdbx_struct_oper_list.vector[1] 
_pdbx_struct_oper_list.matrix[2][1] 
_pdbx_struct_oper_list.matrix[2][2] 
_pdbx_struct_oper_list.matrix[2][3] 
_pdbx_struct_oper_list.vector[2] 
_pdbx_struct_oper_list.matrix[3][1] 
_pdbx_struct_oper_list.matrix[3][2] 
_pdbx_struct_oper_list.matrix[3][3] 
_pdbx_struct_oper_list.vector[3] 
1 'identity operation'         1_555 x,y,z     1.0000000000  0.0000000000 0.0000000000  0.0000000000  0.0000000000 1.0000000000 0.0000000000  0.0000000000 0.0000000000  0.0000000000  1.0000000000  0.0000000000  
2 'crystal symmetry operation' 2_755 -x+2,-y,z -0.6755240635 0.6674665616 -0.3132979872 -9.8875071651 0.6674665616 0.3730189538 -0.6444728461 9.7455456509 -0.3132979872 -0.6444728461 -0.6974948902 10.5221477129 
# 
_struct_biol.id        1 
_struct_biol.details   ? 
# 
loop_
_struct_conn.id 
_struct_conn.conn_type_id 
_struct_conn.pdbx_leaving_atom_flag 
_struct_conn.pdbx_PDB_id 
_struct_conn.ptnr1_label_asym_id 
_struct_conn.ptnr1_label_comp_id 
_struct_conn.ptnr1_label_seq_id 
_struct_conn.ptnr1_label_atom_id 
_struct_conn.pdbx_ptnr1_label_alt_id 
_struct_conn.pdbx_ptnr1_PDB_ins_code 
_struct_conn.pdbx_ptnr1_standard_comp_id 
_struct_conn.ptnr1_symmetry 
_struct_conn.ptnr2_label_asym_id 
_struct_conn.ptnr2_label_comp_id 
_struct_conn.ptnr2_label_seq_id 
_struct_conn.ptnr2_label_atom_id 
_struct_conn.pdbx_ptnr2_label_alt_id 
_struct_conn.pdbx_ptnr2_PDB_ins_code 
_struct_conn.ptnr1_auth_asym_id 
_struct_conn.ptnr1_auth_comp_id 
_struct_conn.ptnr1_auth_seq_id 
_struct_conn.ptnr2_auth_asym_id 
_struct_conn.ptnr2_auth_comp_id 
_struct_conn.ptnr2_auth_seq_id 
_struct_conn.ptnr2_symmetry 
_struct_conn.pdbx_ptnr3_label_atom_id 
_struct_conn.pdbx_ptnr3_label_seq_id 
_struct_conn.pdbx_ptnr3_label_comp_id 
_struct_conn.pdbx_ptnr3_label_asym_id 
_struct_conn.pdbx_ptnr3_label_alt_id 
_struct_conn.pdbx_ptnr3_PDB_ins_code 
_struct_conn.details 
_struct_conn.pdbx_dist_value 
_struct_conn.pdbx_value_order 
_struct_conn.pdbx_role 
covale1 covale both ? A GLY 20 C ? ? ? 1_555 A MSE 21 N ? ? A GLY 39 A MSE 40 1_555 ? ? ? ? ? ? ? 1.325 ? ? 
covale2 covale both ? A MSE 21 C ? ? ? 1_555 A GLN 22 N ? ? A MSE 40 A GLN 41 1_555 ? ? ? ? ? ? ? 1.333 ? ? 
# 
_struct_conn_type.id          covale 
_struct_conn_type.criteria    ? 
_struct_conn_type.reference   ? 
# 
_pdbx_modification_feature.ordinal                            1 
_pdbx_modification_feature.label_comp_id                      MSE 
_pdbx_modification_feature.label_asym_id                      A 
_pdbx_modification_feature.label_seq_id                       21 
_pdbx_modification_feature.label_alt_id                       ? 
_pdbx_modification_feature.modified_residue_label_comp_id     . 
_pdbx_modification_feature.modified_residue_label_asym_id     . 
_pdbx_modification_feature.modified_residue_label_seq_id      . 
_pdbx_modification_feature.modified_residue_label_alt_id      . 
_pdbx_modification_feature.auth_comp_id                       MSE 
_pdbx_modification_feature.auth_asym_id                       A 
_pdbx_modification_feature.auth_seq_id                        40 
_pdbx_modification_feature.PDB_ins_code                       ? 
_pdbx_modification_feature.symmetry                           1_555 
_pdbx_modification_feature.modified_residue_auth_comp_id      . 
_pdbx_modification_feature.modified_residue_auth_asym_id      . 
_pdbx_modification_feature.modified_residue_auth_seq_id       . 
_pdbx_modification_feature.modified_residue_PDB_ins_code      . 
_pdbx_modification_feature.modified_residue_symmetry          . 
_pdbx_modification_feature.comp_id_linking_atom               . 
_pdbx_modification_feature.modified_residue_id_linking_atom   . 
_pdbx_modification_feature.modified_residue_id                MET 
_pdbx_modification_feature.ref_pcm_id                         1 
_pdbx_modification_feature.ref_comp_id                        MSE 
_pdbx_modification_feature.type                               Selenomethionine 
_pdbx_modification_feature.category                           'Named protein modification' 
# 
_struct_sheet.id               A 
_struct_sheet.type             ? 
_struct_sheet.number_strands   3 
_struct_sheet.details          ? 
# 
loop_
_struct_sheet_order.sheet_id 
_struct_sheet_order.range_id_1 
_struct_sheet_order.range_id_2 
_struct_sheet_order.offset 
_struct_sheet_order.sense 
A 1 2 ? anti-parallel 
A 2 3 ? anti-parallel 
# 
loop_
_struct_sheet_range.sheet_id 
_struct_sheet_range.id 
_struct_sheet_range.beg_label_comp_id 
_struct_sheet_range.beg_label_asym_id 
_struct_sheet_range.beg_label_seq_id 
_struct_sheet_range.pdbx_beg_PDB_ins_code 
_struct_sheet_range.end_label_comp_id 
_struct_sheet_range.end_label_asym_id 
_struct_sheet_range.end_label_seq_id 
_struct_sheet_range.pdbx_end_PDB_ins_code 
_struct_sheet_range.beg_auth_comp_id 
_struct_sheet_range.beg_auth_asym_id 
_struct_sheet_range.beg_auth_seq_id 
_struct_sheet_range.end_auth_comp_id 
_struct_sheet_range.end_auth_asym_id 
_struct_sheet_range.end_auth_seq_id 
A 1 ASN A 27 ? ARG A 31 ? ASN A 46 ARG A 50 
A 2 VAL A 40 ? GLU A 48 ? VAL A 59 GLU A 67 
A 3 LEU A 54 ? TRP A 62 ? LEU A 73 TRP A 81 
# 
loop_
_pdbx_struct_sheet_hbond.sheet_id 
_pdbx_struct_sheet_hbond.range_id_1 
_pdbx_struct_sheet_hbond.range_id_2 
_pdbx_struct_sheet_hbond.range_1_label_atom_id 
_pdbx_struct_sheet_hbond.range_1_label_comp_id 
_pdbx_struct_sheet_hbond.range_1_label_asym_id 
_pdbx_struct_sheet_hbond.range_1_label_seq_id 
_pdbx_struct_sheet_hbond.range_1_PDB_ins_code 
_pdbx_struct_sheet_hbond.range_1_auth_atom_id 
_pdbx_struct_sheet_hbond.range_1_auth_comp_id 
_pdbx_struct_sheet_hbond.range_1_auth_asym_id 
_pdbx_struct_sheet_hbond.range_1_auth_seq_id 
_pdbx_struct_sheet_hbond.range_2_label_atom_id 
_pdbx_struct_sheet_hbond.range_2_label_comp_id 
_pdbx_struct_sheet_hbond.range_2_label_asym_id 
_pdbx_struct_sheet_hbond.range_2_label_seq_id 
_pdbx_struct_sheet_hbond.range_2_PDB_ins_code 
_pdbx_struct_sheet_hbond.range_2_auth_atom_id 
_pdbx_struct_sheet_hbond.range_2_auth_comp_id 
_pdbx_struct_sheet_hbond.range_2_auth_asym_id 
_pdbx_struct_sheet_hbond.range_2_auth_seq_id 
A 1 2 N ASN A 27 ? N ASN A 46 O GLU A 48 ? O GLU A 67 
A 2 3 N VAL A 41 ? N VAL A 60 O GLU A 61 ? O GLU A 80 
# 
_struct_site.id                   AC1 
_struct_site.pdbx_evidence_code   Software 
_struct_site.pdbx_auth_asym_id    A 
_struct_site.pdbx_auth_comp_id    GOL 
_struct_site.pdbx_auth_seq_id     101 
_struct_site.pdbx_auth_ins_code   ? 
_struct_site.pdbx_num_residues    9 
_struct_site.details              'BINDING SITE FOR RESIDUE GOL A 101' 
# 
loop_
_struct_site_gen.id 
_struct_site_gen.site_id 
_struct_site_gen.pdbx_num_res 
_struct_site_gen.label_comp_id 
_struct_site_gen.label_asym_id 
_struct_site_gen.label_seq_id 
_struct_site_gen.pdbx_auth_ins_code 
_struct_site_gen.auth_comp_id 
_struct_site_gen.auth_asym_id 
_struct_site_gen.auth_seq_id 
_struct_site_gen.label_atom_id 
_struct_site_gen.label_alt_id 
_struct_site_gen.symmetry 
_struct_site_gen.details 
1 AC1 9 ARG A 10 ? ARG A 29  . ? 3_647 ? 
2 AC1 9 TYR A 17 ? TYR A 36  . ? 1_555 ? 
3 AC1 9 TYR A 19 ? TYR A 38  . ? 1_555 ? 
4 AC1 9 GLY A 20 ? GLY A 39  . ? 1_555 ? 
5 AC1 9 PHE A 59 ? PHE A 78  . ? 1_555 ? 
6 AC1 9 LEU A 60 ? LEU A 79  . ? 2_755 ? 
7 AC1 9 TRP A 62 ? TRP A 81  . ? 2_755 ? 
8 AC1 9 HOH C .  ? HOH A 204 . ? 1_555 ? 
9 AC1 9 HOH C .  ? HOH A 216 . ? 1_555 ? 
# 
_pdbx_entry_details.entry_id                   4F98 
_pdbx_entry_details.compound_details           ? 
_pdbx_entry_details.source_details             ? 
_pdbx_entry_details.nonpolymer_details         ? 
_pdbx_entry_details.sequence_details           
;THIS CONSTRUCT (RESIDUES 21-88) WAS EXPRESSED WITH A PURIFICATION TAG MGSDKIHHHHHHENLYFQG. THE TAG WAS REMOVED WITH TEV PROTEASE LEAVING ONLY A GLYCINE (0) FOLLOWED BY THE TARGET SEQUENCE.
;
_pdbx_entry_details.has_ligand_of_interest     ? 
_pdbx_entry_details.has_protein_modification   Y 
# 
_pdbx_validate_torsion.id              1 
_pdbx_validate_torsion.PDB_model_num   1 
_pdbx_validate_torsion.auth_comp_id    PHE 
_pdbx_validate_torsion.auth_asym_id    A 
_pdbx_validate_torsion.auth_seq_id     78 
_pdbx_validate_torsion.PDB_ins_code    ? 
_pdbx_validate_torsion.label_alt_id    ? 
_pdbx_validate_torsion.phi             -160.97 
_pdbx_validate_torsion.psi             -162.25 
# 
_pdbx_SG_project.project_name          PSI:Biology 
_pdbx_SG_project.full_name_of_center   'Joint Center for Structural Genomics' 
_pdbx_SG_project.id                    1 
_pdbx_SG_project.initial_of_center     JCSG 
# 
_pdbx_struct_mod_residue.id               1 
_pdbx_struct_mod_residue.label_asym_id    A 
_pdbx_struct_mod_residue.label_comp_id    MSE 
_pdbx_struct_mod_residue.label_seq_id     21 
_pdbx_struct_mod_residue.auth_asym_id     A 
_pdbx_struct_mod_residue.auth_comp_id     MSE 
_pdbx_struct_mod_residue.auth_seq_id      40 
_pdbx_struct_mod_residue.PDB_ins_code     ? 
_pdbx_struct_mod_residue.parent_comp_id   MET 
_pdbx_struct_mod_residue.details          SELENOMETHIONINE 
# 
_phasing.method   MAD 
# 
loop_
_pdbx_unobs_or_zero_occ_residues.id 
_pdbx_unobs_or_zero_occ_residues.PDB_model_num 
_pdbx_unobs_or_zero_occ_residues.polymer_flag 
_pdbx_unobs_or_zero_occ_residues.occupancy_flag 
_pdbx_unobs_or_zero_occ_residues.auth_asym_id 
_pdbx_unobs_or_zero_occ_residues.auth_comp_id 
_pdbx_unobs_or_zero_occ_residues.auth_seq_id 
_pdbx_unobs_or_zero_occ_residues.PDB_ins_code 
_pdbx_unobs_or_zero_occ_residues.label_asym_id 
_pdbx_unobs_or_zero_occ_residues.label_comp_id 
_pdbx_unobs_or_zero_occ_residues.label_seq_id 
1 1 Y 1 A GLY 0  ? A GLY 1  
2 1 Y 1 A GLN 21 ? A GLN 2  
3 1 Y 1 A ASP 22 ? A ASP 3  
4 1 Y 1 A VAL 23 ? A VAL 4  
5 1 Y 1 A ASP 24 ? A ASP 5  
6 1 Y 1 A ASN 87 ? A ASN 68 
7 1 Y 1 A GLY 88 ? A GLY 69 
# 
loop_
_chem_comp_atom.comp_id 
_chem_comp_atom.atom_id 
_chem_comp_atom.type_symbol 
_chem_comp_atom.pdbx_aromatic_flag 
_chem_comp_atom.pdbx_stereo_config 
_chem_comp_atom.pdbx_ordinal 
ARG N    N  N N 1   
ARG CA   C  N S 2   
ARG C    C  N N 3   
ARG O    O  N N 4   
ARG CB   C  N N 5   
ARG CG   C  N N 6   
ARG CD   C  N N 7   
ARG NE   N  N N 8   
ARG CZ   C  N N 9   
ARG NH1  N  N N 10  
ARG NH2  N  N N 11  
ARG OXT  O  N N 12  
ARG H    H  N N 13  
ARG H2   H  N N 14  
ARG HA   H  N N 15  
ARG HB2  H  N N 16  
ARG HB3  H  N N 17  
ARG HG2  H  N N 18  
ARG HG3  H  N N 19  
ARG HD2  H  N N 20  
ARG HD3  H  N N 21  
ARG HE   H  N N 22  
ARG HH11 H  N N 23  
ARG HH12 H  N N 24  
ARG HH21 H  N N 25  
ARG HH22 H  N N 26  
ARG HXT  H  N N 27  
ASN N    N  N N 28  
ASN CA   C  N S 29  
ASN C    C  N N 30  
ASN O    O  N N 31  
ASN CB   C  N N 32  
ASN CG   C  N N 33  
ASN OD1  O  N N 34  
ASN ND2  N  N N 35  
ASN OXT  O  N N 36  
ASN H    H  N N 37  
ASN H2   H  N N 38  
ASN HA   H  N N 39  
ASN HB2  H  N N 40  
ASN HB3  H  N N 41  
ASN HD21 H  N N 42  
ASN HD22 H  N N 43  
ASN HXT  H  N N 44  
ASP N    N  N N 45  
ASP CA   C  N S 46  
ASP C    C  N N 47  
ASP O    O  N N 48  
ASP CB   C  N N 49  
ASP CG   C  N N 50  
ASP OD1  O  N N 51  
ASP OD2  O  N N 52  
ASP OXT  O  N N 53  
ASP H    H  N N 54  
ASP H2   H  N N 55  
ASP HA   H  N N 56  
ASP HB2  H  N N 57  
ASP HB3  H  N N 58  
ASP HD2  H  N N 59  
ASP HXT  H  N N 60  
GLN N    N  N N 61  
GLN CA   C  N S 62  
GLN C    C  N N 63  
GLN O    O  N N 64  
GLN CB   C  N N 65  
GLN CG   C  N N 66  
GLN CD   C  N N 67  
GLN OE1  O  N N 68  
GLN NE2  N  N N 69  
GLN OXT  O  N N 70  
GLN H    H  N N 71  
GLN H2   H  N N 72  
GLN HA   H  N N 73  
GLN HB2  H  N N 74  
GLN HB3  H  N N 75  
GLN HG2  H  N N 76  
GLN HG3  H  N N 77  
GLN HE21 H  N N 78  
GLN HE22 H  N N 79  
GLN HXT  H  N N 80  
GLU N    N  N N 81  
GLU CA   C  N S 82  
GLU C    C  N N 83  
GLU O    O  N N 84  
GLU CB   C  N N 85  
GLU CG   C  N N 86  
GLU CD   C  N N 87  
GLU OE1  O  N N 88  
GLU OE2  O  N N 89  
GLU OXT  O  N N 90  
GLU H    H  N N 91  
GLU H2   H  N N 92  
GLU HA   H  N N 93  
GLU HB2  H  N N 94  
GLU HB3  H  N N 95  
GLU HG2  H  N N 96  
GLU HG3  H  N N 97  
GLU HE2  H  N N 98  
GLU HXT  H  N N 99  
GLY N    N  N N 100 
GLY CA   C  N N 101 
GLY C    C  N N 102 
GLY O    O  N N 103 
GLY OXT  O  N N 104 
GLY H    H  N N 105 
GLY H2   H  N N 106 
GLY HA2  H  N N 107 
GLY HA3  H  N N 108 
GLY HXT  H  N N 109 
GOL C1   C  N N 110 
GOL O1   O  N N 111 
GOL C2   C  N N 112 
GOL O2   O  N N 113 
GOL C3   C  N N 114 
GOL O3   O  N N 115 
GOL H11  H  N N 116 
GOL H12  H  N N 117 
GOL HO1  H  N N 118 
GOL H2   H  N N 119 
GOL HO2  H  N N 120 
GOL H31  H  N N 121 
GOL H32  H  N N 122 
GOL HO3  H  N N 123 
HIS N    N  N N 124 
HIS CA   C  N S 125 
HIS C    C  N N 126 
HIS O    O  N N 127 
HIS CB   C  N N 128 
HIS CG   C  Y N 129 
HIS ND1  N  Y N 130 
HIS CD2  C  Y N 131 
HIS CE1  C  Y N 132 
HIS NE2  N  Y N 133 
HIS OXT  O  N N 134 
HIS H    H  N N 135 
HIS H2   H  N N 136 
HIS HA   H  N N 137 
HIS HB2  H  N N 138 
HIS HB3  H  N N 139 
HIS HD1  H  N N 140 
HIS HD2  H  N N 141 
HIS HE1  H  N N 142 
HIS HE2  H  N N 143 
HIS HXT  H  N N 144 
HOH O    O  N N 145 
HOH H1   H  N N 146 
HOH H2   H  N N 147 
ILE N    N  N N 148 
ILE CA   C  N S 149 
ILE C    C  N N 150 
ILE O    O  N N 151 
ILE CB   C  N S 152 
ILE CG1  C  N N 153 
ILE CG2  C  N N 154 
ILE CD1  C  N N 155 
ILE OXT  O  N N 156 
ILE H    H  N N 157 
ILE H2   H  N N 158 
ILE HA   H  N N 159 
ILE HB   H  N N 160 
ILE HG12 H  N N 161 
ILE HG13 H  N N 162 
ILE HG21 H  N N 163 
ILE HG22 H  N N 164 
ILE HG23 H  N N 165 
ILE HD11 H  N N 166 
ILE HD12 H  N N 167 
ILE HD13 H  N N 168 
ILE HXT  H  N N 169 
LEU N    N  N N 170 
LEU CA   C  N S 171 
LEU C    C  N N 172 
LEU O    O  N N 173 
LEU CB   C  N N 174 
LEU CG   C  N N 175 
LEU CD1  C  N N 176 
LEU CD2  C  N N 177 
LEU OXT  O  N N 178 
LEU H    H  N N 179 
LEU H2   H  N N 180 
LEU HA   H  N N 181 
LEU HB2  H  N N 182 
LEU HB3  H  N N 183 
LEU HG   H  N N 184 
LEU HD11 H  N N 185 
LEU HD12 H  N N 186 
LEU HD13 H  N N 187 
LEU HD21 H  N N 188 
LEU HD22 H  N N 189 
LEU HD23 H  N N 190 
LEU HXT  H  N N 191 
LYS N    N  N N 192 
LYS CA   C  N S 193 
LYS C    C  N N 194 
LYS O    O  N N 195 
LYS CB   C  N N 196 
LYS CG   C  N N 197 
LYS CD   C  N N 198 
LYS CE   C  N N 199 
LYS NZ   N  N N 200 
LYS OXT  O  N N 201 
LYS H    H  N N 202 
LYS H2   H  N N 203 
LYS HA   H  N N 204 
LYS HB2  H  N N 205 
LYS HB3  H  N N 206 
LYS HG2  H  N N 207 
LYS HG3  H  N N 208 
LYS HD2  H  N N 209 
LYS HD3  H  N N 210 
LYS HE2  H  N N 211 
LYS HE3  H  N N 212 
LYS HZ1  H  N N 213 
LYS HZ2  H  N N 214 
LYS HZ3  H  N N 215 
LYS HXT  H  N N 216 
MSE N    N  N N 217 
MSE CA   C  N S 218 
MSE C    C  N N 219 
MSE O    O  N N 220 
MSE OXT  O  N N 221 
MSE CB   C  N N 222 
MSE CG   C  N N 223 
MSE SE   SE N N 224 
MSE CE   C  N N 225 
MSE H    H  N N 226 
MSE H2   H  N N 227 
MSE HA   H  N N 228 
MSE HXT  H  N N 229 
MSE HB2  H  N N 230 
MSE HB3  H  N N 231 
MSE HG2  H  N N 232 
MSE HG3  H  N N 233 
MSE HE1  H  N N 234 
MSE HE2  H  N N 235 
MSE HE3  H  N N 236 
PHE N    N  N N 237 
PHE CA   C  N S 238 
PHE C    C  N N 239 
PHE O    O  N N 240 
PHE CB   C  N N 241 
PHE CG   C  Y N 242 
PHE CD1  C  Y N 243 
PHE CD2  C  Y N 244 
PHE CE1  C  Y N 245 
PHE CE2  C  Y N 246 
PHE CZ   C  Y N 247 
PHE OXT  O  N N 248 
PHE H    H  N N 249 
PHE H2   H  N N 250 
PHE HA   H  N N 251 
PHE HB2  H  N N 252 
PHE HB3  H  N N 253 
PHE HD1  H  N N 254 
PHE HD2  H  N N 255 
PHE HE1  H  N N 256 
PHE HE2  H  N N 257 
PHE HZ   H  N N 258 
PHE HXT  H  N N 259 
PRO N    N  N N 260 
PRO CA   C  N S 261 
PRO C    C  N N 262 
PRO O    O  N N 263 
PRO CB   C  N N 264 
PRO CG   C  N N 265 
PRO CD   C  N N 266 
PRO OXT  O  N N 267 
PRO H    H  N N 268 
PRO HA   H  N N 269 
PRO HB2  H  N N 270 
PRO HB3  H  N N 271 
PRO HG2  H  N N 272 
PRO HG3  H  N N 273 
PRO HD2  H  N N 274 
PRO HD3  H  N N 275 
PRO HXT  H  N N 276 
SER N    N  N N 277 
SER CA   C  N S 278 
SER C    C  N N 279 
SER O    O  N N 280 
SER CB   C  N N 281 
SER OG   O  N N 282 
SER OXT  O  N N 283 
SER H    H  N N 284 
SER H2   H  N N 285 
SER HA   H  N N 286 
SER HB2  H  N N 287 
SER HB3  H  N N 288 
SER HG   H  N N 289 
SER HXT  H  N N 290 
THR N    N  N N 291 
THR CA   C  N S 292 
THR C    C  N N 293 
THR O    O  N N 294 
THR CB   C  N R 295 
THR OG1  O  N N 296 
THR CG2  C  N N 297 
THR OXT  O  N N 298 
THR H    H  N N 299 
THR H2   H  N N 300 
THR HA   H  N N 301 
THR HB   H  N N 302 
THR HG1  H  N N 303 
THR HG21 H  N N 304 
THR HG22 H  N N 305 
THR HG23 H  N N 306 
THR HXT  H  N N 307 
TRP N    N  N N 308 
TRP CA   C  N S 309 
TRP C    C  N N 310 
TRP O    O  N N 311 
TRP CB   C  N N 312 
TRP CG   C  Y N 313 
TRP CD1  C  Y N 314 
TRP CD2  C  Y N 315 
TRP NE1  N  Y N 316 
TRP CE2  C  Y N 317 
TRP CE3  C  Y N 318 
TRP CZ2  C  Y N 319 
TRP CZ3  C  Y N 320 
TRP CH2  C  Y N 321 
TRP OXT  O  N N 322 
TRP H    H  N N 323 
TRP H2   H  N N 324 
TRP HA   H  N N 325 
TRP HB2  H  N N 326 
TRP HB3  H  N N 327 
TRP HD1  H  N N 328 
TRP HE1  H  N N 329 
TRP HE3  H  N N 330 
TRP HZ2  H  N N 331 
TRP HZ3  H  N N 332 
TRP HH2  H  N N 333 
TRP HXT  H  N N 334 
TYR N    N  N N 335 
TYR CA   C  N S 336 
TYR C    C  N N 337 
TYR O    O  N N 338 
TYR CB   C  N N 339 
TYR CG   C  Y N 340 
TYR CD1  C  Y N 341 
TYR CD2  C  Y N 342 
TYR CE1  C  Y N 343 
TYR CE2  C  Y N 344 
TYR CZ   C  Y N 345 
TYR OH   O  N N 346 
TYR OXT  O  N N 347 
TYR H    H  N N 348 
TYR H2   H  N N 349 
TYR HA   H  N N 350 
TYR HB2  H  N N 351 
TYR HB3  H  N N 352 
TYR HD1  H  N N 353 
TYR HD2  H  N N 354 
TYR HE1  H  N N 355 
TYR HE2  H  N N 356 
TYR HH   H  N N 357 
TYR HXT  H  N N 358 
VAL N    N  N N 359 
VAL CA   C  N S 360 
VAL C    C  N N 361 
VAL O    O  N N 362 
VAL CB   C  N N 363 
VAL CG1  C  N N 364 
VAL CG2  C  N N 365 
VAL OXT  O  N N 366 
VAL H    H  N N 367 
VAL H2   H  N N 368 
VAL HA   H  N N 369 
VAL HB   H  N N 370 
VAL HG11 H  N N 371 
VAL HG12 H  N N 372 
VAL HG13 H  N N 373 
VAL HG21 H  N N 374 
VAL HG22 H  N N 375 
VAL HG23 H  N N 376 
VAL HXT  H  N N 377 
# 
loop_
_chem_comp_bond.comp_id 
_chem_comp_bond.atom_id_1 
_chem_comp_bond.atom_id_2 
_chem_comp_bond.value_order 
_chem_comp_bond.pdbx_aromatic_flag 
_chem_comp_bond.pdbx_stereo_config 
_chem_comp_bond.pdbx_ordinal 
ARG N   CA   sing N N 1   
ARG N   H    sing N N 2   
ARG N   H2   sing N N 3   
ARG CA  C    sing N N 4   
ARG CA  CB   sing N N 5   
ARG CA  HA   sing N N 6   
ARG C   O    doub N N 7   
ARG C   OXT  sing N N 8   
ARG CB  CG   sing N N 9   
ARG CB  HB2  sing N N 10  
ARG CB  HB3  sing N N 11  
ARG CG  CD   sing N N 12  
ARG CG  HG2  sing N N 13  
ARG CG  HG3  sing N N 14  
ARG CD  NE   sing N N 15  
ARG CD  HD2  sing N N 16  
ARG CD  HD3  sing N N 17  
ARG NE  CZ   sing N N 18  
ARG NE  HE   sing N N 19  
ARG CZ  NH1  sing N N 20  
ARG CZ  NH2  doub N N 21  
ARG NH1 HH11 sing N N 22  
ARG NH1 HH12 sing N N 23  
ARG NH2 HH21 sing N N 24  
ARG NH2 HH22 sing N N 25  
ARG OXT HXT  sing N N 26  
ASN N   CA   sing N N 27  
ASN N   H    sing N N 28  
ASN N   H2   sing N N 29  
ASN CA  C    sing N N 30  
ASN CA  CB   sing N N 31  
ASN CA  HA   sing N N 32  
ASN C   O    doub N N 33  
ASN C   OXT  sing N N 34  
ASN CB  CG   sing N N 35  
ASN CB  HB2  sing N N 36  
ASN CB  HB3  sing N N 37  
ASN CG  OD1  doub N N 38  
ASN CG  ND2  sing N N 39  
ASN ND2 HD21 sing N N 40  
ASN ND2 HD22 sing N N 41  
ASN OXT HXT  sing N N 42  
ASP N   CA   sing N N 43  
ASP N   H    sing N N 44  
ASP N   H2   sing N N 45  
ASP CA  C    sing N N 46  
ASP CA  CB   sing N N 47  
ASP CA  HA   sing N N 48  
ASP C   O    doub N N 49  
ASP C   OXT  sing N N 50  
ASP CB  CG   sing N N 51  
ASP CB  HB2  sing N N 52  
ASP CB  HB3  sing N N 53  
ASP CG  OD1  doub N N 54  
ASP CG  OD2  sing N N 55  
ASP OD2 HD2  sing N N 56  
ASP OXT HXT  sing N N 57  
GLN N   CA   sing N N 58  
GLN N   H    sing N N 59  
GLN N   H2   sing N N 60  
GLN CA  C    sing N N 61  
GLN CA  CB   sing N N 62  
GLN CA  HA   sing N N 63  
GLN C   O    doub N N 64  
GLN C   OXT  sing N N 65  
GLN CB  CG   sing N N 66  
GLN CB  HB2  sing N N 67  
GLN CB  HB3  sing N N 68  
GLN CG  CD   sing N N 69  
GLN CG  HG2  sing N N 70  
GLN CG  HG3  sing N N 71  
GLN CD  OE1  doub N N 72  
GLN CD  NE2  sing N N 73  
GLN NE2 HE21 sing N N 74  
GLN NE2 HE22 sing N N 75  
GLN OXT HXT  sing N N 76  
GLU N   CA   sing N N 77  
GLU N   H    sing N N 78  
GLU N   H2   sing N N 79  
GLU CA  C    sing N N 80  
GLU CA  CB   sing N N 81  
GLU CA  HA   sing N N 82  
GLU C   O    doub N N 83  
GLU C   OXT  sing N N 84  
GLU CB  CG   sing N N 85  
GLU CB  HB2  sing N N 86  
GLU CB  HB3  sing N N 87  
GLU CG  CD   sing N N 88  
GLU CG  HG2  sing N N 89  
GLU CG  HG3  sing N N 90  
GLU CD  OE1  doub N N 91  
GLU CD  OE2  sing N N 92  
GLU OE2 HE2  sing N N 93  
GLU OXT HXT  sing N N 94  
GLY N   CA   sing N N 95  
GLY N   H    sing N N 96  
GLY N   H2   sing N N 97  
GLY CA  C    sing N N 98  
GLY CA  HA2  sing N N 99  
GLY CA  HA3  sing N N 100 
GLY C   O    doub N N 101 
GLY C   OXT  sing N N 102 
GLY OXT HXT  sing N N 103 
GOL C1  O1   sing N N 104 
GOL C1  C2   sing N N 105 
GOL C1  H11  sing N N 106 
GOL C1  H12  sing N N 107 
GOL O1  HO1  sing N N 108 
GOL C2  O2   sing N N 109 
GOL C2  C3   sing N N 110 
GOL C2  H2   sing N N 111 
GOL O2  HO2  sing N N 112 
GOL C3  O3   sing N N 113 
GOL C3  H31  sing N N 114 
GOL C3  H32  sing N N 115 
GOL O3  HO3  sing N N 116 
HIS N   CA   sing N N 117 
HIS N   H    sing N N 118 
HIS N   H2   sing N N 119 
HIS CA  C    sing N N 120 
HIS CA  CB   sing N N 121 
HIS CA  HA   sing N N 122 
HIS C   O    doub N N 123 
HIS C   OXT  sing N N 124 
HIS CB  CG   sing N N 125 
HIS CB  HB2  sing N N 126 
HIS CB  HB3  sing N N 127 
HIS CG  ND1  sing Y N 128 
HIS CG  CD2  doub Y N 129 
HIS ND1 CE1  doub Y N 130 
HIS ND1 HD1  sing N N 131 
HIS CD2 NE2  sing Y N 132 
HIS CD2 HD2  sing N N 133 
HIS CE1 NE2  sing Y N 134 
HIS CE1 HE1  sing N N 135 
HIS NE2 HE2  sing N N 136 
HIS OXT HXT  sing N N 137 
HOH O   H1   sing N N 138 
HOH O   H2   sing N N 139 
ILE N   CA   sing N N 140 
ILE N   H    sing N N 141 
ILE N   H2   sing N N 142 
ILE CA  C    sing N N 143 
ILE CA  CB   sing N N 144 
ILE CA  HA   sing N N 145 
ILE C   O    doub N N 146 
ILE C   OXT  sing N N 147 
ILE CB  CG1  sing N N 148 
ILE CB  CG2  sing N N 149 
ILE CB  HB   sing N N 150 
ILE CG1 CD1  sing N N 151 
ILE CG1 HG12 sing N N 152 
ILE CG1 HG13 sing N N 153 
ILE CG2 HG21 sing N N 154 
ILE CG2 HG22 sing N N 155 
ILE CG2 HG23 sing N N 156 
ILE CD1 HD11 sing N N 157 
ILE CD1 HD12 sing N N 158 
ILE CD1 HD13 sing N N 159 
ILE OXT HXT  sing N N 160 
LEU N   CA   sing N N 161 
LEU N   H    sing N N 162 
LEU N   H2   sing N N 163 
LEU CA  C    sing N N 164 
LEU CA  CB   sing N N 165 
LEU CA  HA   sing N N 166 
LEU C   O    doub N N 167 
LEU C   OXT  sing N N 168 
LEU CB  CG   sing N N 169 
LEU CB  HB2  sing N N 170 
LEU CB  HB3  sing N N 171 
LEU CG  CD1  sing N N 172 
LEU CG  CD2  sing N N 173 
LEU CG  HG   sing N N 174 
LEU CD1 HD11 sing N N 175 
LEU CD1 HD12 sing N N 176 
LEU CD1 HD13 sing N N 177 
LEU CD2 HD21 sing N N 178 
LEU CD2 HD22 sing N N 179 
LEU CD2 HD23 sing N N 180 
LEU OXT HXT  sing N N 181 
LYS N   CA   sing N N 182 
LYS N   H    sing N N 183 
LYS N   H2   sing N N 184 
LYS CA  C    sing N N 185 
LYS CA  CB   sing N N 186 
LYS CA  HA   sing N N 187 
LYS C   O    doub N N 188 
LYS C   OXT  sing N N 189 
LYS CB  CG   sing N N 190 
LYS CB  HB2  sing N N 191 
LYS CB  HB3  sing N N 192 
LYS CG  CD   sing N N 193 
LYS CG  HG2  sing N N 194 
LYS CG  HG3  sing N N 195 
LYS CD  CE   sing N N 196 
LYS CD  HD2  sing N N 197 
LYS CD  HD3  sing N N 198 
LYS CE  NZ   sing N N 199 
LYS CE  HE2  sing N N 200 
LYS CE  HE3  sing N N 201 
LYS NZ  HZ1  sing N N 202 
LYS NZ  HZ2  sing N N 203 
LYS NZ  HZ3  sing N N 204 
LYS OXT HXT  sing N N 205 
MSE N   CA   sing N N 206 
MSE N   H    sing N N 207 
MSE N   H2   sing N N 208 
MSE CA  C    sing N N 209 
MSE CA  CB   sing N N 210 
MSE CA  HA   sing N N 211 
MSE C   O    doub N N 212 
MSE C   OXT  sing N N 213 
MSE OXT HXT  sing N N 214 
MSE CB  CG   sing N N 215 
MSE CB  HB2  sing N N 216 
MSE CB  HB3  sing N N 217 
MSE CG  SE   sing N N 218 
MSE CG  HG2  sing N N 219 
MSE CG  HG3  sing N N 220 
MSE SE  CE   sing N N 221 
MSE CE  HE1  sing N N 222 
MSE CE  HE2  sing N N 223 
MSE CE  HE3  sing N N 224 
PHE N   CA   sing N N 225 
PHE N   H    sing N N 226 
PHE N   H2   sing N N 227 
PHE CA  C    sing N N 228 
PHE CA  CB   sing N N 229 
PHE CA  HA   sing N N 230 
PHE C   O    doub N N 231 
PHE C   OXT  sing N N 232 
PHE CB  CG   sing N N 233 
PHE CB  HB2  sing N N 234 
PHE CB  HB3  sing N N 235 
PHE CG  CD1  doub Y N 236 
PHE CG  CD2  sing Y N 237 
PHE CD1 CE1  sing Y N 238 
PHE CD1 HD1  sing N N 239 
PHE CD2 CE2  doub Y N 240 
PHE CD2 HD2  sing N N 241 
PHE CE1 CZ   doub Y N 242 
PHE CE1 HE1  sing N N 243 
PHE CE2 CZ   sing Y N 244 
PHE CE2 HE2  sing N N 245 
PHE CZ  HZ   sing N N 246 
PHE OXT HXT  sing N N 247 
PRO N   CA   sing N N 248 
PRO N   CD   sing N N 249 
PRO N   H    sing N N 250 
PRO CA  C    sing N N 251 
PRO CA  CB   sing N N 252 
PRO CA  HA   sing N N 253 
PRO C   O    doub N N 254 
PRO C   OXT  sing N N 255 
PRO CB  CG   sing N N 256 
PRO CB  HB2  sing N N 257 
PRO CB  HB3  sing N N 258 
PRO CG  CD   sing N N 259 
PRO CG  HG2  sing N N 260 
PRO CG  HG3  sing N N 261 
PRO CD  HD2  sing N N 262 
PRO CD  HD3  sing N N 263 
PRO OXT HXT  sing N N 264 
SER N   CA   sing N N 265 
SER N   H    sing N N 266 
SER N   H2   sing N N 267 
SER CA  C    sing N N 268 
SER CA  CB   sing N N 269 
SER CA  HA   sing N N 270 
SER C   O    doub N N 271 
SER C   OXT  sing N N 272 
SER CB  OG   sing N N 273 
SER CB  HB2  sing N N 274 
SER CB  HB3  sing N N 275 
SER OG  HG   sing N N 276 
SER OXT HXT  sing N N 277 
THR N   CA   sing N N 278 
THR N   H    sing N N 279 
THR N   H2   sing N N 280 
THR CA  C    sing N N 281 
THR CA  CB   sing N N 282 
THR CA  HA   sing N N 283 
THR C   O    doub N N 284 
THR C   OXT  sing N N 285 
THR CB  OG1  sing N N 286 
THR CB  CG2  sing N N 287 
THR CB  HB   sing N N 288 
THR OG1 HG1  sing N N 289 
THR CG2 HG21 sing N N 290 
THR CG2 HG22 sing N N 291 
THR CG2 HG23 sing N N 292 
THR OXT HXT  sing N N 293 
TRP N   CA   sing N N 294 
TRP N   H    sing N N 295 
TRP N   H2   sing N N 296 
TRP CA  C    sing N N 297 
TRP CA  CB   sing N N 298 
TRP CA  HA   sing N N 299 
TRP C   O    doub N N 300 
TRP C   OXT  sing N N 301 
TRP CB  CG   sing N N 302 
TRP CB  HB2  sing N N 303 
TRP CB  HB3  sing N N 304 
TRP CG  CD1  doub Y N 305 
TRP CG  CD2  sing Y N 306 
TRP CD1 NE1  sing Y N 307 
TRP CD1 HD1  sing N N 308 
TRP CD2 CE2  doub Y N 309 
TRP CD2 CE3  sing Y N 310 
TRP NE1 CE2  sing Y N 311 
TRP NE1 HE1  sing N N 312 
TRP CE2 CZ2  sing Y N 313 
TRP CE3 CZ3  doub Y N 314 
TRP CE3 HE3  sing N N 315 
TRP CZ2 CH2  doub Y N 316 
TRP CZ2 HZ2  sing N N 317 
TRP CZ3 CH2  sing Y N 318 
TRP CZ3 HZ3  sing N N 319 
TRP CH2 HH2  sing N N 320 
TRP OXT HXT  sing N N 321 
TYR N   CA   sing N N 322 
TYR N   H    sing N N 323 
TYR N   H2   sing N N 324 
TYR CA  C    sing N N 325 
TYR CA  CB   sing N N 326 
TYR CA  HA   sing N N 327 
TYR C   O    doub N N 328 
TYR C   OXT  sing N N 329 
TYR CB  CG   sing N N 330 
TYR CB  HB2  sing N N 331 
TYR CB  HB3  sing N N 332 
TYR CG  CD1  doub Y N 333 
TYR CG  CD2  sing Y N 334 
TYR CD1 CE1  sing Y N 335 
TYR CD1 HD1  sing N N 336 
TYR CD2 CE2  doub Y N 337 
TYR CD2 HD2  sing N N 338 
TYR CE1 CZ   doub Y N 339 
TYR CE1 HE1  sing N N 340 
TYR CE2 CZ   sing Y N 341 
TYR CE2 HE2  sing N N 342 
TYR CZ  OH   sing N N 343 
TYR OH  HH   sing N N 344 
TYR OXT HXT  sing N N 345 
VAL N   CA   sing N N 346 
VAL N   H    sing N N 347 
VAL N   H2   sing N N 348 
VAL CA  C    sing N N 349 
VAL CA  CB   sing N N 350 
VAL CA  HA   sing N N 351 
VAL C   O    doub N N 352 
VAL C   OXT  sing N N 353 
VAL CB  CG1  sing N N 354 
VAL CB  CG2  sing N N 355 
VAL CB  HB   sing N N 356 
VAL CG1 HG11 sing N N 357 
VAL CG1 HG12 sing N N 358 
VAL CG1 HG13 sing N N 359 
VAL CG2 HG21 sing N N 360 
VAL CG2 HG22 sing N N 361 
VAL CG2 HG23 sing N N 362 
VAL OXT HXT  sing N N 363 
# 
_atom_sites.entry_id                    4F98 
_atom_sites.fract_transf_matrix[1][1]   0.00919686 
_atom_sites.fract_transf_matrix[1][2]   0.00650061 
_atom_sites.fract_transf_matrix[1][3]   0.02337423 
_atom_sites.fract_transf_matrix[2][1]   0.01436944 
_atom_sites.fract_transf_matrix[2][2]   -0.00852622 
_atom_sites.fract_transf_matrix[2][3]   -0.00328259 
_atom_sites.fract_transf_matrix[3][1]   0.01637332 
_atom_sites.fract_transf_matrix[3][2]   0.03368091 
_atom_sites.fract_transf_matrix[3][3]   -0.01580927 
_atom_sites.fract_transf_vector[1]      0.890802 
_atom_sites.fract_transf_vector[2]      0.129855 
_atom_sites.fract_transf_vector[3]      0.983425 
# 
loop_
_atom_type.symbol 
C  
N  
O  
SE 
# 
loop_
_atom_site.group_PDB 
_atom_site.id 
_atom_site.type_symbol 
_atom_site.label_atom_id 
_atom_site.label_alt_id 
_atom_site.label_comp_id 
_atom_site.label_asym_id 
_atom_site.label_entity_id 
_atom_site.label_seq_id 
_atom_site.pdbx_PDB_ins_code 
_atom_site.Cartn_x 
_atom_site.Cartn_y 
_atom_site.Cartn_z 
_atom_site.occupancy 
_atom_site.B_iso_or_equiv 
_atom_site.pdbx_formal_charge 
_atom_site.auth_seq_id 
_atom_site.auth_comp_id 
_atom_site.auth_asym_id 
_atom_site.auth_atom_id 
_atom_site.pdbx_PDB_model_num 
ATOM   1   N  N   . LYS A 1 6  ? 1.316   -15.000 -3.946  1.00 39.34 ? 25  LYS A N   1 
ATOM   2   C  CA  . LYS A 1 6  ? 2.330   -15.492 -2.952  1.00 39.14 ? 25  LYS A CA  1 
ATOM   3   C  C   . LYS A 1 6  ? 3.007   -14.331 -2.212  1.00 35.85 ? 25  LYS A C   1 
ATOM   4   O  O   . LYS A 1 6  ? 2.620   -14.004 -1.083  1.00 36.81 ? 25  LYS A O   1 
ATOM   5   N  N   . ASP A 1 7  ? 4.057   -13.778 -2.837  1.00 32.09 ? 26  ASP A N   1 
ATOM   6   C  CA  A ASP A 1 7  ? 4.711   -12.544 -2.368  0.50 28.34 ? 26  ASP A CA  1 
ATOM   7   C  CA  B ASP A 1 7  ? 4.747   -12.563 -2.374  0.50 29.03 ? 26  ASP A CA  1 
ATOM   8   C  C   . ASP A 1 7  ? 4.772   -11.575 -3.550  1.00 24.43 ? 26  ASP A C   1 
ATOM   9   O  O   . ASP A 1 7  ? 5.736   -11.558 -4.326  1.00 20.58 ? 26  ASP A O   1 
ATOM   10  C  CB  A ASP A 1 7  ? 6.094   -12.762 -1.748  0.50 29.04 ? 26  ASP A CB  1 
ATOM   11  C  CB  B ASP A 1 7  ? 6.170   -12.842 -1.812  0.50 30.68 ? 26  ASP A CB  1 
ATOM   12  C  CG  A ASP A 1 7  ? 6.591   -11.522 -1.024  0.50 29.56 ? 26  ASP A CG  1 
ATOM   13  C  CG  B ASP A 1 7  ? 7.000   -13.787 -2.685  0.50 33.17 ? 26  ASP A CG  1 
ATOM   14  O  OD1 A ASP A 1 7  ? 5.884   -10.478 -1.070  0.50 20.28 ? 26  ASP A OD1 1 
ATOM   15  O  OD1 B ASP A 1 7  ? 6.423   -14.481 -3.546  0.50 37.43 ? 26  ASP A OD1 1 
ATOM   16  O  OD2 A ASP A 1 7  ? 7.674   -11.596 -0.404  0.50 34.75 ? 26  ASP A OD2 1 
ATOM   17  O  OD2 B ASP A 1 7  ? 8.233   -13.834 -2.507  0.50 36.95 ? 26  ASP A OD2 1 
ATOM   18  N  N   . PRO A 1 8  ? 3.714   -10.757 -3.701  1.00 19.75 ? 27  PRO A N   1 
ATOM   19  C  CA  . PRO A 1 8  ? 3.699   -9.852  -4.850  1.00 17.69 ? 27  PRO A CA  1 
ATOM   20  C  C   . PRO A 1 8  ? 4.739   -8.733  -4.806  1.00 15.74 ? 27  PRO A C   1 
ATOM   21  O  O   . PRO A 1 8  ? 5.026   -8.161  -5.834  1.00 16.90 ? 27  PRO A O   1 
ATOM   22  C  CB  . PRO A 1 8  ? 2.269   -9.272  -4.850  1.00 19.65 ? 27  PRO A CB  1 
ATOM   23  C  CG  . PRO A 1 8  ? 1.592   -9.810  -3.689  1.00 22.36 ? 27  PRO A CG  1 
ATOM   24  C  CD  . PRO A 1 8  ? 2.497   -10.618 -2.876  1.00 19.50 ? 27  PRO A CD  1 
ATOM   25  N  N   . GLY A 1 9  ? 5.296   -8.448  -3.635  1.00 16.57 ? 28  GLY A N   1 
ATOM   26  C  CA  . GLY A 1 9  ? 6.340   -7.450  -3.505  1.00 16.99 ? 28  GLY A CA  1 
ATOM   27  C  C   . GLY A 1 9  ? 7.709   -7.874  -3.983  1.00 16.16 ? 28  GLY A C   1 
ATOM   28  O  O   . GLY A 1 9  ? 8.558   -7.006  -4.164  1.00 15.31 ? 28  GLY A O   1 
ATOM   29  N  N   . ARG A 1 10 ? 7.904   -9.179  -4.210  1.00 16.19 ? 29  ARG A N   1 
ATOM   30  C  CA  . ARG A 1 10 ? 9.208   -9.773  -4.600  1.00 18.23 ? 29  ARG A CA  1 
ATOM   31  C  C   . ARG A 1 10 ? 9.780   -9.061  -5.802  1.00 14.13 ? 29  ARG A C   1 
ATOM   32  O  O   . ARG A 1 10 ? 9.110   -8.977  -6.828  1.00 15.75 ? 29  ARG A O   1 
ATOM   33  C  CB  . ARG A 1 10 ? 9.069   -11.286 -4.954  1.00 20.58 ? 29  ARG A CB  1 
ATOM   34  C  CG  . ARG A 1 10 ? 10.359  -12.034 -5.439  1.00 22.13 ? 29  ARG A CG  1 
ATOM   35  C  CD  . ARG A 1 10 ? 10.094  -13.526 -5.719  1.00 24.09 ? 29  ARG A CD  1 
ATOM   36  N  NE  . ARG A 1 10 ? 11.332  -14.296 -5.919  1.00 26.68 ? 29  ARG A NE  1 
ATOM   37  C  CZ  . ARG A 1 10 ? 11.414  -15.624 -6.088  1.00 30.76 ? 29  ARG A CZ  1 
ATOM   38  N  NH1 . ARG A 1 10 ? 10.322  -16.407 -6.086  1.00 31.60 ? 29  ARG A NH1 1 
ATOM   39  N  NH2 . ARG A 1 10 ? 12.618  -16.186 -6.257  1.00 31.80 ? 29  ARG A NH2 1 
ATOM   40  N  N   . GLY A 1 11 ? 10.982  -8.519  -5.661  1.00 12.84 ? 30  GLY A N   1 
ATOM   41  C  CA  . GLY A 1 11 ? 11.719  -7.952  -6.777  1.00 12.13 ? 30  GLY A CA  1 
ATOM   42  C  C   . GLY A 1 11 ? 11.256  -6.588  -7.281  1.00 11.98 ? 30  GLY A C   1 
ATOM   43  O  O   . GLY A 1 11 ? 11.734  -6.139  -8.321  1.00 15.72 ? 30  GLY A O   1 
ATOM   44  N  N   . LEU A 1 12 ? 10.372  -5.909  -6.551  1.00 11.07 ? 31  LEU A N   1 
ATOM   45  C  CA  . LEU A 1 12 ? 9.891   -4.578  -6.930  1.00 11.26 ? 31  LEU A CA  1 
ATOM   46  C  C   . LEU A 1 12 ? 10.567  -3.504  -6.082  1.00 11.52 ? 31  LEU A C   1 
ATOM   47  O  O   . LEU A 1 12 ? 10.605  -3.616  -4.855  1.00 13.22 ? 31  LEU A O   1 
ATOM   48  C  CB  . LEU A 1 12 ? 8.389   -4.448  -6.739  1.00 12.48 ? 31  LEU A CB  1 
ATOM   49  C  CG  . LEU A 1 12 ? 7.478   -5.248  -7.668  1.00 11.77 ? 31  LEU A CG  1 
ATOM   50  C  CD1 . LEU A 1 12 ? 6.025   -5.106  -7.192  1.00 12.82 ? 31  LEU A CD1 1 
ATOM   51  C  CD2 . LEU A 1 12 ? 7.600   -4.758  -9.116  1.00 13.81 ? 31  LEU A CD2 1 
ATOM   52  N  N   . PRO A 1 13 ? 11.072  -2.438  -6.715  1.00 11.76 ? 32  PRO A N   1 
ATOM   53  C  CA  . PRO A 1 13 ? 11.528  -1.279  -5.969  1.00 13.41 ? 32  PRO A CA  1 
ATOM   54  C  C   . PRO A 1 13 ? 10.327  -0.455  -5.538  1.00 12.23 ? 32  PRO A C   1 
ATOM   55  O  O   . PRO A 1 13 ? 9.292   -0.500  -6.173  1.00 13.20 ? 32  PRO A O   1 
ATOM   56  C  CB  . PRO A 1 13 ? 12.336  -0.497  -7.015  1.00 15.32 ? 32  PRO A CB  1 
ATOM   57  C  CG  . PRO A 1 13 ? 11.651  -0.776  -8.263  1.00 16.99 ? 32  PRO A CG  1 
ATOM   58  C  CD  . PRO A 1 13 ? 11.155  -2.191  -8.162  1.00 14.08 ? 32  PRO A CD  1 
ATOM   59  N  N   . VAL A 1 14 ? 10.479  0.287   -4.461  1.00 12.43 ? 33  VAL A N   1 
ATOM   60  C  CA  . VAL A 1 14 ? 9.475   1.260   -4.058  1.00 11.80 ? 33  VAL A CA  1 
ATOM   61  C  C   . VAL A 1 14 ? 9.531   2.405   -5.067  1.00 11.68 ? 33  VAL A C   1 
ATOM   62  O  O   . VAL A 1 14 ? 10.612  2.916   -5.396  1.00 15.97 ? 33  VAL A O   1 
ATOM   63  C  CB  . VAL A 1 14 ? 9.744   1.786   -2.639  1.00 12.98 ? 33  VAL A CB  1 
ATOM   64  C  CG1 . VAL A 1 14 ? 8.736   2.836   -2.252  1.00 16.71 ? 33  VAL A CG1 1 
ATOM   65  C  CG2 . VAL A 1 14 ? 9.664   0.661   -1.646  1.00 17.08 ? 33  VAL A CG2 1 
ATOM   66  N  N   . GLU A 1 15 ? 8.375   2.784   -5.590  1.00 11.08 ? 34  GLU A N   1 
ATOM   67  C  CA  . GLU A 1 15 ? 8.309   3.867   -6.555  1.00 11.93 ? 34  GLU A CA  1 
ATOM   68  C  C   . GLU A 1 15 ? 7.763   5.132   -5.937  1.00 11.27 ? 34  GLU A C   1 
ATOM   69  O  O   . GLU A 1 15 ? 7.172   5.119   -4.870  1.00 13.01 ? 34  GLU A O   1 
ATOM   70  C  CB  . GLU A 1 15 ? 7.592   3.446   -7.821  1.00 16.61 ? 34  GLU A CB  1 
ATOM   71  C  CG  . GLU A 1 15 ? 6.184   3.124   -7.713  1.00 18.68 ? 34  GLU A CG  1 
ATOM   72  C  CD  . GLU A 1 15 ? 5.645   2.495   -9.001  1.00 22.30 ? 34  GLU A CD  1 
ATOM   73  O  OE1 . GLU A 1 15 ? 6.197   1.474   -9.495  1.00 23.38 ? 34  GLU A OE1 1 
ATOM   74  O  OE2 . GLU A 1 15 ? 4.660   3.035   -9.507  1.00 23.74 ? 34  GLU A OE2 1 
ATOM   75  N  N   . GLU A 1 16 ? 8.008   6.231   -6.626  1.00 11.07 ? 35  GLU A N   1 
ATOM   76  C  CA  . GLU A 1 16 ? 7.564   7.540   -6.192  1.00 11.02 ? 35  GLU A CA  1 
ATOM   77  C  C   . GLU A 1 16 ? 6.046   7.553   -6.040  1.00 12.68 ? 35  GLU A C   1 
ATOM   78  O  O   . GLU A 1 16 ? 5.342   7.155   -6.957  1.00 14.79 ? 35  GLU A O   1 
ATOM   79  C  CB  . GLU A 1 16 ? 8.041   8.590   -7.207  1.00 12.61 ? 35  GLU A CB  1 
ATOM   80  C  CG  . GLU A 1 16 ? 7.579   10.006  -6.904  1.00 12.90 ? 35  GLU A CG  1 
ATOM   81  C  CD  . GLU A 1 16 ? 8.321   11.082  -7.660  1.00 12.34 ? 35  GLU A CD  1 
ATOM   82  O  OE1 . GLU A 1 16 ? 9.386   10.780  -8.223  1.00 15.54 ? 35  GLU A OE1 1 
ATOM   83  O  OE2 . GLU A 1 16 ? 7.849   12.233  -7.689  1.00 10.61 ? 35  GLU A OE2 1 
ATOM   84  N  N   . TYR A 1 17 ? 5.600   7.995   -4.862  1.00 13.47 ? 36  TYR A N   1 
ATOM   85  C  CA  A TYR A 1 17 ? 4.170   8.129   -4.666  0.50 11.56 ? 36  TYR A CA  1 
ATOM   86  C  CA  B TYR A 1 17 ? 4.215   8.053   -4.354  0.50 13.58 ? 36  TYR A CA  1 
ATOM   87  C  C   . TYR A 1 17 ? 3.895   9.485   -3.982  1.00 12.86 ? 36  TYR A C   1 
ATOM   88  O  O   . TYR A 1 17 ? 4.748   10.107  -3.331  1.00 17.70 ? 36  TYR A O   1 
ATOM   89  C  CB  A TYR A 1 17 ? 3.572   6.845   -4.022  0.50 9.82  ? 36  TYR A CB  1 
ATOM   90  C  CB  B TYR A 1 17 ? 4.118   7.261   -3.017  0.50 13.78 ? 36  TYR A CB  1 
ATOM   91  C  CG  A TYR A 1 17 ? 2.094   6.873   -3.698  0.50 9.70  ? 36  TYR A CG  1 
ATOM   92  C  CG  B TYR A 1 17 ? 2.947   7.646   -2.106  0.50 13.78 ? 36  TYR A CG  1 
ATOM   93  C  CD1 A TYR A 1 17 ? 1.131   7.009   -4.694  0.50 10.52 ? 36  TYR A CD1 1 
ATOM   94  C  CD1 B TYR A 1 17 ? 3.072   8.640   -1.122  0.50 12.92 ? 36  TYR A CD1 1 
ATOM   95  C  CD2 A TYR A 1 17 ? 1.665   6.794   -2.395  0.50 13.34 ? 36  TYR A CD2 1 
ATOM   96  C  CD2 B TYR A 1 17 ? 1.722   7.039   -2.252  0.50 14.70 ? 36  TYR A CD2 1 
ATOM   97  C  CE1 A TYR A 1 17 ? -0.209  7.068   -4.394  0.50 10.83 ? 36  TYR A CE1 1 
ATOM   98  C  CE1 B TYR A 1 17 ? 2.007   9.010   -0.335  0.50 12.60 ? 36  TYR A CE1 1 
ATOM   99  C  CE2 A TYR A 1 17 ? 0.311   6.836   -2.089  0.50 10.81 ? 36  TYR A CE2 1 
ATOM   100 C  CE2 B TYR A 1 17 ? 0.648   7.393   -1.450  0.50 12.00 ? 36  TYR A CE2 1 
ATOM   101 C  CZ  A TYR A 1 17 ? -0.612  6.981   -3.097  0.50 10.64 ? 36  TYR A CZ  1 
ATOM   102 C  CZ  B TYR A 1 17 ? 0.801   8.370   -0.489  0.50 11.99 ? 36  TYR A CZ  1 
ATOM   103 O  OH  A TYR A 1 17 ? -1.963  7.018   -2.831  0.50 14.11 ? 36  TYR A OH  1 
ATOM   104 O  OH  B TYR A 1 17 ? -0.260  8.722   0.320   0.50 13.88 ? 36  TYR A OH  1 
ATOM   105 N  N   . HIS A 1 18 ? 2.724   10.004  -4.318  1.00 11.41 ? 37  HIS A N   1 
ATOM   106 C  CA  . HIS A 1 18 ? 2.253   11.291  -3.800  1.00 10.71 ? 37  HIS A CA  1 
ATOM   107 C  C   . HIS A 1 18 ? 0.844   11.111  -3.322  1.00 11.37 ? 37  HIS A C   1 
ATOM   108 O  O   . HIS A 1 18 ? 0.000   10.633  -4.077  1.00 11.36 ? 37  HIS A O   1 
ATOM   109 C  CB  . HIS A 1 18 ? 2.360   12.390  -4.864  1.00 10.08 ? 37  HIS A CB  1 
ATOM   110 C  CG  . HIS A 1 18 ? 3.765   12.682  -5.233  1.00 10.27 ? 37  HIS A CG  1 
ATOM   111 N  ND1 . HIS A 1 18 ? 4.588   13.429  -4.429  1.00 11.83 ? 37  HIS A ND1 1 
ATOM   112 C  CD2 . HIS A 1 18 ? 4.524   12.249  -6.267  1.00 10.40 ? 37  HIS A CD2 1 
ATOM   113 C  CE1 . HIS A 1 18 ? 5.791   13.486  -4.979  1.00 11.40 ? 37  HIS A CE1 1 
ATOM   114 N  NE2 . HIS A 1 18 ? 5.784   12.756  -6.086  1.00 10.75 ? 37  HIS A NE2 1 
ATOM   115 N  N   . TYR A 1 19 ? 0.584   11.528  -2.088  1.00 12.36 ? 38  TYR A N   1 
ATOM   116 C  CA  . TYR A 1 19 ? -0.770  11.496  -1.550  1.00 14.84 ? 38  TYR A CA  1 
ATOM   117 C  C   . TYR A 1 19 ? -1.726  12.221  -2.487  1.00 15.53 ? 38  TYR A C   1 
ATOM   118 O  O   . TYR A 1 19 ? -1.422  13.338  -2.928  1.00 18.43 ? 38  TYR A O   1 
ATOM   119 C  CB  . TYR A 1 19 ? -0.854  12.175  -0.181  1.00 14.09 ? 38  TYR A CB  1 
ATOM   120 C  CG  . TYR A 1 19 ? -2.289  12.295  0.304   1.00 14.59 ? 38  TYR A CG  1 
ATOM   121 C  CD1 . TYR A 1 19 ? -2.915  11.236  0.963   1.00 14.03 ? 38  TYR A CD1 1 
ATOM   122 C  CD2 . TYR A 1 19 ? -3.038  13.448  0.063   1.00 14.64 ? 38  TYR A CD2 1 
ATOM   123 C  CE1 . TYR A 1 19 ? -4.254  11.351  1.411   1.00 14.24 ? 38  TYR A CE1 1 
ATOM   124 C  CE2 . TYR A 1 19 ? -4.373  13.565  0.492   1.00 12.51 ? 38  TYR A CE2 1 
ATOM   125 C  CZ  . TYR A 1 19 ? -4.974  12.505  1.147   1.00 12.32 ? 38  TYR A CZ  1 
ATOM   126 O  OH  . TYR A 1 19 ? -6.272  12.583  1.546   1.00 14.67 ? 38  TYR A OH  1 
ATOM   127 N  N   . GLY A 1 20 ? -2.860  11.600  -2.773  1.00 19.52 ? 39  GLY A N   1 
ATOM   128 C  CA  . GLY A 1 20 ? -3.900  12.247  -3.581  1.00 21.24 ? 39  GLY A CA  1 
ATOM   129 C  C   . GLY A 1 20 ? -3.740  12.059  -5.070  1.00 21.03 ? 39  GLY A C   1 
ATOM   130 O  O   . GLY A 1 20 ? -4.611  12.452  -5.850  1.00 23.34 ? 39  GLY A O   1 
HETATM 131 N  N   . MSE A 1 21 ? -2.652  11.426  -5.485  1.00 18.84 ? 40  MSE A N   1 
HETATM 132 C  CA  A MSE A 1 21 ? -2.414  11.263  -6.906  0.50 19.03 ? 40  MSE A CA  1 
HETATM 133 C  CA  B MSE A 1 21 ? -2.380  11.232  -6.895  0.50 18.90 ? 40  MSE A CA  1 
HETATM 134 C  C   . MSE A 1 21 ? -3.350  10.201  -7.459  1.00 18.51 ? 40  MSE A C   1 
HETATM 135 O  O   . MSE A 1 21 ? -3.573  9.159   -6.837  1.00 19.52 ? 40  MSE A O   1 
HETATM 136 C  CB  A MSE A 1 21 ? -0.976  10.892  -7.192  0.50 20.18 ? 40  MSE A CB  1 
HETATM 137 C  CB  B MSE A 1 21 ? -0.946  10.755  -7.061  0.50 19.94 ? 40  MSE A CB  1 
HETATM 138 C  CG  A MSE A 1 21 ? -0.687  10.780  -8.674  0.50 22.68 ? 40  MSE A CG  1 
HETATM 139 C  CG  B MSE A 1 21 ? -0.489  10.593  -8.464  0.50 21.06 ? 40  MSE A CG  1 
HETATM 140 SE SE  A MSE A 1 21 ? 1.138   10.514  -8.835  0.38 25.26 ? 40  MSE A SE  1 
HETATM 141 SE SE  B MSE A 1 21 ? 1.308   10.068  -8.361  0.37 18.15 ? 40  MSE A SE  1 
HETATM 142 C  CE  A MSE A 1 21 ? 1.442   9.203   -7.435  0.50 21.41 ? 40  MSE A CE  1 
HETATM 143 C  CE  B MSE A 1 21 ? 1.345   9.518   -10.243 0.50 15.54 ? 40  MSE A CE  1 
ATOM   144 N  N   . GLN A 1 22 ? -3.909  10.498  -8.632  1.00 18.58 ? 41  GLN A N   1 
ATOM   145 C  CA  . GLN A 1 22 ? -4.712  9.546   -9.397  1.00 20.02 ? 41  GLN A CA  1 
ATOM   146 C  C   . GLN A 1 22 ? -3.768  8.436   -9.879  1.00 18.90 ? 41  GLN A C   1 
ATOM   147 O  O   . GLN A 1 22 ? -2.723  8.712   -10.462 1.00 19.57 ? 41  GLN A O   1 
ATOM   148 C  CB  . GLN A 1 22 ? -5.380  10.217  -10.608 1.00 22.33 ? 41  GLN A CB  1 
ATOM   149 N  N   . LEU A 1 23 ? -4.099  7.197   -9.546  1.00 18.98 ? 42  LEU A N   1 
ATOM   150 C  CA  . LEU A 1 23 ? -3.353  6.020   -10.022 1.00 17.50 ? 42  LEU A CA  1 
ATOM   151 C  C   . LEU A 1 23 ? -4.281  5.155   -10.856 1.00 18.62 ? 42  LEU A C   1 
ATOM   152 O  O   . LEU A 1 23 ? -5.511  5.261   -10.758 1.00 21.52 ? 42  LEU A O   1 
ATOM   153 C  CB  . LEU A 1 23 ? -2.784  5.207   -8.850  1.00 17.35 ? 42  LEU A CB  1 
ATOM   154 C  CG  . LEU A 1 23 ? -1.755  5.892   -7.951  1.00 16.55 ? 42  LEU A CG  1 
ATOM   155 C  CD1 . LEU A 1 23 ? -1.329  4.951   -6.825  1.00 19.92 ? 42  LEU A CD1 1 
ATOM   156 C  CD2 . LEU A 1 23 ? -0.546  6.341   -8.726  1.00 18.78 ? 42  LEU A CD2 1 
ATOM   157 N  N   . ASP A 1 24 ? -3.681  4.267   -11.642 1.00 17.82 ? 43  ASP A N   1 
ATOM   158 C  CA  . ASP A 1 24 ? -4.429  3.304   -12.411 1.00 17.56 ? 43  ASP A CA  1 
ATOM   159 C  C   . ASP A 1 24 ? -4.393  1.990   -11.627 1.00 16.88 ? 43  ASP A C   1 
ATOM   160 O  O   . ASP A 1 24 ? -3.464  1.196   -11.784 1.00 19.89 ? 43  ASP A O   1 
ATOM   161 C  CB  . ASP A 1 24 ? -3.835  3.125   -13.804 1.00 18.39 ? 43  ASP A CB  1 
ATOM   162 C  CG  . ASP A 1 24 ? -4.604  2.080   -14.622 1.00 22.54 ? 43  ASP A CG  1 
ATOM   163 O  OD1 . ASP A 1 24 ? -5.844  1.978   -14.465 1.00 29.99 ? 43  ASP A OD1 1 
ATOM   164 O  OD2 . ASP A 1 24 ? -3.971  1.356   -15.390 1.00 22.60 ? 43  ASP A OD2 1 
ATOM   165 N  N   . VAL A 1 25 ? -5.377  1.800   -10.752 1.00 14.48 ? 44  VAL A N   1 
ATOM   166 C  CA  . VAL A 1 25 ? -5.457  0.631   -9.878  1.00 14.18 ? 44  VAL A CA  1 
ATOM   167 C  C   . VAL A 1 25 ? -6.526  -0.325  -10.381 1.00 15.13 ? 44  VAL A C   1 
ATOM   168 O  O   . VAL A 1 25 ? -7.717  -0.039  -10.293 1.00 18.53 ? 44  VAL A O   1 
ATOM   169 C  CB  . VAL A 1 25 ? -5.762  1.037   -8.409  1.00 14.28 ? 44  VAL A CB  1 
ATOM   170 C  CG1 . VAL A 1 25 ? -5.833  -0.213  -7.515  1.00 15.11 ? 44  VAL A CG1 1 
ATOM   171 C  CG2 . VAL A 1 25 ? -4.713  2.043   -7.886  1.00 16.74 ? 44  VAL A CG2 1 
ATOM   172 N  N   . LYS A 1 26 ? -6.094  -1.472  -10.899 1.00 13.09 ? 45  LYS A N   1 
ATOM   173 C  CA  . LYS A 1 26 ? -7.022  -2.542  -11.249 1.00 13.24 ? 45  LYS A CA  1 
ATOM   174 C  C   . LYS A 1 26 ? -7.262  -3.436  -10.038 1.00 13.14 ? 45  LYS A C   1 
ATOM   175 O  O   . LYS A 1 26 ? -8.399  -3.705  -9.678  1.00 15.92 ? 45  LYS A O   1 
ATOM   176 C  CB  . LYS A 1 26 ? -6.488  -3.379  -12.393 1.00 13.64 ? 45  LYS A CB  1 
ATOM   177 C  CG  . LYS A 1 26 ? -7.478  -4.413  -12.906 1.00 15.76 ? 45  LYS A CG  1 
ATOM   178 C  CD  . LYS A 1 26 ? -6.894  -5.182  -14.062 1.00 15.69 ? 45  LYS A CD  1 
ATOM   179 C  CE  . LYS A 1 26 ? -7.858  -6.238  -14.578 1.00 19.18 ? 45  LYS A CE  1 
ATOM   180 N  NZ  . LYS A 1 26 ? -7.280  -7.005  -15.716 1.00 17.93 ? 45  LYS A NZ  1 
ATOM   181 N  N   . ASN A 1 27 ? -6.176  -3.929  -9.442  1.00 12.24 ? 46  ASN A N   1 
ATOM   182 C  CA  . ASN A 1 27 ? -6.235  -4.806  -8.284  1.00 12.74 ? 46  ASN A CA  1 
ATOM   183 C  C   . ASN A 1 27 ? -5.186  -4.420  -7.252  1.00 12.15 ? 46  ASN A C   1 
ATOM   184 O  O   . ASN A 1 27 ? -4.091  -4.053  -7.599  1.00 13.36 ? 46  ASN A O   1 
ATOM   185 C  CB  . ASN A 1 27 ? -6.009  -6.272  -8.691  1.00 13.09 ? 46  ASN A CB  1 
ATOM   186 C  CG  . ASN A 1 27 ? -7.177  -6.854  -9.463  1.00 15.74 ? 46  ASN A CG  1 
ATOM   187 O  OD1 . ASN A 1 27 ? -8.313  -6.841  -8.988  1.00 20.70 ? 46  ASN A OD1 1 
ATOM   188 N  ND2 . ASN A 1 27 ? -6.900  -7.380  -10.646 1.00 19.05 ? 46  ASN A ND2 1 
ATOM   189 N  N   . VAL A 1 28 ? -5.545  -4.548  -5.992  1.00 11.63 ? 47  VAL A N   1 
ATOM   190 C  CA  . VAL A 1 28 ? -4.624  -4.398  -4.872  1.00 10.71 ? 47  VAL A CA  1 
ATOM   191 C  C   . VAL A 1 28 ? -4.204  -5.816  -4.489  1.00 10.84 ? 47  VAL A C   1 
ATOM   192 O  O   . VAL A 1 28 ? -5.028  -6.641  -4.085  1.00 14.56 ? 47  VAL A O   1 
ATOM   193 C  CB  . VAL A 1 28 ? -5.282  -3.650  -3.686  1.00 12.19 ? 47  VAL A CB  1 
ATOM   194 C  CG1 . VAL A 1 28 ? -4.317  -3.564  -2.496  1.00 12.65 ? 47  VAL A CG1 1 
ATOM   195 C  CG2 . VAL A 1 28 ? -5.765  -2.258  -4.118  1.00 13.66 ? 47  VAL A CG2 1 
ATOM   196 N  N   . LEU A 1 29 ? -2.916  -6.106  -4.634  1.00 10.12 ? 48  LEU A N   1 
ATOM   197 C  CA  . LEU A 1 29 ? -2.402  -7.456  -4.351  1.00 11.09 ? 48  LEU A CA  1 
ATOM   198 C  C   . LEU A 1 29 ? -1.854  -7.635  -2.953  1.00 10.64 ? 48  LEU A C   1 
ATOM   199 O  O   . LEU A 1 29 ? -1.869  -8.744  -2.424  1.00 13.07 ? 48  LEU A O   1 
ATOM   200 C  CB  . LEU A 1 29 ? -1.335  -7.831  -5.373  1.00 11.61 ? 48  LEU A CB  1 
ATOM   201 C  CG  . LEU A 1 29 ? -1.745  -7.797  -6.865  1.00 15.38 ? 48  LEU A CG  1 
ATOM   202 C  CD1 . LEU A 1 29 ? -0.642  -8.424  -7.685  1.00 19.42 ? 48  LEU A CD1 1 
ATOM   203 C  CD2 . LEU A 1 29 ? -3.080  -8.449  -7.130  1.00 19.75 ? 48  LEU A CD2 1 
ATOM   204 N  N   . HIS A 1 30 ? -1.362  -6.560  -2.347  1.00 10.70 ? 49  HIS A N   1 
ATOM   205 C  CA  . HIS A 1 30 ? -0.826  -6.601  -0.999  1.00 10.46 ? 49  HIS A CA  1 
ATOM   206 C  C   . HIS A 1 30 ? -1.057  -5.265  -0.341  1.00 9.04  ? 49  HIS A C   1 
ATOM   207 O  O   . HIS A 1 30 ? -0.907  -4.224  -0.970  1.00 9.53  ? 49  HIS A O   1 
ATOM   208 C  CB  . HIS A 1 30 ? 0.693   -6.863  -1.007  1.00 11.52 ? 49  HIS A CB  1 
ATOM   209 C  CG  . HIS A 1 30 ? 1.319   -6.712  0.343   1.00 11.91 ? 49  HIS A CG  1 
ATOM   210 N  ND1 . HIS A 1 30 ? 2.037   -5.602  0.709   1.00 15.66 ? 49  HIS A ND1 1 
ATOM   211 C  CD2 . HIS A 1 30 ? 1.259   -7.495  1.443   1.00 11.31 ? 49  HIS A CD2 1 
ATOM   212 C  CE1 . HIS A 1 30 ? 2.408   -5.718  1.969   1.00 12.59 ? 49  HIS A CE1 1 
ATOM   213 N  NE2 . HIS A 1 30 ? 1.954   -6.863  2.440   1.00 17.37 ? 49  HIS A NE2 1 
ATOM   214 N  N   . ARG A 1 31 ? -1.409  -5.298  0.935   1.00 9.48  ? 50  ARG A N   1 
ATOM   215 C  CA  . ARG A 1 31 ? -1.355  -4.106  1.775   1.00 9.21  ? 50  ARG A CA  1 
ATOM   216 C  C   . ARG A 1 31 ? -1.031  -4.530  3.193   1.00 7.95  ? 50  ARG A C   1 
ATOM   217 O  O   . ARG A 1 31 ? -1.508  -5.557  3.672   1.00 9.69  ? 50  ARG A O   1 
ATOM   218 C  CB  . ARG A 1 31 ? -2.661  -3.298  1.666   1.00 8.97  ? 50  ARG A CB  1 
ATOM   219 C  CG  . ARG A 1 31 ? -3.943  -3.976  2.168   1.00 8.59  ? 50  ARG A CG  1 
ATOM   220 C  CD  . ARG A 1 31 ? -4.328  -3.491  3.521   1.00 9.10  ? 50  ARG A CD  1 
ATOM   221 N  NE  . ARG A 1 31 ? -4.801  -2.101  3.519   1.00 9.64  ? 50  ARG A NE  1 
ATOM   222 C  CZ  . ARG A 1 31 ? -4.283  -1.063  4.185   1.00 9.68  ? 50  ARG A CZ  1 
ATOM   223 N  NH1 . ARG A 1 31 ? -3.241  -1.190  5.005   1.00 9.96  ? 50  ARG A NH1 1 
ATOM   224 N  NH2 . ARG A 1 31 ? -4.852  0.131   4.056   1.00 11.06 ? 50  ARG A NH2 1 
ATOM   225 N  N   . THR A 1 32 ? -0.195  -3.758  3.876   1.00 8.82  ? 51  THR A N   1 
ATOM   226 C  CA  . THR A 1 32 ? 0.193   -4.020  5.264   1.00 9.21  ? 51  THR A CA  1 
ATOM   227 C  C   . THR A 1 32 ? -1.046  -4.213  6.135   1.00 9.30  ? 51  THR A C   1 
ATOM   228 O  O   . THR A 1 32 ? -2.014  -3.467  6.016   1.00 9.66  ? 51  THR A O   1 
ATOM   229 C  CB  . THR A 1 32 ? 0.994   -2.842  5.830   1.00 9.90  ? 51  THR A CB  1 
ATOM   230 O  OG1 . THR A 1 32 ? 2.064   -2.556  4.909   1.00 10.26 ? 51  THR A OG1 1 
ATOM   231 C  CG2 . THR A 1 32 ? 1.520   -3.164  7.240   1.00 11.10 ? 51  THR A CG2 1 
ATOM   232 N  N   . ASP A 1 33 ? -1.027  -5.216  6.998   1.00 9.34  ? 52  ASP A N   1 
ATOM   233 C  CA  A ASP A 1 33 ? -2.138  -5.376  7.943   0.50 10.55 ? 52  ASP A CA  1 
ATOM   234 C  CA  B ASP A 1 33 ? -2.086  -5.423  7.982   0.50 11.21 ? 52  ASP A CA  1 
ATOM   235 C  C   . ASP A 1 33 ? -1.865  -4.442  9.136   1.00 10.91 ? 52  ASP A C   1 
ATOM   236 O  O   . ASP A 1 33 ? -1.073  -4.742  10.040  1.00 12.54 ? 52  ASP A O   1 
ATOM   237 C  CB  A ASP A 1 33 ? -2.389  -6.825  8.383   0.50 11.44 ? 52  ASP A CB  1 
ATOM   238 C  CB  B ASP A 1 33 ? -2.046  -6.869  8.514   0.50 12.31 ? 52  ASP A CB  1 
ATOM   239 C  CG  A ASP A 1 33 ? -3.766  -7.001  9.054   0.50 12.15 ? 52  ASP A CG  1 
ATOM   240 C  CG  B ASP A 1 33 ? -2.985  -7.092  9.698   0.50 15.85 ? 52  ASP A CG  1 
ATOM   241 O  OD1 A ASP A 1 33 ? -4.412  -5.975  9.376   0.50 12.04 ? 52  ASP A OD1 1 
ATOM   242 O  OD1 B ASP A 1 33 ? -3.820  -6.202  10.016  0.50 13.85 ? 52  ASP A OD1 1 
ATOM   243 O  OD2 A ASP A 1 33 ? -4.204  -8.152  9.292   0.50 13.11 ? 52  ASP A OD2 1 
ATOM   244 O  OD2 B ASP A 1 33 ? -2.869  -8.166  10.319  0.50 20.54 ? 52  ASP A OD2 1 
ATOM   245 N  N   . ASN A 1 34 ? -2.557  -3.306  9.114   1.00 10.33 ? 53  ASN A N   1 
ATOM   246 C  CA  . ASN A 1 34 ? -2.484  -2.301  10.183  1.00 9.52  ? 53  ASN A CA  1 
ATOM   247 C  C   . ASN A 1 34 ? -3.756  -2.259  11.030  1.00 9.45  ? 53  ASN A C   1 
ATOM   248 O  O   . ASN A 1 34 ? -3.987  -1.301  11.762  1.00 10.29 ? 53  ASN A O   1 
ATOM   249 C  CB  . ASN A 1 34 ? -2.146  -0.917  9.601   1.00 9.27  ? 53  ASN A CB  1 
ATOM   250 C  CG  . ASN A 1 34 ? -0.703  -0.793  9.201   1.00 9.59  ? 53  ASN A CG  1 
ATOM   251 O  OD1 . ASN A 1 34 ? 0.172   -1.318  9.897   1.00 10.41 ? 53  ASN A OD1 1 
ATOM   252 N  ND2 . ASN A 1 34 ? -0.440  -0.080  8.111   1.00 9.00  ? 53  ASN A ND2 1 
ATOM   253 N  N   . SER A 1 35 ? -4.542  -3.339  10.981  1.00 10.97 ? 54  SER A N   1 
ATOM   254 C  CA  A SER A 1 35 ? -5.825  -3.387  11.676  0.50 11.90 ? 54  SER A CA  1 
ATOM   255 C  CA  B SER A 1 35 ? -5.822  -3.417  11.697  0.50 11.94 ? 54  SER A CA  1 
ATOM   256 C  C   . SER A 1 35 ? -5.726  -3.055  13.169  1.00 12.41 ? 54  SER A C   1 
ATOM   257 O  O   . SER A 1 35 ? -6.575  -2.333  13.690  1.00 12.93 ? 54  SER A O   1 
ATOM   258 C  CB  A SER A 1 35 ? -6.448  -4.767  11.503  0.50 12.77 ? 54  SER A CB  1 
ATOM   259 C  CB  B SER A 1 35 ? -6.399  -4.829  11.604  0.50 12.54 ? 54  SER A CB  1 
ATOM   260 O  OG  A SER A 1 35 ? -5.588  -5.761  12.030  0.50 12.52 ? 54  SER A OG  1 
ATOM   261 O  OG  B SER A 1 35 ? -6.906  -5.075  10.318  0.50 13.73 ? 54  SER A OG  1 
ATOM   262 N  N   . THR A 1 36 ? -4.696  -3.577  13.836  1.00 12.64 ? 55  THR A N   1 
ATOM   263 C  CA  . THR A 1 36 ? -4.502  -3.410  15.282  1.00 15.18 ? 55  THR A CA  1 
ATOM   264 C  C   . THR A 1 36 ? -3.830  -2.129  15.709  1.00 15.44 ? 55  THR A C   1 
ATOM   265 O  O   . THR A 1 36 ? -3.778  -1.833  16.893  1.00 18.34 ? 55  THR A O   1 
ATOM   266 C  CB  . THR A 1 36 ? -3.620  -4.574  15.874  1.00 16.62 ? 55  THR A CB  1 
ATOM   267 O  OG1 . THR A 1 36 ? -2.281  -4.499  15.354  1.00 22.38 ? 55  THR A OG1 1 
ATOM   268 C  CG2 . THR A 1 36 ? -4.196  -5.914  15.546  1.00 19.73 ? 55  THR A CG2 1 
ATOM   269 N  N   . ARG A 1 37 ? -3.319  -1.370  14.745  1.00 13.18 ? 56  ARG A N   1 
ATOM   270 C  CA  A ARG A 1 37 ? -2.547  -0.164  15.039  0.25 13.66 ? 56  ARG A CA  1 
ATOM   271 C  CA  B ARG A 1 37 ? -2.547  -0.161  15.034  0.25 13.90 ? 56  ARG A CA  1 
ATOM   272 C  CA  C ARG A 1 37 ? -2.547  -0.161  15.029  0.50 13.54 ? 56  ARG A CA  1 
ATOM   273 C  C   . ARG A 1 37 ? -3.460  1.040   15.233  1.00 12.70 ? 56  ARG A C   1 
ATOM   274 O  O   . ARG A 1 37 ? -4.543  1.111   14.644  1.00 12.34 ? 56  ARG A O   1 
ATOM   275 C  CB  A ARG A 1 37 ? -1.553  0.133   13.912  0.25 13.68 ? 56  ARG A CB  1 
ATOM   276 C  CB  B ARG A 1 37 ? -1.562  0.136   13.901  0.25 14.25 ? 56  ARG A CB  1 
ATOM   277 C  CB  C ARG A 1 37 ? -1.572  0.137   13.886  0.50 13.20 ? 56  ARG A CB  1 
ATOM   278 C  CG  A ARG A 1 37 ? -0.522  -0.965  13.646  0.25 14.60 ? 56  ARG A CG  1 
ATOM   279 C  CG  B ARG A 1 37 ? -0.589  -0.997  13.595  0.25 16.46 ? 56  ARG A CG  1 
ATOM   280 C  CG  C ARG A 1 37 ? -0.669  -1.033  13.480  0.50 14.78 ? 56  ARG A CG  1 
ATOM   281 C  CD  A ARG A 1 37 ? 0.420   -1.185  14.829  0.25 16.04 ? 56  ARG A CD  1 
ATOM   282 C  CD  B ARG A 1 37 ? 0.242   -1.376  14.811  0.25 19.82 ? 56  ARG A CD  1 
ATOM   283 C  CD  C ARG A 1 37 ? 0.151   -1.533  14.640  0.50 19.50 ? 56  ARG A CD  1 
ATOM   284 N  NE  A ARG A 1 37 ? -0.136  -2.104  15.819  0.25 17.83 ? 56  ARG A NE  1 
ATOM   285 N  NE  B ARG A 1 37 ? 1.057   -2.562  14.560  0.25 22.02 ? 56  ARG A NE  1 
ATOM   286 N  NE  C ARG A 1 37 ? 0.964   -0.463  15.195  0.50 21.17 ? 56  ARG A NE  1 
ATOM   287 N  N   . THR A 1 38 ? -3.003  1.982   16.052  1.00 13.40 ? 57  THR A N   1 
ATOM   288 C  CA  A THR A 1 38 ? -3.689  3.267   16.236  0.50 12.97 ? 57  THR A CA  1 
ATOM   289 C  CA  B THR A 1 38 ? -3.686  3.250   16.262  0.50 13.70 ? 57  THR A CA  1 
ATOM   290 C  C   . THR A 1 38 ? -2.751  4.395   15.860  1.00 12.60 ? 57  THR A C   1 
ATOM   291 O  O   . THR A 1 38 ? -1.536  4.324   16.107  1.00 14.24 ? 57  THR A O   1 
ATOM   292 C  CB  A THR A 1 38 ? -4.180  3.521   17.681  0.50 13.42 ? 57  THR A CB  1 
ATOM   293 C  CB  B THR A 1 38 ? -4.107  3.418   17.734  0.50 15.09 ? 57  THR A CB  1 
ATOM   294 O  OG1 A THR A 1 38 ? -3.080  3.461   18.601  0.50 14.94 ? 57  THR A OG1 1 
ATOM   295 O  OG1 B THR A 1 38 ? -4.572  2.168   18.265  0.50 19.96 ? 57  THR A OG1 1 
ATOM   296 C  CG2 A THR A 1 38 ? -5.279  2.530   18.073  0.50 15.11 ? 57  THR A CG2 1 
ATOM   297 C  CG2 B THR A 1 38 ? -5.217  4.425   17.827  0.50 16.77 ? 57  THR A CG2 1 
ATOM   298 N  N   . GLY A 1 39 ? -3.321  5.443   15.259  1.00 11.11 ? 58  GLY A N   1 
ATOM   299 C  CA  . GLY A 1 39 ? -2.557  6.607   14.848  1.00 11.32 ? 58  GLY A CA  1 
ATOM   300 C  C   . GLY A 1 39 ? -1.804  6.334   13.553  1.00 10.97 ? 58  GLY A C   1 
ATOM   301 O  O   . GLY A 1 39 ? -2.035  5.326   12.882  1.00 10.88 ? 58  GLY A O   1 
ATOM   302 N  N   . VAL A 1 40 ? -0.872  7.217   13.218  1.00 10.30 ? 59  VAL A N   1 
ATOM   303 C  CA  . VAL A 1 40 ? -0.212  7.173   11.933  1.00 10.32 ? 59  VAL A CA  1 
ATOM   304 C  C   . VAL A 1 40 ? 0.904   6.139   11.947  1.00 9.26  ? 59  VAL A C   1 
ATOM   305 O  O   . VAL A 1 40 ? 1.763   6.120   12.837  1.00 11.15 ? 59  VAL A O   1 
ATOM   306 C  CB  . VAL A 1 40 ? 0.245   8.568   11.489  1.00 11.80 ? 59  VAL A CB  1 
ATOM   307 C  CG1 . VAL A 1 40 ? 1.092   8.479   10.250  1.00 13.10 ? 59  VAL A CG1 1 
ATOM   308 C  CG2 . VAL A 1 40 ? -0.966  9.469   11.268  1.00 14.60 ? 59  VAL A CG2 1 
ATOM   309 N  N   . VAL A 1 41 ? 0.890   5.306   10.907  1.00 9.07  ? 60  VAL A N   1 
ATOM   310 C  CA  . VAL A 1 41 ? 1.777   4.158   10.782  1.00 9.59  ? 60  VAL A CA  1 
ATOM   311 C  C   . VAL A 1 41 ? 2.176   3.983   9.320   1.00 8.25  ? 60  VAL A C   1 
ATOM   312 O  O   . VAL A 1 41 ? 1.463   4.423   8.425   1.00 9.54  ? 60  VAL A O   1 
ATOM   313 C  CB  . VAL A 1 41 ? 1.099   2.858   11.337  1.00 9.77  ? 60  VAL A CB  1 
ATOM   314 C  CG1 . VAL A 1 41 ? 0.823   2.948   12.858  1.00 11.58 ? 60  VAL A CG1 1 
ATOM   315 C  CG2 . VAL A 1 41 ? -0.170  2.505   10.548  1.00 10.39 ? 60  VAL A CG2 1 
ATOM   316 N  N   . PRO A 1 42 ? 3.303   3.300   9.059   1.00 9.08  ? 61  PRO A N   1 
ATOM   317 C  CA  . PRO A 1 42 ? 3.667   3.013   7.682   1.00 9.03  ? 61  PRO A CA  1 
ATOM   318 C  C   . PRO A 1 42 ? 2.818   1.920   7.058   1.00 8.04  ? 61  PRO A C   1 
ATOM   319 O  O   . PRO A 1 42 ? 2.291   1.032   7.737   1.00 9.25  ? 61  PRO A O   1 
ATOM   320 C  CB  . PRO A 1 42 ? 5.144   2.580   7.774   1.00 10.34 ? 61  PRO A CB  1 
ATOM   321 C  CG  . PRO A 1 42 ? 5.268   2.052   9.115   1.00 13.42 ? 61  PRO A CG  1 
ATOM   322 C  CD  . PRO A 1 42 ? 4.362   2.876   9.993   1.00 10.26 ? 61  PRO A CD  1 
ATOM   323 N  N   . VAL A 1 43 ? 2.649   2.040   5.752   1.00 8.62  ? 62  VAL A N   1 
ATOM   324 C  CA  . VAL A 1 43 ? 1.919   1.072   4.948   1.00 8.80  ? 62  VAL A CA  1 
ATOM   325 C  C   . VAL A 1 43 ? 2.619   0.900   3.610   1.00 8.76  ? 62  VAL A C   1 
ATOM   326 O  O   . VAL A 1 43 ? 3.089   1.871   3.004   1.00 9.74  ? 62  VAL A O   1 
ATOM   327 C  CB  . VAL A 1 43 ? 0.432   1.510   4.750   1.00 8.91  ? 62  VAL A CB  1 
ATOM   328 C  CG1 . VAL A 1 43 ? 0.312   2.932   4.228   1.00 9.18  ? 62  VAL A CG1 1 
ATOM   329 C  CG2 . VAL A 1 43 ? -0.325  0.522   3.859   1.00 10.33 ? 62  VAL A CG2 1 
ATOM   330 N  N   . THR A 1 44 ? 2.695   -0.356  3.183   1.00 8.87  ? 63  THR A N   1 
ATOM   331 C  CA  . THR A 1 44 ? 3.172   -0.717  1.866   1.00 8.32  ? 63  THR A CA  1 
ATOM   332 C  C   . THR A 1 44 ? 2.031   -1.344  1.093   1.00 8.31  ? 63  THR A C   1 
ATOM   333 O  O   . THR A 1 44 ? 1.324   -2.200  1.625   1.00 9.44  ? 63  THR A O   1 
ATOM   334 C  CB  . THR A 1 44 ? 4.334   -1.688  1.961   1.00 9.96  ? 63  THR A CB  1 
ATOM   335 O  OG1 . THR A 1 44 ? 5.363   -1.068  2.738   1.00 11.12 ? 63  THR A OG1 1 
ATOM   336 C  CG2 . THR A 1 44 ? 4.870   -2.052  0.576   1.00 11.24 ? 63  THR A CG2 1 
ATOM   337 N  N   . VAL A 1 45 ? 1.856   -0.911  -0.140  1.00 8.58  ? 64  VAL A N   1 
ATOM   338 C  CA  . VAL A 1 45 ? 0.881   -1.445  -1.071  1.00 8.90  ? 64  VAL A CA  1 
ATOM   339 C  C   . VAL A 1 45 ? 1.582   -1.961  -2.324  1.00 8.74  ? 64  VAL A C   1 
ATOM   340 O  O   . VAL A 1 45 ? 2.491   -1.314  -2.831  1.00 9.74  ? 64  VAL A O   1 
ATOM   341 C  CB  . VAL A 1 45 ? -0.188  -0.391  -1.448  1.00 8.40  ? 64  VAL A CB  1 
ATOM   342 C  CG1 . VAL A 1 45 ? -1.064  -0.870  -2.626  1.00 10.62 ? 64  VAL A CG1 1 
ATOM   343 C  CG2 . VAL A 1 45 ? -1.038  -0.040  -0.225  1.00 9.70  ? 64  VAL A CG2 1 
ATOM   344 N  N   . VAL A 1 46 ? 1.189   -3.152  -2.788  1.00 8.75  ? 65  VAL A N   1 
ATOM   345 C  CA  . VAL A 1 46 ? 1.495   -3.599  -4.140  1.00 8.88  ? 65  VAL A CA  1 
ATOM   346 C  C   . VAL A 1 46 ? 0.181   -3.665  -4.897  1.00 8.84  ? 65  VAL A C   1 
ATOM   347 O  O   . VAL A 1 46 ? -0.755  -4.329  -4.457  1.00 9.80  ? 65  VAL A O   1 
ATOM   348 C  CB  . VAL A 1 46 ? 2.235   -4.932  -4.190  1.00 9.52  ? 65  VAL A CB  1 
ATOM   349 C  CG1 . VAL A 1 46 ? 2.503   -5.368  -5.659  1.00 10.76 ? 65  VAL A CG1 1 
ATOM   350 C  CG2 . VAL A 1 46 ? 3.518   -4.838  -3.351  1.00 11.11 ? 65  VAL A CG2 1 
ATOM   351 N  N   . TYR A 1 47 ? 0.108   -2.970  -6.022  1.00 9.21  ? 66  TYR A N   1 
ATOM   352 C  CA  . TYR A 1 47 ? -1.085  -2.971  -6.868  1.00 9.94  ? 66  TYR A CA  1 
ATOM   353 C  C   . TYR A 1 47 ? -0.720  -3.290  -8.319  1.00 10.51 ? 66  TYR A C   1 
ATOM   354 O  O   . TYR A 1 47 ? 0.413   -3.099  -8.751  1.00 10.09 ? 66  TYR A O   1 
ATOM   355 C  CB  . TYR A 1 47 ? -1.888  -1.647  -6.716  1.00 10.64 ? 66  TYR A CB  1 
ATOM   356 C  CG  . TYR A 1 47 ? -1.305  -0.451  -7.401  1.00 10.36 ? 66  TYR A CG  1 
ATOM   357 C  CD1 . TYR A 1 47 ? -1.602  -0.177  -8.736  1.00 10.82 ? 66  TYR A CD1 1 
ATOM   358 C  CD2 . TYR A 1 47 ? -0.438  0.401   -6.724  1.00 11.70 ? 66  TYR A CD2 1 
ATOM   359 C  CE1 . TYR A 1 47 ? -1.041  0.914   -9.379  1.00 10.41 ? 66  TYR A CE1 1 
ATOM   360 C  CE2 . TYR A 1 47 ? 0.126   1.516   -7.373  1.00 12.21 ? 66  TYR A CE2 1 
ATOM   361 C  CZ  . TYR A 1 47 ? -0.166  1.753   -8.696  1.00 11.27 ? 66  TYR A CZ  1 
ATOM   362 O  OH  . TYR A 1 47 ? 0.383   2.821   -9.351  1.00 14.48 ? 66  TYR A OH  1 
ATOM   363 N  N   . GLU A 1 48 ? -1.731  -3.740  -9.052  1.00 11.41 ? 67  GLU A N   1 
ATOM   364 C  CA  . GLU A 1 48 ? -1.661  -4.080  -10.473 1.00 11.35 ? 67  GLU A CA  1 
ATOM   365 C  C   . GLU A 1 48 ? -2.432  -3.021  -11.231 1.00 11.43 ? 67  GLU A C   1 
ATOM   366 O  O   . GLU A 1 48 ? -3.573  -2.709  -10.850 1.00 12.90 ? 67  GLU A O   1 
ATOM   367 C  CB  . GLU A 1 48 ? -2.302  -5.450  -10.693 1.00 13.03 ? 67  GLU A CB  1 
ATOM   368 C  CG  . GLU A 1 48 ? -2.381  -5.915  -12.139 1.00 14.25 ? 67  GLU A CG  1 
ATOM   369 C  CD  . GLU A 1 48 ? -3.319  -7.072  -12.356 1.00 15.49 ? 67  GLU A CD  1 
ATOM   370 O  OE1 . GLU A 1 48 ? -4.059  -7.460  -11.428 1.00 18.79 ? 67  GLU A OE1 1 
ATOM   371 O  OE2 . GLU A 1 48 ? -3.314  -7.602  -13.494 1.00 14.89 ? 67  GLU A OE2 1 
ATOM   372 N  N   . ASP A 1 49 ? -1.838  -2.498  -12.298 1.00 11.94 ? 68  ASP A N   1 
ATOM   373 C  CA  . ASP A 1 49 ? -2.523  -1.543  -13.155 1.00 12.54 ? 68  ASP A CA  1 
ATOM   374 C  C   . ASP A 1 49 ? -3.269  -2.250  -14.294 1.00 13.78 ? 68  ASP A C   1 
ATOM   375 O  O   . ASP A 1 49 ? -3.177  -3.460  -14.443 1.00 13.84 ? 68  ASP A O   1 
ATOM   376 C  CB  . ASP A 1 49 ? -1.574  -0.431  -13.632 1.00 14.46 ? 68  ASP A CB  1 
ATOM   377 C  CG  . ASP A 1 49 ? -0.501  -0.882  -14.593 1.00 16.62 ? 68  ASP A CG  1 
ATOM   378 O  OD1 . ASP A 1 49 ? -0.682  -1.866  -15.341 1.00 15.99 ? 68  ASP A OD1 1 
ATOM   379 O  OD2 . ASP A 1 49 ? 0.536   -0.175  -14.635 1.00 15.98 ? 68  ASP A OD2 1 
ATOM   380 N  N   . HIS A 1 50 ? -4.017  -1.495  -15.099 1.00 14.65 ? 69  HIS A N   1 
ATOM   381 C  CA  . HIS A 1 50 ? -4.814  -2.118  -16.172 1.00 16.79 ? 69  HIS A CA  1 
ATOM   382 C  C   . HIS A 1 50 ? -3.964  -2.697  -17.307 1.00 16.60 ? 69  HIS A C   1 
ATOM   383 O  O   . HIS A 1 50 ? -4.439  -3.590  -18.015 1.00 18.86 ? 69  HIS A O   1 
ATOM   384 C  CB  . HIS A 1 50 ? -5.952  -1.191  -16.650 1.00 18.17 ? 69  HIS A CB  1 
ATOM   385 C  CG  . HIS A 1 50 ? -7.104  -1.124  -15.682 1.00 20.29 ? 69  HIS A CG  1 
ATOM   386 N  ND1 . HIS A 1 50 ? -7.224  -0.143  -14.717 1.00 22.75 ? 69  HIS A ND1 1 
ATOM   387 C  CD2 . HIS A 1 50 ? -8.162  -1.955  -15.499 1.00 23.10 ? 69  HIS A CD2 1 
ATOM   388 C  CE1 . HIS A 1 50 ? -8.317  -0.355  -14.007 1.00 23.91 ? 69  HIS A CE1 1 
ATOM   389 N  NE2 . HIS A 1 50 ? -8.903  -1.449  -14.458 1.00 22.42 ? 69  HIS A NE2 1 
ATOM   390 N  N   . SER A 1 51 ? -2.722  -2.229  -17.465 1.00 16.38 ? 70  SER A N   1 
ATOM   391 C  CA  A SER A 1 51 ? -1.795  -2.795  -18.442 0.50 17.18 ? 70  SER A CA  1 
ATOM   392 C  CA  B SER A 1 51 ? -1.798  -2.798  -18.446 0.50 17.15 ? 70  SER A CA  1 
ATOM   393 C  C   . SER A 1 51 ? -1.228  -4.145  -17.972 1.00 15.98 ? 70  SER A C   1 
ATOM   394 O  O   . SER A 1 51 ? -0.721  -4.917  -18.783 1.00 18.64 ? 70  SER A O   1 
ATOM   395 C  CB  A SER A 1 51 ? -0.662  -1.812  -18.753 0.50 18.71 ? 70  SER A CB  1 
ATOM   396 C  CB  B SER A 1 51 ? -0.665  -1.818  -18.789 0.50 18.64 ? 70  SER A CB  1 
ATOM   397 O  OG  A SER A 1 51 ? -1.175  -0.579  -19.235 0.50 22.79 ? 70  SER A OG  1 
ATOM   398 O  OG  B SER A 1 51 ? 0.311   -1.741  -17.765 0.50 21.42 ? 70  SER A OG  1 
ATOM   399 N  N   . GLY A 1 52 ? -1.310  -4.418  -16.659 1.00 15.97 ? 71  GLY A N   1 
ATOM   400 C  CA  . GLY A 1 52 ? -0.818  -5.652  -16.045 1.00 14.59 ? 71  GLY A CA  1 
ATOM   401 C  C   . GLY A 1 52 ? 0.485   -5.529  -15.268 1.00 13.56 ? 71  GLY A C   1 
ATOM   402 O  O   . GLY A 1 52 ? 0.995   -6.523  -14.748 1.00 13.48 ? 71  GLY A O   1 
ATOM   403 N  N   . GLU A 1 53 ? 1.019   -4.312  -15.190 1.00 13.56 ? 72  GLU A N   1 
ATOM   404 C  CA  . GLU A 1 53 ? 2.236   -4.052  -14.442 1.00 13.03 ? 72  GLU A CA  1 
ATOM   405 C  C   . GLU A 1 53 ? 1.967   -3.901  -12.945 1.00 12.02 ? 72  GLU A C   1 
ATOM   406 O  O   . GLU A 1 53 ? 0.925   -3.374  -12.556 1.00 12.69 ? 72  GLU A O   1 
ATOM   407 C  CB  . GLU A 1 53 ? 2.899   -2.778  -14.996 1.00 14.86 ? 72  GLU A CB  1 
ATOM   408 C  CG  . GLU A 1 53 ? 3.376   -2.944  -16.470 1.00 19.55 ? 72  GLU A CG  1 
ATOM   409 C  CD  . GLU A 1 53 ? 4.491   -3.939  -16.564 1.00 20.08 ? 72  GLU A CD  1 
ATOM   410 O  OE1 . GLU A 1 53 ? 5.300   -3.978  -15.628 1.00 28.17 ? 72  GLU A OE1 1 
ATOM   411 O  OE2 . GLU A 1 53 ? 4.575   -4.689  -17.549 1.00 19.04 ? 72  GLU A OE2 1 
ATOM   412 N  N   . LEU A 1 54 ? 2.929   -4.341  -12.131 1.00 12.21 ? 73  LEU A N   1 
ATOM   413 C  CA  . LEU A 1 54 ? 2.881   -4.211  -10.675 1.00 11.48 ? 73  LEU A CA  1 
ATOM   414 C  C   . LEU A 1 54 ? 3.662   -3.000  -10.207 1.00 11.22 ? 73  LEU A C   1 
ATOM   415 O  O   . LEU A 1 54 ? 4.636   -2.594  -10.825 1.00 13.46 ? 73  LEU A O   1 
ATOM   416 C  CB  . LEU A 1 54 ? 3.414   -5.465  -9.999  1.00 11.98 ? 73  LEU A CB  1 
ATOM   417 C  CG  . LEU A 1 54 ? 2.715   -6.775  -10.362 1.00 13.03 ? 73  LEU A CG  1 
ATOM   418 C  CD1 . LEU A 1 54 ? 3.265   -7.907  -9.512  1.00 13.85 ? 73  LEU A CD1 1 
ATOM   419 C  CD2 . LEU A 1 54 ? 1.199   -6.703  -10.238 1.00 14.01 ? 73  LEU A CD2 1 
ATOM   420 N  N   . HIS A 1 55 ? 3.209   -2.448  -9.084  1.00 10.94 ? 74  HIS A N   1 
ATOM   421 C  CA  . HIS A 1 55 ? 3.792   -1.250  -8.497  1.00 11.21 ? 74  HIS A CA  1 
ATOM   422 C  C   . HIS A 1 55 ? 3.815   -1.387  -6.983  1.00 10.42 ? 74  HIS A C   1 
ATOM   423 O  O   . HIS A 1 55 ? 2.787   -1.760  -6.398  1.00 10.85 ? 74  HIS A O   1 
ATOM   424 C  CB  . HIS A 1 55 ? 2.935   -0.028  -8.841  1.00 12.05 ? 74  HIS A CB  1 
ATOM   425 C  CG  . HIS A 1 55 ? 2.723   0.174   -10.308 1.00 11.88 ? 74  HIS A CG  1 
ATOM   426 N  ND1 . HIS A 1 55 ? 3.531   0.989   -11.064 1.00 19.44 ? 74  HIS A ND1 1 
ATOM   427 C  CD2 . HIS A 1 55 ? 1.798   -0.326  -11.162 1.00 12.80 ? 74  HIS A CD2 1 
ATOM   428 C  CE1 . HIS A 1 55 ? 3.118   0.980   -12.323 1.00 20.83 ? 74  HIS A CE1 1 
ATOM   429 N  NE2 . HIS A 1 55 ? 2.072   0.181   -12.409 1.00 16.73 ? 74  HIS A NE2 1 
ATOM   430 N  N   . LYS A 1 56 ? 4.970   -1.149  -6.374  1.00 9.25  ? 75  LYS A N   1 
ATOM   431 C  CA  . LYS A 1 56 ? 5.123   -1.112  -4.924  1.00 9.51  ? 75  LYS A CA  1 
ATOM   432 C  C   . LYS A 1 56 ? 5.289   0.330   -4.477  1.00 8.47  ? 75  LYS A C   1 
ATOM   433 O  O   . LYS A 1 56 ? 6.175   1.038   -4.975  1.00 9.38  ? 75  LYS A O   1 
ATOM   434 C  CB  . LYS A 1 56 ? 6.346   -1.922  -4.495  1.00 9.44  ? 75  LYS A CB  1 
ATOM   435 C  CG  . LYS A 1 56 ? 6.660   -1.919  -2.982  1.00 10.38 ? 75  LYS A CG  1 
ATOM   436 C  CD  . LYS A 1 56 ? 8.012   -2.623  -2.666  1.00 12.15 ? 75  LYS A CD  1 
ATOM   437 C  CE  . LYS A 1 56 ? 7.929   -4.114  -2.731  1.00 12.56 ? 75  LYS A CE  1 
ATOM   438 N  NZ  . LYS A 1 56 ? 9.251   -4.756  -2.725  1.00 13.85 ? 75  LYS A NZ  1 
ATOM   439 N  N   . ILE A 1 57 ? 4.468   0.741   -3.519  1.00 8.58  ? 76  ILE A N   1 
ATOM   440 C  CA  . ILE A 1 57 ? 4.506   2.096   -2.942  1.00 8.29  ? 76  ILE A CA  1 
ATOM   441 C  C   . ILE A 1 57 ? 4.495   1.970   -1.421  1.00 8.58  ? 76  ILE A C   1 
ATOM   442 O  O   . ILE A 1 57 ? 3.934   1.015   -0.876  1.00 9.80  ? 76  ILE A O   1 
ATOM   443 C  CB  . ILE A 1 57 ? 3.364   2.979   -3.466  1.00 9.38  ? 76  ILE A CB  1 
ATOM   444 C  CG1 . ILE A 1 57 ? 2.003   2.296   -3.290  1.00 9.91  ? 76  ILE A CG1 1 
ATOM   445 C  CG2 . ILE A 1 57 ? 3.613   3.335   -4.950  1.00 11.41 ? 76  ILE A CG2 1 
ATOM   446 C  CD1 . ILE A 1 57 ? 0.795   3.194   -3.559  1.00 12.28 ? 76  ILE A CD1 1 
ATOM   447 N  N   . ARG A 1 58 ? 5.172   2.886   -0.746  1.00 8.98  ? 77  ARG A N   1 
ATOM   448 C  CA  A ARG A 1 58 ? 5.192   2.910   0.707   0.50 8.93  ? 77  ARG A CA  1 
ATOM   449 C  CA  B ARG A 1 58 ? 5.240   2.912   0.716   0.50 10.00 ? 77  ARG A CA  1 
ATOM   450 C  C   . ARG A 1 58 ? 4.999   4.332   1.201   1.00 9.07  ? 77  ARG A C   1 
ATOM   451 O  O   . ARG A 1 58 ? 5.579   5.281   0.663   1.00 10.67 ? 77  ARG A O   1 
ATOM   452 C  CB  A ARG A 1 58 ? 6.451   2.262   1.278   0.50 9.08  ? 77  ARG A CB  1 
ATOM   453 C  CB  B ARG A 1 58 ? 6.574   2.363   1.237   0.50 12.12 ? 77  ARG A CB  1 
ATOM   454 C  CG  A ARG A 1 58 ? 6.420   2.076   2.797   0.50 8.10  ? 77  ARG A CG  1 
ATOM   455 C  CG  B ARG A 1 58 ? 6.773   2.506   2.759   0.50 14.65 ? 77  ARG A CG  1 
ATOM   456 C  CD  A ARG A 1 58 ? 7.607   1.297   3.353   0.50 8.83  ? 77  ARG A CD  1 
ATOM   457 C  CD  B ARG A 1 58 ? 7.987   1.761   3.310   0.50 20.15 ? 77  ARG A CD  1 
ATOM   458 N  NE  A ARG A 1 58 ? 8.875   1.791   2.836   0.50 12.54 ? 77  ARG A NE  1 
ATOM   459 N  NE  B ARG A 1 58 ? 9.208   1.921   2.520   0.50 25.05 ? 77  ARG A NE  1 
ATOM   460 C  CZ  A ARG A 1 58 ? 9.692   1.093   2.043   0.50 10.64 ? 77  ARG A CZ  1 
ATOM   461 C  CZ  B ARG A 1 58 ? 10.056  2.940   2.618   0.50 28.62 ? 77  ARG A CZ  1 
ATOM   462 N  NH1 A ARG A 1 58 ? 9.393   -0.162  1.650   0.50 12.03 ? 77  ARG A NH1 1 
ATOM   463 N  NH1 B ARG A 1 58 ? 9.823   3.945   3.454   0.50 31.69 ? 77  ARG A NH1 1 
ATOM   464 N  NH2 A ARG A 1 58 ? 10.803  1.672   1.635   0.50 10.24 ? 77  ARG A NH2 1 
ATOM   465 N  NH2 B ARG A 1 58 ? 11.139  2.967   1.855   0.50 32.57 ? 77  ARG A NH2 1 
ATOM   466 N  N   . PHE A 1 59 ? 4.142   4.466   2.209   1.00 8.52  ? 78  PHE A N   1 
ATOM   467 C  CA  . PHE A 1 59 ? 3.650   5.775   2.624   1.00 8.54  ? 78  PHE A CA  1 
ATOM   468 C  C   . PHE A 1 59 ? 3.098   5.636   4.050   1.00 8.51  ? 78  PHE A C   1 
ATOM   469 O  O   . PHE A 1 59 ? 3.448   4.667   4.744   1.00 10.02 ? 78  PHE A O   1 
ATOM   470 C  CB  . PHE A 1 59 ? 2.643   6.318   1.568   1.00 9.37  ? 78  PHE A CB  1 
ATOM   471 C  CG  . PHE A 1 59 ? 1.510   5.372   1.250   1.00 8.68  ? 78  PHE A CG  1 
ATOM   472 C  CD1 . PHE A 1 59 ? 1.681   4.319   0.366   1.00 10.96 ? 78  PHE A CD1 1 
ATOM   473 C  CD2 . PHE A 1 59 ? 0.256   5.565   1.797   1.00 9.12  ? 78  PHE A CD2 1 
ATOM   474 C  CE1 . PHE A 1 59 ? 0.650   3.435   0.091   1.00 10.59 ? 78  PHE A CE1 1 
ATOM   475 C  CE2 . PHE A 1 59 ? -0.790  4.698   1.511   1.00 10.51 ? 78  PHE A CE2 1 
ATOM   476 C  CZ  . PHE A 1 59 ? -0.586  3.624   0.637   1.00 11.30 ? 78  PHE A CZ  1 
ATOM   477 N  N   . LEU A 1 60 ? 2.286   6.590   4.490   1.00 8.95  ? 79  LEU A N   1 
ATOM   478 C  CA  . LEU A 1 60 ? 1.732   6.597   5.843   1.00 9.63  ? 79  LEU A CA  1 
ATOM   479 C  C   . LEU A 1 60 ? 0.223   6.559   5.780   1.00 9.53  ? 79  LEU A C   1 
ATOM   480 O  O   . LEU A 1 60 ? -0.391  7.083   4.843   1.00 9.71  ? 79  LEU A O   1 
ATOM   481 C  CB  . LEU A 1 60 ? 2.136   7.879   6.581   1.00 11.04 ? 79  LEU A CB  1 
ATOM   482 C  CG  . LEU A 1 60 ? 3.631   8.093   6.781   1.00 13.22 ? 79  LEU A CG  1 
ATOM   483 C  CD1 . LEU A 1 60 ? 3.863   9.529   7.275   1.00 17.57 ? 79  LEU A CD1 1 
ATOM   484 C  CD2 . LEU A 1 60 ? 4.220   7.034   7.731   1.00 14.87 ? 79  LEU A CD2 1 
ATOM   485 N  N   . GLU A 1 61 ? -0.378  5.938   6.795   1.00 8.80  ? 80  GLU A N   1 
ATOM   486 C  CA  . GLU A 1 61 ? -1.826  5.912   6.940   1.00 7.72  ? 80  GLU A CA  1 
ATOM   487 C  C   . GLU A 1 61 ? -2.192  5.867   8.411   1.00 8.45  ? 80  GLU A C   1 
ATOM   488 O  O   . GLU A 1 61 ? -1.334  5.646   9.268   1.00 10.30 ? 80  GLU A O   1 
ATOM   489 C  CB  . GLU A 1 61 ? -2.401  4.714   6.206   1.00 8.32  ? 80  GLU A CB  1 
ATOM   490 C  CG  . GLU A 1 61 ? -2.117  3.375   6.880   1.00 9.07  ? 80  GLU A CG  1 
ATOM   491 C  CD  . GLU A 1 61 ? -2.760  2.186   6.171   1.00 9.34  ? 80  GLU A CD  1 
ATOM   492 O  OE1 . GLU A 1 61 ? -3.405  2.348   5.108   1.00 10.54 ? 80  GLU A OE1 1 
ATOM   493 O  OE2 . GLU A 1 61 ? -2.621  1.047   6.670   1.00 10.52 ? 80  GLU A OE2 1 
ATOM   494 N  N   . TRP A 1 62 ? -3.467  6.047   8.694   1.00 8.26  ? 81  TRP A N   1 
ATOM   495 C  CA  . TRP A 1 62 ? -3.965  5.863   10.047  1.00 7.77  ? 81  TRP A CA  1 
ATOM   496 C  C   . TRP A 1 62 ? -4.291  4.379   10.260  1.00 8.72  ? 81  TRP A C   1 
ATOM   497 O  O   . TRP A 1 62 ? -4.870  3.732   9.390   1.00 9.20  ? 81  TRP A O   1 
ATOM   498 C  CB  . TRP A 1 62 ? -5.191  6.709   10.288  1.00 9.18  ? 81  TRP A CB  1 
ATOM   499 C  CG  . TRP A 1 62 ? -4.888  8.166   10.310  1.00 8.87  ? 81  TRP A CG  1 
ATOM   500 C  CD1 . TRP A 1 62 ? -4.499  8.946   9.261   1.00 11.01 ? 81  TRP A CD1 1 
ATOM   501 C  CD2 . TRP A 1 62 ? -4.897  9.031   11.461  1.00 9.07  ? 81  TRP A CD2 1 
ATOM   502 N  NE1 . TRP A 1 62 ? -4.317  10.237  9.665   1.00 11.18 ? 81  TRP A NE1 1 
ATOM   503 C  CE2 . TRP A 1 62 ? -4.541  10.319  11.009  1.00 10.11 ? 81  TRP A CE2 1 
ATOM   504 C  CE3 . TRP A 1 62 ? -5.193  8.846   12.818  1.00 10.69 ? 81  TRP A CE3 1 
ATOM   505 C  CZ2 . TRP A 1 62 ? -4.461  11.420  11.869  1.00 12.79 ? 81  TRP A CZ2 1 
ATOM   506 C  CZ3 . TRP A 1 62 ? -5.110  9.948   13.676  1.00 13.73 ? 81  TRP A CZ3 1 
ATOM   507 C  CH2 . TRP A 1 62 ? -4.748  11.212  13.190  1.00 12.93 ? 81  TRP A CH2 1 
ATOM   508 N  N   . GLY A 1 63 ? -3.882  3.853   11.401  1.00 8.63  ? 82  GLY A N   1 
ATOM   509 C  CA  . GLY A 1 63 ? -4.148  2.470   11.741  1.00 8.98  ? 82  GLY A CA  1 
ATOM   510 C  C   . GLY A 1 63 ? -5.631  2.173   11.839  1.00 8.64  ? 82  GLY A C   1 
ATOM   511 O  O   . GLY A 1 63 ? -6.465  3.076   11.941  1.00 9.18  ? 82  GLY A O   1 
ATOM   512 N  N   . GLY A 1 64 ? -5.949  0.893   11.805  1.00 8.86  ? 83  GLY A N   1 
ATOM   513 C  CA  . GLY A 1 64 ? -7.316  0.446   11.766  1.00 10.18 ? 83  GLY A CA  1 
ATOM   514 C  C   . GLY A 1 64 ? -8.082  0.480   13.067  1.00 11.11 ? 83  GLY A C   1 
ATOM   515 O  O   . GLY A 1 64 ? -9.274  0.232   13.038  1.00 13.03 ? 83  GLY A O   1 
ATOM   516 N  N   . SER A 1 65 ? -7.424  0.801   14.182  1.00 11.03 ? 84  SER A N   1 
ATOM   517 C  CA  . SER A 1 65 ? -8.055  0.788   15.499  1.00 12.32 ? 84  SER A CA  1 
ATOM   518 C  C   . SER A 1 65 ? -8.222  2.183   16.098  1.00 11.47 ? 84  SER A C   1 
ATOM   519 O  O   . SER A 1 65 ? -7.517  3.114   15.761  1.00 13.30 ? 84  SER A O   1 
ATOM   520 C  CB  . SER A 1 65 ? -7.243  -0.079  16.453  1.00 13.54 ? 84  SER A CB  1 
ATOM   521 O  OG  . SER A 1 65 ? -7.385  -1.453  16.121  1.00 16.91 ? 84  SER A OG  1 
ATOM   522 N  N   . THR A 1 66 ? -9.195  2.298   16.998  1.00 13.49 ? 85  THR A N   1 
ATOM   523 C  CA  . THR A 1 66 ? -9.342  3.440   17.882  1.00 13.65 ? 85  THR A CA  1 
ATOM   524 C  C   . THR A 1 66 ? -8.689  3.085   19.224  1.00 14.59 ? 85  THR A C   1 
ATOM   525 O  O   . THR A 1 66 ? -8.301  1.926   19.452  1.00 16.78 ? 85  THR A O   1 
ATOM   526 C  CB  . THR A 1 66 ? -10.838 3.807   18.051  1.00 14.64 ? 85  THR A CB  1 
ATOM   527 O  OG1 . THR A 1 66 ? -11.548 2.647   18.454  1.00 20.08 ? 85  THR A OG1 1 
ATOM   528 C  CG2 . THR A 1 66 ? -11.452 4.265   16.743  1.00 15.36 ? 85  THR A CG2 1 
ATOM   529 N  N   . SER A 1 67 ? -8.551  4.087   20.085  1.00 15.28 ? 86  SER A N   1 
ATOM   530 C  CA  . SER A 1 67 ? -7.949  3.924   21.411  1.00 19.99 ? 86  SER A CA  1 
ATOM   531 C  C   . SER A 1 67 ? -8.990  3.424   22.407  1.00 25.77 ? 86  SER A C   1 
ATOM   532 O  O   . SER A 1 67 ? -10.207 3.525   22.168  1.00 29.59 ? 86  SER A O   1 
ATOM   533 C  CB  . SER A 1 67 ? -7.384  5.252   21.890  1.00 23.41 ? 86  SER A CB  1 
ATOM   534 O  OG  . SER A 1 67 ? -6.504  5.794   20.932  1.00 21.65 ? 86  SER A OG  1 
HETATM 535 C  C1  . GOL B 2 .  ? -5.140  9.071   -1.656  1.00 32.00 ? 101 GOL A C1  1 
HETATM 536 O  O1  . GOL B 2 .  ? -4.904  9.292   -3.037  1.00 33.06 ? 101 GOL A O1  1 
HETATM 537 C  C2  . GOL B 2 .  ? -4.039  8.151   -1.179  1.00 31.56 ? 101 GOL A C2  1 
HETATM 538 O  O2  . GOL B 2 .  ? -2.837  8.804   -1.477  1.00 32.29 ? 101 GOL A O2  1 
HETATM 539 C  C3  . GOL B 2 .  ? -4.024  7.754   0.296   1.00 26.65 ? 101 GOL A C3  1 
HETATM 540 O  O3  . GOL B 2 .  ? -2.730  7.315   0.697   1.00 19.48 ? 101 GOL A O3  1 
HETATM 541 O  O   . HOH C 3 .  ? -4.916  -2.803  7.482   1.00 16.41 ? 201 HOH A O   1 
HETATM 542 O  O   . HOH C 3 .  ? -3.937  4.306   3.240   1.00 9.35  ? 202 HOH A O   1 
HETATM 543 O  O   . HOH C 3 .  ? 2.660   -0.385  10.022  1.00 12.03 ? 203 HOH A O   1 
HETATM 544 O  O   . HOH C 3 .  ? -2.695  6.802   3.381   1.00 11.27 ? 204 HOH A O   1 
HETATM 545 O  O   . HOH C 3 .  ? -2.434  -5.187  12.660  1.00 21.44 ? 205 HOH A O   1 
HETATM 546 O  O   . HOH C 3 .  ? -6.982  -4.994  -17.533 1.00 19.44 ? 206 HOH A O   1 
HETATM 547 O  O   . HOH C 3 .  ? 2.522   3.966   -8.283  1.00 18.36 ? 207 HOH A O   1 
HETATM 548 O  O   . HOH C 3 .  ? 6.418   4.962   -2.294  1.00 15.26 ? 208 HOH A O   1 
HETATM 549 O  O   . HOH C 3 .  ? -0.325  9.348   15.228  1.00 21.53 ? 209 HOH A O   1 
HETATM 550 O  O   . HOH C 3 .  ? -3.987  -6.017  -15.579 1.00 17.05 ? 210 HOH A O   1 
HETATM 551 O  O   . HOH C 3 .  ? -6.407  -1.077  8.908   1.00 22.05 ? 211 HOH A O   1 
HETATM 552 O  O   . HOH C 3 .  ? -4.726  1.082   8.558   1.00 19.21 ? 212 HOH A O   1 
HETATM 553 O  O   . HOH C 3 .  ? 3.664   15.102  -2.475  1.00 21.88 ? 213 HOH A O   1 
HETATM 554 O  O   . HOH C 3 .  ? -3.595  13.333  -9.524  1.00 21.82 ? 214 HOH A O   1 
HETATM 555 O  O   . HOH C 3 .  ? 0.629   14.925  -2.900  1.00 22.36 ? 215 HOH A O   1 
HETATM 556 O  O   . HOH C 3 .  ? -3.819  7.437   -4.840  1.00 26.29 ? 216 HOH A O   1 
HETATM 557 O  O   . HOH C 3 .  ? -0.762  3.767   -11.723 1.00 18.48 ? 217 HOH A O   1 
HETATM 558 O  O   . HOH C 3 .  ? 2.981   -0.161  12.757  1.00 15.82 ? 218 HOH A O   1 
HETATM 559 O  O   . HOH C 3 .  ? 1.256   -6.955  7.204   1.00 22.07 ? 219 HOH A O   1 
HETATM 560 O  O   . HOH C 3 .  ? -5.598  -8.768  -14.371 1.00 21.65 ? 220 HOH A O   1 
HETATM 561 O  O   . HOH C 3 .  ? 2.854   6.479   -7.618  1.00 25.36 ? 221 HOH A O   1 
HETATM 562 O  O   . HOH C 3 .  ? 2.831   12.541  -0.547  1.00 19.93 ? 222 HOH A O   1 
HETATM 563 O  O   . HOH C 3 .  ? -4.123  -10.108 -10.952 1.00 30.90 ? 223 HOH A O   1 
HETATM 564 O  O   . HOH C 3 .  ? 5.321   -0.103  5.357   1.00 24.02 ? 224 HOH A O   1 
HETATM 565 O  O   . HOH C 3 .  ? 4.505   -2.445  9.784   1.00 24.25 ? 225 HOH A O   1 
HETATM 566 O  O   . HOH C 3 .  ? 13.131  -9.635  -3.862  1.00 24.03 ? 226 HOH A O   1 
HETATM 567 O  O   . HOH C 3 .  ? 6.468   5.267   5.066   1.00 25.41 ? 227 HOH A O   1 
HETATM 568 O  O   . HOH C 3 .  ? -9.669  -8.418  -16.367 1.00 24.18 ? 228 HOH A O   1 
HETATM 569 O  O   . HOH C 3 .  ? 6.451   -9.354  -7.691  1.00 19.91 ? 229 HOH A O   1 
HETATM 570 O  O   . HOH C 3 .  ? -0.694  -8.038  4.860   1.00 20.65 ? 230 HOH A O   1 
HETATM 571 O  O   . HOH C 3 .  ? -7.637  14.776  0.954   1.00 25.74 ? 231 HOH A O   1 
HETATM 572 O  O   . HOH C 3 .  ? 1.029   5.434   15.496  1.00 19.93 ? 232 HOH A O   1 
HETATM 573 O  O   . HOH C 3 .  ? 6.333   -13.469 -6.537  1.00 29.05 ? 233 HOH A O   1 
HETATM 574 O  O   . HOH C 3 .  ? -1.896  12.788  -11.461 1.00 28.83 ? 234 HOH A O   1 
HETATM 575 O  O   . HOH C 3 .  ? -3.004  -11.067 -3.853  1.00 38.27 ? 235 HOH A O   1 
HETATM 576 O  O   . HOH C 3 .  ? 0.196   2.654   -14.111 1.00 27.97 ? 236 HOH A O   1 
HETATM 577 O  O   . HOH C 3 .  ? 5.221   -11.559 -8.281  1.00 26.88 ? 237 HOH A O   1 
HETATM 578 O  O   . HOH C 3 .  ? -7.987  3.396   -10.493 1.00 36.57 ? 238 HOH A O   1 
HETATM 579 O  O   . HOH C 3 .  ? 3.263   -2.853  13.057  1.00 33.22 ? 239 HOH A O   1 
HETATM 580 O  O   . HOH C 3 .  ? 5.894   -3.621  12.166  1.00 32.10 ? 240 HOH A O   1 
HETATM 581 O  O   . HOH C 3 .  ? 5.981   7.998   0.880   1.00 26.16 ? 241 HOH A O   1 
HETATM 582 O  O   . HOH C 3 .  ? -0.312  1.300   17.185  1.00 25.93 ? 242 HOH A O   1 
HETATM 583 O  O   . HOH C 3 .  ? -4.064  -8.183  12.469  1.00 37.00 ? 243 HOH A O   1 
HETATM 584 O  O   . HOH C 3 .  ? -6.827  -11.060 -13.610 1.00 33.55 ? 244 HOH A O   1 
HETATM 585 O  O   . HOH C 3 .  ? -11.431 -8.013  -18.489 1.00 38.14 ? 245 HOH A O   1 
HETATM 586 O  O   . HOH C 3 .  ? 5.569   -2.058  7.098   1.00 22.38 ? 246 HOH A O   1 
HETATM 587 O  O   . HOH C 3 .  ? 7.358   -0.757  -8.054  1.00 12.97 ? 247 HOH A O   1 
HETATM 588 O  O   . HOH C 3 .  ? 7.573   7.991   -2.547  1.00 36.35 ? 248 HOH A O   1 
HETATM 589 O  O   . HOH C 3 .  ? 6.973   9.975   -0.812  1.00 34.24 ? 249 HOH A O   1 
HETATM 590 O  O   . HOH C 3 .  ? 7.684   10.563  -3.334  1.00 39.27 ? 250 HOH A O   1 
HETATM 591 O  O   . HOH C 3 .  ? 1.238   -3.542  11.511  1.00 30.07 ? 251 HOH A O   1 
HETATM 592 O  O   . HOH C 3 .  ? -2.000  -0.407  18.965  1.00 41.21 ? 252 HOH A O   1 
HETATM 593 O  O   . HOH C 3 .  ? -6.003  4.850   14.147  1.00 11.06 ? 253 HOH A O   1 
HETATM 594 O  O   . HOH C 3 .  ? 0.071   -3.878  -21.656 1.00 30.73 ? 254 HOH A O   1 
HETATM 595 O  O   B HOH C 3 .  ? -1.409  8.400   -4.582  0.50 17.51 ? 255 HOH A O   1 
HETATM 596 O  O   B HOH C 3 .  ? 1.205   8.198   -5.729  0.50 16.99 ? 256 HOH A O   1 
HETATM 597 O  O   . HOH C 3 .  ? 9.751   5.928   -8.935  1.00 25.01 ? 257 HOH A O   1 
HETATM 598 O  O   . HOH C 3 .  ? 3.663   -10.035 0.893   1.00 35.82 ? 258 HOH A O   1 
HETATM 599 O  O   . HOH C 3 .  ? -1.894  0.882   -16.920 1.00 34.77 ? 259 HOH A O   1 
HETATM 600 O  O   . HOH C 3 .  ? 2.154   0.265   -16.747 1.00 33.60 ? 260 HOH A O   1 
HETATM 601 O  O   . HOH C 3 .  ? 4.552   0.910   -15.526 1.00 37.25 ? 261 HOH A O   1 
HETATM 602 O  O   . HOH C 3 .  ? 2.786   6.651   -10.352 1.00 47.55 ? 262 HOH A O   1 
HETATM 603 O  O   . HOH C 3 .  ? -0.154  6.241   -12.357 1.00 42.43 ? 263 HOH A O   1 
HETATM 604 O  O   . HOH C 3 .  ? -11.158 -2.205  -12.950 1.00 39.35 ? 264 HOH A O   1 
HETATM 605 O  O   . HOH C 3 .  ? -9.279  -10.062 -8.489  1.00 43.78 ? 265 HOH A O   1 
HETATM 606 O  O   . HOH C 3 .  ? 11.205  9.151   -9.208  1.00 35.09 ? 266 HOH A O   1 
HETATM 607 O  O   . HOH C 3 .  ? 11.564  3.188   -8.122  1.00 41.95 ? 267 HOH A O   1 
# 
loop_
_atom_site_anisotrop.id 
_atom_site_anisotrop.type_symbol 
_atom_site_anisotrop.pdbx_label_atom_id 
_atom_site_anisotrop.pdbx_label_alt_id 
_atom_site_anisotrop.pdbx_label_comp_id 
_atom_site_anisotrop.pdbx_label_asym_id 
_atom_site_anisotrop.pdbx_label_seq_id 
_atom_site_anisotrop.pdbx_PDB_ins_code 
_atom_site_anisotrop.U[1][1] 
_atom_site_anisotrop.U[2][2] 
_atom_site_anisotrop.U[3][3] 
_atom_site_anisotrop.U[1][2] 
_atom_site_anisotrop.U[1][3] 
_atom_site_anisotrop.U[2][3] 
_atom_site_anisotrop.pdbx_auth_seq_id 
_atom_site_anisotrop.pdbx_auth_comp_id 
_atom_site_anisotrop.pdbx_auth_asym_id 
_atom_site_anisotrop.pdbx_auth_atom_id 
1   N  N   . LYS A 6  ? 0.4936 0.5012 0.4997 -0.0207 -0.0030 -0.0016 25  LYS A N   
2   C  CA  . LYS A 6  ? 0.4957 0.4904 0.5011 -0.0225 -0.0092 -0.0056 25  LYS A CA  
3   C  C   . LYS A 6  ? 0.4498 0.4504 0.4616 -0.0129 0.0201  0.0001  25  LYS A C   
4   O  O   . LYS A 6  ? 0.4778 0.4778 0.4427 -0.0211 0.0296  0.0053  25  LYS A O   
5   N  N   . ASP A 7  ? 0.4287 0.3835 0.4068 -0.0040 0.0122  0.0124  26  ASP A N   
6   C  CA  A ASP A 7  ? 0.3619 0.3542 0.3605 0.0057  0.0092  0.0251  26  ASP A CA  
7   C  CA  B ASP A 7  ? 0.3729 0.3619 0.3681 0.0037  0.0091  0.0269  26  ASP A CA  
8   C  C   . ASP A 7  ? 0.2952 0.3109 0.3220 0.0146  0.0154  0.0197  26  ASP A C   
9   O  O   . ASP A 7  ? 0.2417 0.2207 0.3194 0.0138  0.0141  0.0462  26  ASP A O   
10  C  CB  A ASP A 7  ? 0.3790 0.3570 0.3671 0.0067  0.0005  0.0127  26  ASP A CB  
11  C  CB  B ASP A 7  ? 0.3950 0.3812 0.3894 0.0045  -0.0018 0.0208  26  ASP A CB  
12  C  CG  A ASP A 7  ? 0.3895 0.3587 0.3749 0.0046  0.0070  0.0051  26  ASP A CG  
13  C  CG  B ASP A 7  ? 0.4343 0.4158 0.4102 0.0046  0.0151  0.0102  26  ASP A CG  
14  O  OD1 A ASP A 7  ? 0.2974 0.2646 0.2082 -0.0709 -0.0135 -0.0634 26  ASP A OD1 
15  O  OD1 B ASP A 7  ? 0.4966 0.4667 0.4585 -0.0402 -0.0151 0.0006  26  ASP A OD1 
16  O  OD2 A ASP A 7  ? 0.4324 0.4449 0.4429 0.0182  -0.0170 -0.0016 26  ASP A OD2 
17  O  OD2 B ASP A 7  ? 0.4512 0.4952 0.4574 0.0010  -0.0144 0.0106  26  ASP A OD2 
18  N  N   . PRO A 8  ? 0.2355 0.2600 0.2548 0.0014  0.0265  0.0191  27  PRO A N   
19  C  CA  . PRO A 8  ? 0.2038 0.2258 0.2424 -0.0023 0.0161  0.0033  27  PRO A CA  
20  C  C   . PRO A 8  ? 0.1944 0.1933 0.2101 0.0079  0.0021  -0.0002 27  PRO A C   
21  O  O   . PRO A 8  ? 0.2245 0.2202 0.1974 -0.0062 -0.0275 -0.0059 27  PRO A O   
22  C  CB  . PRO A 8  ? 0.2010 0.2620 0.2836 0.0032  -0.0113 0.0072  27  PRO A CB  
23  C  CG  . PRO A 8  ? 0.2580 0.2921 0.2991 0.0264  0.0135  0.0033  27  PRO A CG  
24  C  CD  . PRO A 8  ? 0.2299 0.2794 0.2315 -0.0234 0.0260  0.0170  27  PRO A CD  
25  N  N   . GLY A 9  ? 0.2007 0.2390 0.1898 0.0015  0.0154  -0.0060 28  GLY A N   
26  C  CA  . GLY A 9  ? 0.1955 0.2460 0.2041 0.0048  -0.0030 -0.0052 28  GLY A CA  
27  C  C   . GLY A 9  ? 0.1977 0.2493 0.1668 0.0069  -0.0018 -0.0047 28  GLY A C   
28  O  O   . GLY A 9  ? 0.1970 0.2398 0.1447 0.0069  -0.0017 -0.0317 28  GLY A O   
29  N  N   . ARG A 10 ? 0.1960 0.2345 0.1844 0.0116  0.0085  0.0355  29  ARG A N   
30  C  CA  . ARG A 10 ? 0.2146 0.2425 0.2355 0.0169  0.0267  0.0311  29  ARG A CA  
31  C  C   . ARG A 10 ? 0.1675 0.1843 0.1849 0.0175  0.0018  0.0311  29  ARG A C   
32  O  O   . ARG A 10 ? 0.2112 0.1954 0.1917 -0.0006 -0.0175 -0.0154 29  ARG A O   
33  C  CB  . ARG A 10 ? 0.2467 0.2479 0.2871 0.0286  0.0359  0.0235  29  ARG A CB  
34  C  CG  . ARG A 10 ? 0.2615 0.2609 0.3180 0.0108  0.0316  -0.0007 29  ARG A CG  
35  C  CD  . ARG A 10 ? 0.3196 0.2740 0.3215 -0.0139 -0.0029 0.0051  29  ARG A CD  
36  N  NE  . ARG A 10 ? 0.3319 0.3471 0.3345 -0.0088 0.0138  0.0228  29  ARG A NE  
37  C  CZ  . ARG A 10 ? 0.3918 0.3696 0.4074 0.0154  0.0052  0.0118  29  ARG A CZ  
38  N  NH1 . ARG A 10 ? 0.3928 0.4185 0.3890 0.0044  -0.0275 0.0135  29  ARG A NH1 
39  N  NH2 . ARG A 10 ? 0.3765 0.3968 0.4349 0.0176  0.0003  0.0343  29  ARG A NH2 
40  N  N   . GLY A 11 ? 0.1750 0.1627 0.1500 -0.0032 -0.0024 0.0397  30  GLY A N   
41  C  CA  . GLY A 11 ? 0.1596 0.1600 0.1412 0.0058  0.0176  0.0219  30  GLY A CA  
42  C  C   . GLY A 11 ? 0.1631 0.1490 0.1428 0.0190  0.0200  0.0071  30  GLY A C   
43  O  O   . GLY A 11 ? 0.2267 0.2081 0.1625 0.0475  0.0458  0.0151  30  GLY A O   
44  N  N   . LEU A 12 ? 0.1695 0.1533 0.0979 0.0156  0.0216  -0.0097 31  LEU A N   
45  C  CA  . LEU A 12 ? 0.1505 0.1444 0.1327 0.0117  0.0112  -0.0167 31  LEU A CA  
46  C  C   . LEU A 12 ? 0.1705 0.1217 0.1455 0.0106  0.0173  -0.0159 31  LEU A C   
47  O  O   . LEU A 12 ? 0.2049 0.1542 0.1431 -0.0027 -0.0017 -0.0186 31  LEU A O   
48  C  CB  . LEU A 12 ? 0.1602 0.1622 0.1517 0.0067  0.0070  -0.0176 31  LEU A CB  
49  C  CG  . LEU A 12 ? 0.1783 0.1415 0.1272 -0.0098 0.0033  -0.0209 31  LEU A CG  
50  C  CD1 . LEU A 12 ? 0.1369 0.1935 0.1566 -0.0143 0.0073  -0.0005 31  LEU A CD1 
51  C  CD2 . LEU A 12 ? 0.2074 0.1997 0.1174 -0.0261 0.0032  -0.0021 31  LEU A CD2 
52  N  N   . PRO A 13 ? 0.1584 0.1420 0.1464 -0.0032 0.0067  -0.0145 32  PRO A N   
53  C  CA  . PRO A 13 ? 0.1793 0.1690 0.1612 0.0021  0.0082  -0.0266 32  PRO A CA  
54  C  C   . PRO A 13 ? 0.1470 0.1510 0.1665 0.0008  0.0048  -0.0131 32  PRO A C   
55  O  O   . PRO A 13 ? 0.1745 0.1553 0.1715 0.0167  -0.0282 -0.0052 32  PRO A O   
56  C  CB  . PRO A 13 ? 0.1861 0.1856 0.2103 -0.0284 0.0274  -0.0165 32  PRO A CB  
57  C  CG  . PRO A 13 ? 0.2323 0.2058 0.2074 -0.0112 0.0407  0.0109  32  PRO A CG  
58  C  CD  . PRO A 13 ? 0.2092 0.1702 0.1556 0.0087  0.0237  0.0118  32  PRO A CD  
59  N  N   . VAL A 14 ? 0.1480 0.1584 0.1656 -0.0082 -0.0070 -0.0217 33  VAL A N   
60  C  CA  . VAL A 14 ? 0.1604 0.1312 0.1565 -0.0127 0.0155  0.0045  33  VAL A CA  
61  C  C   . VAL A 14 ? 0.1497 0.1421 0.1518 -0.0264 0.0118  -0.0037 33  VAL A C   
62  O  O   . VAL A 14 ? 0.1623 0.2309 0.2137 -0.0614 0.0110  0.0463  33  VAL A O   
63  C  CB  . VAL A 14 ? 0.1893 0.1562 0.1476 -0.0031 0.0020  -0.0063 33  VAL A CB  
64  C  CG1 . VAL A 14 ? 0.2499 0.1891 0.1957 0.0283  0.0081  -0.0129 33  VAL A CG1 
65  C  CG2 . VAL A 14 ? 0.2747 0.1730 0.2011 -0.0140 -0.0268 0.0194  33  VAL A CG2 
66  N  N   . GLU A 15 ? 0.1648 0.1000 0.1559 0.0015  0.0245  0.0278  34  GLU A N   
67  C  CA  . GLU A 15 ? 0.1801 0.1009 0.1722 -0.0112 0.0090  0.0184  34  GLU A CA  
68  C  C   . GLU A 15 ? 0.1501 0.1216 0.1562 -0.0005 0.0190  0.0228  34  GLU A C   
69  O  O   . GLU A 15 ? 0.2194 0.1083 0.1667 0.0177  0.0588  0.0407  34  GLU A O   
70  C  CB  . GLU A 15 ? 0.2537 0.1652 0.2119 0.0151  -0.0208 0.0296  34  GLU A CB  
71  C  CG  . GLU A 15 ? 0.2535 0.2282 0.2279 0.0109  0.0102  0.0219  34  GLU A CG  
72  C  CD  . GLU A 15 ? 0.2993 0.2739 0.2742 -0.0229 -0.0086 -0.0234 34  GLU A CD  
73  O  OE1 . GLU A 15 ? 0.2505 0.3316 0.3061 0.0098  -0.0041 -0.0193 34  GLU A OE1 
74  O  OE2 . GLU A 15 ? 0.3118 0.3362 0.2537 -0.0064 -0.0391 -0.0419 34  GLU A OE2 
75  N  N   . GLU A 16 ? 0.1729 0.1048 0.1428 0.0034  0.0409  0.0147  35  GLU A N   
76  C  CA  . GLU A 16 ? 0.1597 0.1062 0.1528 -0.0070 0.0180  -0.0028 35  GLU A CA  
77  C  C   . GLU A 16 ? 0.1754 0.1256 0.1807 0.0014  0.0053  0.0087  35  GLU A C   
78  O  O   . GLU A 16 ? 0.2015 0.1759 0.1844 -0.0139 0.0201  0.0060  35  GLU A O   
79  C  CB  . GLU A 16 ? 0.1825 0.1282 0.1682 -0.0197 0.0349  -0.0013 35  GLU A CB  
80  C  CG  . GLU A 16 ? 0.1769 0.1417 0.1715 -0.0013 0.0471  -0.0032 35  GLU A CG  
81  C  CD  . GLU A 16 ? 0.1721 0.1028 0.1939 -0.0018 0.0406  0.0111  35  GLU A CD  
82  O  OE1 . GLU A 16 ? 0.1956 0.1338 0.2610 -0.0004 0.0682  0.0152  35  GLU A OE1 
83  O  OE2 . GLU A 16 ? 0.1445 0.0903 0.1682 -0.0092 0.0121  0.0088  35  GLU A OE2 
84  N  N   . TYR A 17 ? 0.1702 0.1433 0.1984 0.0034  0.0266  0.0202  36  TYR A N   
85  C  CA  A TYR A 17 ? 0.1701 0.0984 0.1706 -0.0129 0.0316  0.0356  36  TYR A CA  
86  C  CA  B TYR A 17 ? 0.1815 0.1374 0.1970 -0.0020 0.0285  0.0232  36  TYR A CA  
87  C  C   . TYR A 17 ? 0.1837 0.1390 0.1658 0.0044  0.0295  0.0150  36  TYR A C   
88  O  O   . TYR A 17 ? 0.2308 0.2324 0.2092 0.0473  -0.0036 -0.0090 36  TYR A O   
89  C  CB  A TYR A 17 ? 0.1587 0.0770 0.1374 -0.0218 0.0289  0.0390  36  TYR A CB  
90  C  CB  B TYR A 17 ? 0.1811 0.1451 0.1972 0.0039  0.0103  0.0249  36  TYR A CB  
91  C  CG  A TYR A 17 ? 0.1555 0.0545 0.1581 0.0233  0.0078  0.0019  36  TYR A CG  
92  C  CG  B TYR A 17 ? 0.1854 0.1521 0.1857 0.0169  0.0077  0.0258  36  TYR A CG  
93  C  CD1 A TYR A 17 ? 0.1167 0.1234 0.1593 -0.0276 0.0274  -0.0100 36  TYR A CD1 
94  C  CD1 B TYR A 17 ? 0.1651 0.1802 0.1456 -0.0145 0.0326  0.0628  36  TYR A CD1 
95  C  CD2 A TYR A 17 ? 0.1819 0.1358 0.1890 0.0013  0.0285  0.0410  36  TYR A CD2 
96  C  CD2 B TYR A 17 ? 0.2154 0.1443 0.1987 -0.0203 0.0323  0.0449  36  TYR A CD2 
97  C  CE1 A TYR A 17 ? 0.1305 0.1250 0.1559 0.0153  -0.0021 0.0187  36  TYR A CE1 
98  C  CE1 B TYR A 17 ? 0.1727 0.1524 0.1534 0.0024  0.0151  0.0385  36  TYR A CE1 
99  C  CE2 A TYR A 17 ? 0.1429 0.1349 0.1328 -0.0338 0.0392  0.0372  36  TYR A CE2 
100 C  CE2 B TYR A 17 ? 0.1768 0.1473 0.1315 -0.0248 0.0139  0.0290  36  TYR A CE2 
101 C  CZ  A TYR A 17 ? 0.1473 0.0898 0.1668 0.0095  0.0213  0.0312  36  TYR A CZ  
102 C  CZ  B TYR A 17 ? 0.1737 0.1220 0.1598 0.0014  0.0150  0.0273  36  TYR A CZ  
103 O  OH  A TYR A 17 ? 0.1790 0.0837 0.2735 -0.0191 0.0154  0.0692  36  TYR A OH  
104 O  OH  B TYR A 17 ? 0.1565 0.1461 0.2248 0.0151  0.0409  0.0207  36  TYR A OH  
105 N  N   . HIS A 18 ? 0.1621 0.1291 0.1424 -0.0071 0.0411  0.0093  37  HIS A N   
106 C  CA  . HIS A 18 ? 0.1577 0.1051 0.1440 -0.0025 0.0210  0.0140  37  HIS A CA  
107 C  C   . HIS A 18 ? 0.1584 0.1215 0.1519 -0.0024 0.0253  0.0088  37  HIS A C   
108 O  O   . HIS A 18 ? 0.1767 0.1006 0.1540 0.0006  0.0435  0.0135  37  HIS A O   
109 C  CB  . HIS A 18 ? 0.1465 0.0888 0.1475 -0.0040 0.0239  0.0168  37  HIS A CB  
110 C  CG  . HIS A 18 ? 0.1374 0.1088 0.1439 0.0032  0.0273  0.0176  37  HIS A CG  
111 N  ND1 . HIS A 18 ? 0.1547 0.1273 0.1672 -0.0197 0.0282  0.0168  37  HIS A ND1 
112 C  CD2 . HIS A 18 ? 0.1516 0.0895 0.1538 0.0077  0.0245  0.0139  37  HIS A CD2 
113 C  CE1 . HIS A 18 ? 0.1516 0.1312 0.1501 -0.0375 0.0261  0.0015  37  HIS A CE1 
114 N  NE2 . HIS A 18 ? 0.1396 0.1168 0.1519 -0.0080 0.0125  0.0017  37  HIS A NE2 
115 N  N   . TYR A 19 ? 0.1690 0.1587 0.1416 0.0293  0.0074  0.0204  38  TYR A N   
116 C  CA  . TYR A 19 ? 0.1872 0.2056 0.1708 0.0307  0.0332  0.0051  38  TYR A CA  
117 C  C   . TYR A 19 ? 0.2271 0.2044 0.1586 0.0517  0.0454  -0.0137 38  TYR A C   
118 O  O   . TYR A 19 ? 0.2932 0.2190 0.1879 0.0996  0.0480  0.0224  38  TYR A O   
119 C  CB  . TYR A 19 ? 0.1814 0.1899 0.1639 0.0148  0.0262  0.0113  38  TYR A CB  
120 C  CG  . TYR A 19 ? 0.1734 0.1937 0.1873 -0.0036 0.0309  0.0090  38  TYR A CG  
121 C  CD1 . TYR A 19 ? 0.1808 0.1744 0.1777 -0.0017 0.0090  0.0177  38  TYR A CD1 
122 C  CD2 . TYR A 19 ? 0.1922 0.1698 0.1938 -0.0057 0.0317  0.0131  38  TYR A CD2 
123 C  CE1 . TYR A 19 ? 0.1751 0.1615 0.2043 -0.0151 0.0073  0.0636  38  TYR A CE1 
124 C  CE2 . TYR A 19 ? 0.1576 0.1217 0.1958 0.0138  0.0125  0.0274  38  TYR A CE2 
125 C  CZ  . TYR A 19 ? 0.1408 0.1298 0.1973 -0.0237 0.0117  -0.0099 38  TYR A CZ  
126 O  OH  . TYR A 19 ? 0.1793 0.1386 0.2395 -0.0016 0.0516  0.0086  38  TYR A OH  
127 N  N   . GLY A 20 ? 0.2458 0.2902 0.2055 0.0614  0.0176  -0.0173 39  GLY A N   
128 C  CA  . GLY A 20 ? 0.2661 0.3050 0.2358 0.0571  -0.0102 -0.0259 39  GLY A CA  
129 C  C   . GLY A 20 ? 0.2661 0.2896 0.2432 0.0587  -0.0013 -0.0270 39  GLY A C   
130 O  O   . GLY A 20 ? 0.3235 0.3097 0.2535 0.0870  -0.0219 -0.0380 39  GLY A O   
131 N  N   . MSE A 21 ? 0.2501 0.2608 0.2047 0.0356  0.0000  -0.0173 40  MSE A N   
132 C  CA  A MSE A 21 ? 0.2747 0.2338 0.2145 0.0129  -0.0068 -0.0128 40  MSE A CA  
133 C  CA  B MSE A 21 ? 0.2698 0.2332 0.2148 0.0155  -0.0056 -0.0129 40  MSE A CA  
134 C  C   . MSE A 21 ? 0.2797 0.1989 0.2247 0.0054  0.0156  -0.0069 40  MSE A C   
135 O  O   . MSE A 21 ? 0.3244 0.1711 0.2459 -0.0054 0.0396  -0.0029 40  MSE A O   
136 C  CB  A MSE A 21 ? 0.2758 0.2618 0.2290 -0.0078 0.0032  -0.0078 40  MSE A CB  
137 C  CB  B MSE A 21 ? 0.2664 0.2657 0.2255 -0.0051 -0.0007 -0.0017 40  MSE A CB  
138 C  CG  A MSE A 21 ? 0.3314 0.2766 0.2537 -0.0090 -0.0281 -0.0143 40  MSE A CG  
139 C  CG  B MSE A 21 ? 0.2583 0.2647 0.2772 0.0125  -0.0031 -0.0404 40  MSE A CG  
140 SE SE  A MSE A 21 ? 0.3680 0.2629 0.3287 -0.0501 0.0966  -0.0400 40  MSE A SE  
141 SE SE  B MSE A 21 ? 0.2398 0.2232 0.2265 -0.0608 -0.0471 0.0065  40  MSE A SE  
142 C  CE  A MSE A 21 ? 0.3010 0.2647 0.2477 0.0165  0.0439  -0.0669 40  MSE A CE  
143 C  CE  B MSE A 21 ? 0.2455 0.1179 0.2271 -0.0201 0.0117  -0.0294 40  MSE A CE  
144 N  N   . GLN A 22 ? 0.2793 0.1804 0.2462 0.0049  -0.0141 -0.0010 41  GLN A N   
145 C  CA  . GLN A 22 ? 0.2709 0.2097 0.2799 0.0058  -0.0184 -0.0157 41  GLN A CA  
146 C  C   . GLN A 22 ? 0.2441 0.2079 0.2659 0.0107  -0.0030 0.0003  41  GLN A C   
147 O  O   . GLN A 22 ? 0.2953 0.2070 0.2413 -0.0004 0.0010  0.0069  41  GLN A O   
148 C  CB  . GLN A 22 ? 0.2829 0.2569 0.3084 0.0245  -0.0344 0.0160  41  GLN A CB  
149 N  N   . LEU A 23 ? 0.2458 0.1974 0.2778 -0.0060 0.0191  -0.0131 42  LEU A N   
150 C  CA  . LEU A 23 ? 0.2347 0.1951 0.2350 -0.0007 0.0051  -0.0212 42  LEU A CA  
151 C  C   . LEU A 23 ? 0.2285 0.2315 0.2475 0.0026  0.0003  -0.0292 42  LEU A C   
152 O  O   . LEU A 23 ? 0.2387 0.2416 0.3373 0.0124  -0.0264 -0.0808 42  LEU A O   
153 C  CB  . LEU A 23 ? 0.2454 0.2015 0.2124 -0.0156 0.0135  0.0001  42  LEU A CB  
154 C  CG  . LEU A 23 ? 0.2685 0.1643 0.1961 0.0002  -0.0046 0.0192  42  LEU A CG  
155 C  CD1 . LEU A 23 ? 0.3440 0.2197 0.1930 0.0163  0.0110  0.0572  42  LEU A CD1 
156 C  CD2 . LEU A 23 ? 0.2508 0.2322 0.2304 0.0074  0.0105  0.0202  42  LEU A CD2 
157 N  N   . ASP A 24 ? 0.2385 0.2272 0.2111 0.0055  0.0102  -0.0227 43  ASP A N   
158 C  CA  . ASP A 24 ? 0.2474 0.1958 0.2239 0.0144  0.0033  0.0017  43  ASP A CA  
159 C  C   . ASP A 24 ? 0.2386 0.1943 0.2085 0.0154  0.0084  0.0128  43  ASP A C   
160 O  O   . ASP A 24 ? 0.2989 0.2245 0.2323 0.0511  0.0276  0.0150  43  ASP A O   
161 C  CB  . ASP A 24 ? 0.2670 0.2041 0.2275 -0.0016 -0.0019 -0.0056 43  ASP A CB  
162 C  CG  . ASP A 24 ? 0.3215 0.2945 0.2403 -0.0067 -0.0464 -0.0538 43  ASP A CG  
163 O  OD1 . ASP A 24 ? 0.3682 0.3982 0.3728 -0.0169 -0.0395 -0.0768 43  ASP A OD1 
164 O  OD2 . ASP A 24 ? 0.3391 0.2668 0.2526 0.0627  -0.0782 0.0101  43  ASP A OD2 
165 N  N   . VAL A 25 ? 0.1993 0.1463 0.2043 0.0309  -0.0116 -0.0042 44  VAL A N   
166 C  CA  . VAL A 25 ? 0.1830 0.1554 0.2001 0.0192  -0.0065 -0.0025 44  VAL A CA  
167 C  C   . VAL A 25 ? 0.1709 0.1757 0.2280 0.0302  -0.0190 -0.0238 44  VAL A C   
168 O  O   . VAL A 25 ? 0.1869 0.2022 0.3151 0.0355  -0.0216 -0.0563 44  VAL A O   
169 C  CB  . VAL A 25 ? 0.1712 0.1812 0.1900 0.0242  -0.0208 -0.0096 44  VAL A CB  
170 C  CG1 . VAL A 25 ? 0.1925 0.1857 0.1958 -0.0049 -0.0056 -0.0125 44  VAL A CG1 
171 C  CG2 . VAL A 25 ? 0.2399 0.1839 0.2120 -0.0068 -0.0117 -0.0278 44  VAL A CG2 
172 N  N   . LYS A 26 ? 0.1466 0.1484 0.2021 0.0140  -0.0139 -0.0198 45  LYS A N   
173 C  CA  . LYS A 26 ? 0.1377 0.1637 0.2015 0.0045  -0.0157 -0.0199 45  LYS A CA  
174 C  C   . LYS A 26 ? 0.1427 0.1762 0.1802 0.0120  -0.0139 -0.0359 45  LYS A C   
175 O  O   . LYS A 26 ? 0.1570 0.2356 0.2122 0.0006  -0.0047 -0.0290 45  LYS A O   
176 C  CB  . LYS A 26 ? 0.1519 0.1920 0.1743 0.0108  -0.0003 -0.0081 45  LYS A CB  
177 C  CG  . LYS A 26 ? 0.1992 0.1987 0.2007 0.0187  -0.0266 -0.0410 45  LYS A CG  
178 C  CD  . LYS A 26 ? 0.2040 0.2191 0.1729 0.0027  -0.0180 -0.0502 45  LYS A CD  
179 C  CE  . LYS A 26 ? 0.2512 0.2567 0.2209 -0.0041 -0.0255 -0.0699 45  LYS A CE  
180 N  NZ  . LYS A 26 ? 0.2228 0.2367 0.2215 0.0160  0.0048  -0.0669 45  LYS A NZ  
181 N  N   . ASN A 27 ? 0.1429 0.1684 0.1534 0.0126  -0.0133 -0.0244 46  ASN A N   
182 C  CA  . ASN A 27 ? 0.1462 0.1734 0.1641 -0.0013 0.0052  -0.0275 46  ASN A CA  
183 C  C   . ASN A 27 ? 0.1573 0.1443 0.1599 0.0012  -0.0060 -0.0267 46  ASN A C   
184 O  O   . ASN A 27 ? 0.1495 0.2119 0.1461 -0.0346 0.0034  -0.0360 46  ASN A O   
185 C  CB  . ASN A 27 ? 0.1719 0.1664 0.1588 -0.0144 0.0017  -0.0258 46  ASN A CB  
186 C  CG  . ASN A 27 ? 0.1716 0.1881 0.2383 -0.0309 -0.0187 -0.0297 46  ASN A CG  
187 O  OD1 . ASN A 27 ? 0.1962 0.2913 0.2989 -0.0483 0.0096  -0.0462 46  ASN A OD1 
188 N  ND2 . ASN A 27 ? 0.2259 0.2454 0.2522 -0.0055 -0.0343 -0.0472 46  ASN A ND2 
189 N  N   . VAL A 28 ? 0.1398 0.1483 0.1536 -0.0264 0.0163  -0.0063 47  VAL A N   
190 C  CA  . VAL A 28 ? 0.1355 0.1208 0.1507 -0.0199 0.0136  0.0081  47  VAL A CA  
191 C  C   . VAL A 28 ? 0.1327 0.1105 0.1686 -0.0324 0.0140  -0.0094 47  VAL A C   
192 O  O   . VAL A 28 ? 0.1485 0.1553 0.2494 -0.0474 0.0345  0.0015  47  VAL A O   
193 C  CB  . VAL A 28 ? 0.1503 0.1547 0.1579 -0.0120 0.0247  0.0040  47  VAL A CB  
194 C  CG1 . VAL A 28 ? 0.1428 0.1786 0.1591 -0.0175 0.0077  0.0018  47  VAL A CG1 
195 C  CG2 . VAL A 28 ? 0.1762 0.1536 0.1891 0.0104  0.0278  -0.0098 47  VAL A CG2 
196 N  N   . LEU A 29 ? 0.1131 0.1329 0.1384 -0.0167 0.0079  -0.0218 48  LEU A N   
197 C  CA  . LEU A 29 ? 0.1306 0.1327 0.1580 -0.0099 0.0127  -0.0160 48  LEU A CA  
198 C  C   . LEU A 29 ? 0.1285 0.1206 0.1549 -0.0130 0.0232  -0.0085 48  LEU A C   
199 O  O   . LEU A 29 ? 0.2043 0.1262 0.1657 -0.0257 0.0062  0.0057  48  LEU A O   
200 C  CB  . LEU A 29 ? 0.1523 0.1251 0.1634 0.0015  0.0183  -0.0040 48  LEU A CB  
201 C  CG  . LEU A 29 ? 0.2029 0.2194 0.1617 -0.0066 0.0257  -0.0292 48  LEU A CG  
202 C  CD1 . LEU A 29 ? 0.2387 0.2954 0.2036 0.0178  0.0452  -0.0541 48  LEU A CD1 
203 C  CD2 . LEU A 29 ? 0.2644 0.2457 0.2403 -0.0005 -0.0140 -0.0217 48  LEU A CD2 
204 N  N   . HIS A 30 ? 0.1558 0.1111 0.1395 -0.0155 0.0132  -0.0145 49  HIS A N   
205 C  CA  . HIS A 30 ? 0.1381 0.1079 0.1513 -0.0076 0.0158  0.0005  49  HIS A CA  
206 C  C   . HIS A 30 ? 0.1329 0.0944 0.1160 -0.0062 0.0155  -0.0064 49  HIS A C   
207 O  O   . HIS A 30 ? 0.1432 0.0896 0.1293 -0.0210 0.0091  0.0121  49  HIS A O   
208 C  CB  . HIS A 30 ? 0.1529 0.1265 0.1582 -0.0020 0.0289  0.0058  49  HIS A CB  
209 C  CG  . HIS A 30 ? 0.1364 0.1297 0.1864 -0.0031 0.0087  0.0123  49  HIS A CG  
210 N  ND1 . HIS A 30 ? 0.2034 0.1946 0.1967 -0.0125 -0.0260 -0.0026 49  HIS A ND1 
211 C  CD2 . HIS A 30 ? 0.1567 0.0912 0.1816 -0.0248 0.0087  0.0407  49  HIS A CD2 
212 C  CE1 . HIS A 30 ? 0.1687 0.1185 0.1910 -0.0150 -0.0332 -0.0135 49  HIS A CE1 
213 N  NE2 . HIS A 30 ? 0.2316 0.2182 0.2100 0.0032  -0.0430 -0.0021 49  HIS A NE2 
214 N  N   . ARG A 31 ? 0.1399 0.0995 0.1208 -0.0110 0.0135  -0.0031 50  ARG A N   
215 C  CA  . ARG A 31 ? 0.1227 0.1004 0.1264 -0.0193 0.0039  -0.0075 50  ARG A CA  
216 C  C   . ARG A 31 ? 0.1225 0.0806 0.0987 -0.0105 0.0154  -0.0041 50  ARG A C   
217 O  O   . ARG A 31 ? 0.1419 0.0919 0.1343 -0.0302 0.0089  0.0156  50  ARG A O   
218 C  CB  . ARG A 31 ? 0.1401 0.0852 0.1152 -0.0260 0.0046  -0.0089 50  ARG A CB  
219 C  CG  . ARG A 31 ? 0.1442 0.0477 0.1344 -0.0290 0.0069  0.0028  50  ARG A CG  
220 C  CD  . ARG A 31 ? 0.1159 0.1041 0.1256 -0.0007 0.0139  0.0341  50  ARG A CD  
221 N  NE  . ARG A 31 ? 0.1195 0.1133 0.1334 -0.0070 -0.0090 0.0087  50  ARG A NE  
222 C  CZ  . ARG A 31 ? 0.1185 0.1083 0.1409 0.0142  -0.0026 -0.0047 50  ARG A CZ  
223 N  NH1 . ARG A 31 ? 0.1279 0.0821 0.1684 -0.0042 -0.0191 0.0343  50  ARG A NH1 
224 N  NH2 . ARG A 31 ? 0.1371 0.1208 0.1623 0.0005  -0.0262 0.0189  50  ARG A NH2 
225 N  N   . THR A 32 ? 0.1250 0.0952 0.1147 -0.0212 0.0034  0.0085  51  THR A N   
226 C  CA  . THR A 32 ? 0.1267 0.1040 0.1191 0.0000  -0.0029 0.0138  51  THR A CA  
227 C  C   . THR A 32 ? 0.1338 0.1053 0.1142 -0.0019 -0.0002 0.0210  51  THR A C   
228 O  O   . THR A 32 ? 0.1229 0.1088 0.1351 0.0044  0.0053  0.0164  51  THR A O   
229 C  CB  . THR A 32 ? 0.1433 0.1076 0.1252 -0.0099 -0.0011 0.0128  51  THR A CB  
230 O  OG1 . THR A 32 ? 0.1371 0.1241 0.1283 -0.0301 -0.0184 0.0332  51  THR A OG1 
231 C  CG2 . THR A 32 ? 0.1366 0.1641 0.1209 0.0107  -0.0252 0.0274  51  THR A CG2 
232 N  N   . ASP A 33 ? 0.1386 0.0862 0.1299 -0.0110 0.0076  0.0221  52  ASP A N   
233 C  CA  A ASP A 33 ? 0.1473 0.1111 0.1423 -0.0057 0.0215  0.0174  52  ASP A CA  
234 C  CA  B ASP A 33 ? 0.1552 0.1191 0.1515 -0.0062 0.0232  0.0161  52  ASP A CA  
235 C  C   . ASP A 33 ? 0.1435 0.1354 0.1357 0.0010  0.0333  0.0097  52  ASP A C   
236 O  O   . ASP A 33 ? 0.1940 0.1299 0.1523 0.0279  0.0179  0.0145  52  ASP A O   
237 C  CB  A ASP A 33 ? 0.1810 0.0995 0.1542 -0.0041 0.0328  0.0198  52  ASP A CB  
238 C  CB  B ASP A 33 ? 0.1887 0.1077 0.1710 -0.0187 0.0216  0.0244  52  ASP A CB  
239 C  CG  A ASP A 33 ? 0.1590 0.1439 0.1584 -0.0223 -0.0054 0.0250  52  ASP A CG  
240 C  CG  B ASP A 33 ? 0.1809 0.2016 0.2196 0.0090  0.0352  0.0131  52  ASP A CG  
241 O  OD1 A ASP A 33 ? 0.1621 0.1419 0.1535 -0.0177 0.0223  0.0480  52  ASP A OD1 
242 O  OD1 B ASP A 33 ? 0.1918 0.1358 0.1984 -0.0116 0.0438  0.0342  52  ASP A OD1 
243 O  OD2 A ASP A 33 ? 0.1912 0.1262 0.1807 -0.0151 0.0445  0.0316  52  ASP A OD2 
244 O  OD2 B ASP A 33 ? 0.2880 0.2366 0.2559 0.0099  0.0304  0.0524  52  ASP A OD2 
245 N  N   . ASN A 34 ? 0.1283 0.1191 0.1449 0.0050  0.0285  0.0228  53  ASN A N   
246 C  CA  . ASN A 34 ? 0.1189 0.1130 0.1295 0.0102  0.0148  0.0222  53  ASN A CA  
247 C  C   . ASN A 34 ? 0.1180 0.0960 0.1448 -0.0024 0.0184  0.0212  53  ASN A C   
248 O  O   . ASN A 34 ? 0.1450 0.1022 0.1436 0.0030  0.0366  0.0060  53  ASN A O   
249 C  CB  . ASN A 34 ? 0.1197 0.1206 0.1119 0.0012  0.0169  0.0065  53  ASN A CB  
250 C  CG  . ASN A 34 ? 0.1315 0.0993 0.1334 -0.0027 0.0101  -0.0010 53  ASN A CG  
251 O  OD1 . ASN A 34 ? 0.1357 0.1294 0.1304 -0.0105 0.0046  0.0446  53  ASN A OD1 
252 N  ND2 . ASN A 34 ? 0.1208 0.0996 0.1214 0.0057  0.0200  0.0150  53  ASN A ND2 
253 N  N   . SER A 35 ? 0.1391 0.1136 0.1637 -0.0190 0.0368  0.0159  54  SER A N   
254 C  CA  A SER A 35 ? 0.1377 0.1355 0.1787 -0.0027 0.0311  0.0020  54  SER A CA  
255 C  CA  B SER A 35 ? 0.1370 0.1408 0.1758 -0.0043 0.0293  0.0000  54  SER A CA  
256 C  C   . SER A 35 ? 0.1546 0.1440 0.1727 -0.0140 0.0244  0.0124  54  SER A C   
257 O  O   . SER A 35 ? 0.1596 0.1514 0.1800 -0.0139 0.0435  0.0094  54  SER A O   
258 C  CB  A SER A 35 ? 0.1420 0.1548 0.1884 -0.0154 0.0289  -0.0019 54  SER A CB  
259 C  CB  B SER A 35 ? 0.1377 0.1593 0.1793 -0.0159 0.0244  -0.0040 54  SER A CB  
260 O  OG  A SER A 35 ? 0.1615 0.1281 0.1859 -0.0139 0.0688  0.0299  54  SER A OG  
261 O  OG  B SER A 35 ? 0.1724 0.2003 0.1489 -0.0445 0.0432  -0.0131 54  SER A OG  
262 N  N   . THR A 36 ? 0.1584 0.1399 0.1817 -0.0078 0.0397  0.0224  55  THR A N   
263 C  CA  . THR A 36 ? 0.1996 0.1894 0.1878 0.0015  0.0231  0.0317  55  THR A CA  
264 C  C   . THR A 36 ? 0.2069 0.2019 0.1778 0.0032  0.0214  0.0129  55  THR A C   
265 O  O   . THR A 36 ? 0.2948 0.2479 0.1537 -0.0383 0.0134  0.0402  55  THR A O   
266 C  CB  . THR A 36 ? 0.2298 0.2006 0.2010 0.0060  0.0066  0.0503  55  THR A CB  
267 O  OG1 . THR A 36 ? 0.2491 0.2724 0.3287 0.0164  -0.0057 0.0842  55  THR A OG1 
268 C  CG2 . THR A 36 ? 0.2841 0.1994 0.2659 0.0003  -0.0137 0.0169  55  THR A CG2 
269 N  N   . ARG A 37 ? 0.1756 0.1760 0.1490 -0.0021 0.0083  0.0169  56  ARG A N   
270 C  CA  A ARG A 37 ? 0.1666 0.1843 0.1678 -0.0017 0.0043  0.0078  56  ARG A CA  
271 C  CA  B ARG A 37 ? 0.1698 0.1863 0.1719 -0.0016 0.0041  0.0073  56  ARG A CA  
272 C  CA  C ARG A 37 ? 0.1561 0.1887 0.1692 -0.0041 0.0054  0.0079  56  ARG A CA  
273 C  C   . ARG A 37 ? 0.1559 0.1761 0.1506 -0.0029 0.0052  0.0145  56  ARG A C   
274 O  O   . ARG A 37 ? 0.1397 0.1973 0.1317 -0.0026 0.0041  0.0190  56  ARG A O   
275 C  CB  A ARG A 37 ? 0.1702 0.1833 0.1663 -0.0095 0.0059  0.0127  56  ARG A CB  
276 C  CB  B ARG A 37 ? 0.1776 0.1909 0.1727 -0.0107 0.0062  0.0129  56  ARG A CB  
277 C  CB  C ARG A 37 ? 0.1591 0.1809 0.1614 -0.0171 0.0079  0.0193  56  ARG A CB  
278 C  CG  A ARG A 37 ? 0.1876 0.1877 0.1792 -0.0037 -0.0017 0.0051  56  ARG A CG  
279 C  CG  B ARG A 37 ? 0.2080 0.2072 0.2101 0.0003  0.0031  0.0018  56  ARG A CG  
280 C  CG  C ARG A 37 ? 0.1838 0.1951 0.1827 -0.0073 -0.0023 0.0094  56  ARG A CG  
281 C  CD  A ARG A 37 ? 0.1890 0.2079 0.2126 -0.0029 -0.0099 0.0110  56  ARG A CD  
282 C  CD  B ARG A 37 ? 0.2417 0.2617 0.2493 0.0060  -0.0131 0.0129  56  ARG A CD  
283 C  CD  C ARG A 37 ? 0.2298 0.2613 0.2494 0.0259  -0.0174 0.0250  56  ARG A CD  
284 N  NE  A ARG A 37 ? 0.2177 0.2395 0.2204 -0.0032 0.0242  0.0179  56  ARG A NE  
285 N  NE  B ARG A 37 ? 0.2781 0.2785 0.2801 0.0158  -0.0076 -0.0148 56  ARG A NE  
286 N  NE  C ARG A 37 ? 0.2621 0.2708 0.2714 0.0340  -0.0146 -0.0208 56  ARG A NE  
287 N  N   . THR A 38 ? 0.1810 0.1799 0.1481 0.0057  -0.0118 0.0133  57  THR A N   
288 C  CA  A THR A 38 ? 0.1628 0.1747 0.1551 0.0026  -0.0006 -0.0005 57  THR A CA  
289 C  CA  B THR A 38 ? 0.1737 0.1807 0.1660 0.0056  0.0013  0.0004  57  THR A CA  
290 C  C   . THR A 38 ? 0.1604 0.1588 0.1595 0.0064  0.0020  -0.0075 57  THR A C   
291 O  O   . THR A 38 ? 0.1522 0.1950 0.1934 -0.0040 -0.0147 -0.0005 57  THR A O   
292 C  CB  A THR A 38 ? 0.1779 0.1726 0.1592 -0.0114 0.0008  -0.0033 57  THR A CB  
293 C  CB  B THR A 38 ? 0.1939 0.2037 0.1756 0.0076  0.0016  -0.0111 57  THR A CB  
294 O  OG1 A THR A 38 ? 0.1720 0.2288 0.1666 -0.0029 -0.0020 -0.0089 57  THR A OG1 
295 O  OG1 B THR A 38 ? 0.2716 0.2630 0.2236 0.0029  0.0187  0.0266  57  THR A OG1 
296 C  CG2 A THR A 38 ? 0.1722 0.1821 0.2198 -0.0032 0.0148  0.0306  57  THR A CG2 
297 C  CG2 B THR A 38 ? 0.2218 0.1996 0.2158 0.0264  0.0332  0.0094  57  THR A CG2 
298 N  N   . GLY A 39 ? 0.1172 0.1568 0.1477 -0.0005 0.0129  0.0013  58  GLY A N   
299 C  CA  . GLY A 39 ? 0.1378 0.1409 0.1511 -0.0145 0.0026  -0.0099 58  GLY A CA  
300 C  C   . GLY A 39 ? 0.1338 0.1464 0.1367 -0.0009 -0.0024 0.0000  58  GLY A C   
301 O  O   . GLY A 39 ? 0.1207 0.1415 0.1511 -0.0276 0.0156  0.0061  58  GLY A O   
302 N  N   . VAL A 40 ? 0.1277 0.1414 0.1220 0.0031  0.0033  -0.0139 59  VAL A N   
303 C  CA  . VAL A 40 ? 0.1214 0.1406 0.1299 -0.0020 -0.0052 -0.0030 59  VAL A CA  
304 C  C   . VAL A 40 ? 0.1258 0.1097 0.1162 -0.0144 0.0085  -0.0030 59  VAL A C   
305 O  O   . VAL A 40 ? 0.1307 0.1591 0.1339 0.0068  -0.0116 -0.0061 59  VAL A O   
306 C  CB  . VAL A 40 ? 0.1586 0.1249 0.1646 -0.0033 -0.0122 -0.0012 59  VAL A CB  
307 C  CG1 . VAL A 40 ? 0.1666 0.1382 0.1927 -0.0198 0.0318  0.0228  59  VAL A CG1 
308 C  CG2 . VAL A 40 ? 0.1768 0.1573 0.2204 0.0158  -0.0133 0.0069  59  VAL A CG2 
309 N  N   . VAL A 41 ? 0.1117 0.1216 0.1113 0.0061  -0.0053 -0.0077 60  VAL A N   
310 C  CA  . VAL A 41 ? 0.1299 0.1147 0.1197 0.0010  -0.0129 -0.0068 60  VAL A CA  
311 C  C   . VAL A 41 ? 0.1245 0.0795 0.1095 -0.0026 -0.0014 0.0188  60  VAL A C   
312 O  O   . VAL A 41 ? 0.1352 0.1170 0.1100 0.0065  0.0094  0.0178  60  VAL A O   
313 C  CB  . VAL A 41 ? 0.1327 0.1066 0.1318 0.0033  0.0006  0.0029  60  VAL A CB  
314 C  CG1 . VAL A 41 ? 0.1335 0.1740 0.1324 0.0046  -0.0037 -0.0174 60  VAL A CG1 
315 C  CG2 . VAL A 41 ? 0.1462 0.1008 0.1475 -0.0101 -0.0119 0.0109  60  VAL A CG2 
316 N  N   . PRO A 42 ? 0.1217 0.1094 0.1139 -0.0059 -0.0036 0.0062  61  PRO A N   
317 C  CA  . PRO A 42 ? 0.1241 0.1007 0.1183 -0.0100 -0.0030 0.0102  61  PRO A CA  
318 C  C   . PRO A 42 ? 0.0992 0.1153 0.0909 -0.0093 -0.0083 -0.0040 61  PRO A C   
319 O  O   . PRO A 42 ? 0.1129 0.1224 0.1161 -0.0315 0.0178  0.0174  61  PRO A O   
320 C  CB  . PRO A 42 ? 0.1233 0.1570 0.1125 -0.0013 -0.0028 -0.0011 61  PRO A CB  
321 C  CG  . PRO A 42 ? 0.1558 0.2101 0.1440 0.0282  0.0109  0.0228  61  PRO A CG  
322 C  CD  . PRO A 42 ? 0.1235 0.1353 0.1308 -0.0006 -0.0001 0.0143  61  PRO A CD  
323 N  N   . VAL A 43 ? 0.1203 0.1104 0.0966 -0.0182 0.0056  0.0148  62  VAL A N   
324 C  CA  . VAL A 43 ? 0.1207 0.1089 0.1046 0.0066  0.0020  0.0018  62  VAL A CA  
325 C  C   . VAL A 43 ? 0.1233 0.0987 0.1108 0.0146  0.0053  0.0141  62  VAL A C   
326 O  O   . VAL A 43 ? 0.1628 0.0737 0.1332 -0.0118 0.0194  0.0051  62  VAL A O   
327 C  CB  . VAL A 43 ? 0.1288 0.1115 0.0981 0.0181  0.0192  0.0034  62  VAL A CB  
328 C  CG1 . VAL A 43 ? 0.1098 0.0845 0.1543 -0.0074 0.0111  0.0157  62  VAL A CG1 
329 C  CG2 . VAL A 43 ? 0.1377 0.1227 0.1321 -0.0152 -0.0040 -0.0201 62  VAL A CG2 
330 N  N   . THR A 44 ? 0.1355 0.0851 0.1162 0.0072  0.0135  0.0059  63  THR A N   
331 C  CA  . THR A 44 ? 0.1390 0.0741 0.1031 -0.0028 0.0151  0.0168  63  THR A CA  
332 C  C   . THR A 44 ? 0.1237 0.0995 0.0924 -0.0048 -0.0017 0.0213  63  THR A C   
333 O  O   . THR A 44 ? 0.1406 0.1076 0.1105 -0.0238 0.0027  0.0139  63  THR A O   
334 C  CB  . THR A 44 ? 0.1312 0.1096 0.1376 0.0054  0.0003  0.0004  63  THR A CB  
335 O  OG1 . THR A 44 ? 0.1202 0.1419 0.1602 -0.0221 -0.0093 -0.0220 63  THR A OG1 
336 C  CG2 . THR A 44 ? 0.1553 0.1408 0.1309 0.0070  -0.0079 -0.0313 63  THR A CG2 
337 N  N   . VAL A 45 ? 0.1197 0.1109 0.0953 -0.0130 -0.0007 0.0177  64  VAL A N   
338 C  CA  . VAL A 45 ? 0.1223 0.0893 0.1266 -0.0169 0.0040  0.0133  64  VAL A CA  
339 C  C   . VAL A 45 ? 0.1332 0.0935 0.1053 -0.0115 0.0166  0.0244  64  VAL A C   
340 O  O   . VAL A 45 ? 0.1373 0.1165 0.1162 -0.0182 0.0122  0.0013  64  VAL A O   
341 C  CB  . VAL A 45 ? 0.1106 0.1003 0.1083 -0.0040 0.0131  0.0175  64  VAL A CB  
342 C  CG1 . VAL A 45 ? 0.1252 0.1394 0.1388 0.0156  -0.0205 -0.0276 64  VAL A CG1 
343 C  CG2 . VAL A 45 ? 0.1390 0.0927 0.1366 -0.0091 0.0337  0.0312  64  VAL A CG2 
344 N  N   . VAL A 46 ? 0.1209 0.1100 0.1014 -0.0068 0.0125  0.0056  65  VAL A N   
345 C  CA  . VAL A 46 ? 0.1101 0.1075 0.1198 -0.0124 0.0155  0.0073  65  VAL A CA  
346 C  C   . VAL A 46 ? 0.1195 0.1021 0.1141 -0.0063 0.0059  0.0044  65  VAL A C   
347 O  O   . VAL A 46 ? 0.1286 0.1121 0.1315 -0.0379 0.0185  -0.0063 65  VAL A O   
348 C  CB  . VAL A 46 ? 0.1250 0.1017 0.1349 -0.0050 0.0216  0.0228  65  VAL A CB  
349 C  CG1 . VAL A 46 ? 0.1463 0.1175 0.1450 -0.0072 0.0233  -0.0374 65  VAL A CG1 
350 C  CG2 . VAL A 46 ? 0.1409 0.1291 0.1521 0.0121  -0.0025 0.0038  65  VAL A CG2 
351 N  N   . TYR A 47 ? 0.1198 0.1136 0.1166 -0.0208 0.0080  0.0099  66  TYR A N   
352 C  CA  . TYR A 47 ? 0.1187 0.1293 0.1293 -0.0108 0.0037  -0.0162 66  TYR A CA  
353 C  C   . TYR A 47 ? 0.1242 0.1310 0.1439 0.0011  0.0051  -0.0132 66  TYR A C   
354 O  O   . TYR A 47 ? 0.1205 0.1446 0.1182 -0.0007 0.0014  -0.0085 66  TYR A O   
355 C  CB  . TYR A 47 ? 0.1438 0.1416 0.1188 -0.0070 -0.0146 -0.0115 66  TYR A CB  
356 C  CG  . TYR A 47 ? 0.1230 0.1447 0.1256 0.0149  0.0105  -0.0110 66  TYR A CG  
357 C  CD1 . TYR A 47 ? 0.1479 0.1167 0.1464 -0.0186 0.0028  -0.0038 66  TYR A CD1 
358 C  CD2 . TYR A 47 ? 0.1353 0.1539 0.1553 0.0115  -0.0179 -0.0195 66  TYR A CD2 
359 C  CE1 . TYR A 47 ? 0.1638 0.1056 0.1259 -0.0041 -0.0070 -0.0024 66  TYR A CE1 
360 C  CE2 . TYR A 47 ? 0.1534 0.1684 0.1419 0.0029  -0.0087 -0.0108 66  TYR A CE2 
361 C  CZ  . TYR A 47 ? 0.1439 0.1335 0.1507 0.0016  -0.0259 -0.0078 66  TYR A CZ  
362 O  OH  . TYR A 47 ? 0.2402 0.1233 0.1864 0.0011  -0.0078 0.0206  66  TYR A OH  
363 N  N   . GLU A 48 ? 0.1255 0.1595 0.1485 -0.0108 -0.0066 -0.0264 67  GLU A N   
364 C  CA  . GLU A 48 ? 0.1483 0.1300 0.1528 -0.0025 -0.0079 -0.0138 67  GLU A CA  
365 C  C   . GLU A 48 ? 0.1412 0.1513 0.1415 -0.0017 -0.0193 -0.0221 67  GLU A C   
366 O  O   . GLU A 48 ? 0.1452 0.1872 0.1577 0.0143  -0.0156 -0.0154 67  GLU A O   
367 C  CB  . GLU A 48 ? 0.1712 0.1579 0.1658 -0.0020 -0.0132 -0.0237 67  GLU A CB  
368 C  CG  . GLU A 48 ? 0.2021 0.1905 0.1488 0.0116  -0.0131 -0.0229 67  GLU A CG  
369 C  CD  . GLU A 48 ? 0.1909 0.2098 0.1877 0.0129  -0.0274 -0.0342 67  GLU A CD  
370 O  OE1 . GLU A 48 ? 0.2457 0.2716 0.1966 -0.0289 -0.0059 -0.0753 67  GLU A OE1 
371 O  OE2 . GLU A 48 ? 0.1872 0.2102 0.1681 0.0139  -0.0296 -0.0502 67  GLU A OE2 
372 N  N   . ASP A 49 ? 0.1572 0.1447 0.1516 0.0185  -0.0199 -0.0191 68  ASP A N   
373 C  CA  . ASP A 49 ? 0.1785 0.1561 0.1416 0.0241  -0.0212 -0.0236 68  ASP A CA  
374 C  C   . ASP A 49 ? 0.1978 0.1652 0.1605 0.0134  -0.0399 -0.0168 68  ASP A C   
375 O  O   . ASP A 49 ? 0.2021 0.1454 0.1785 0.0122  -0.0452 -0.0353 68  ASP A O   
376 C  CB  . ASP A 49 ? 0.1971 0.1956 0.1565 0.0080  -0.0239 -0.0123 68  ASP A CB  
377 C  CG  . ASP A 49 ? 0.2320 0.2112 0.1882 -0.0026 -0.0096 -0.0352 68  ASP A CG  
378 O  OD1 . ASP A 49 ? 0.2476 0.1861 0.1737 -0.0046 -0.0206 -0.0191 68  ASP A OD1 
379 O  OD2 . ASP A 49 ? 0.2415 0.2052 0.1603 0.0048  -0.0200 -0.0146 68  ASP A OD2 
380 N  N   . HIS A 50 ? 0.2196 0.1504 0.1866 0.0132  -0.0526 -0.0133 69  HIS A N   
381 C  CA  . HIS A 50 ? 0.2276 0.2100 0.2003 0.0145  -0.0536 -0.0083 69  HIS A CA  
382 C  C   . HIS A 50 ? 0.2410 0.1937 0.1958 0.0076  -0.0458 0.0030  69  HIS A C   
383 O  O   . HIS A 50 ? 0.2960 0.2013 0.2190 -0.0091 -0.0721 -0.0222 69  HIS A O   
384 C  CB  . HIS A 50 ? 0.2466 0.2274 0.2162 0.0278  -0.0638 -0.0089 69  HIS A CB  
385 C  CG  . HIS A 50 ? 0.2477 0.2707 0.2525 -0.0011 -0.0561 -0.0213 69  HIS A CG  
386 N  ND1 . HIS A 50 ? 0.2923 0.3086 0.2632 0.0505  -0.0378 -0.0209 69  HIS A ND1 
387 C  CD2 . HIS A 50 ? 0.2844 0.2848 0.3084 -0.0108 0.0004  0.0231  69  HIS A CD2 
388 C  CE1 . HIS A 50 ? 0.3204 0.3165 0.2715 0.0222  -0.0273 -0.0107 69  HIS A CE1 
389 N  NE2 . HIS A 50 ? 0.2588 0.3065 0.2865 0.0143  -0.0382 0.0147  69  HIS A NE2 
390 N  N   . SER A 51 ? 0.2429 0.2049 0.1744 0.0044  -0.0455 0.0003  70  SER A N   
391 C  CA  A SER A 51 ? 0.2471 0.2174 0.1879 0.0030  -0.0227 -0.0031 70  SER A CA  
392 C  CA  B SER A 51 ? 0.2442 0.2173 0.1898 0.0038  -0.0231 -0.0038 70  SER A CA  
393 C  C   . SER A 51 ? 0.2419 0.2022 0.1627 0.0071  -0.0172 -0.0237 70  SER A C   
394 O  O   . SER A 51 ? 0.3002 0.2083 0.1998 0.0113  0.0001  -0.0417 70  SER A O   
395 C  CB  A SER A 51 ? 0.2638 0.2375 0.2094 -0.0036 -0.0170 -0.0135 70  SER A CB  
396 C  CB  B SER A 51 ? 0.2645 0.2273 0.2161 0.0008  -0.0134 -0.0104 70  SER A CB  
397 O  OG  A SER A 51 ? 0.3390 0.2542 0.2723 -0.0085 -0.0089 0.0174  70  SER A OG  
398 O  OG  B SER A 51 ? 0.2735 0.2699 0.2703 -0.0089 -0.0280 -0.0057 70  SER A OG  
399 N  N   . GLY A 52 ? 0.2528 0.1975 0.1561 0.0172  -0.0137 -0.0228 71  GLY A N   
400 C  CA  . GLY A 52 ? 0.2094 0.1811 0.1637 0.0113  -0.0251 -0.0184 71  GLY A CA  
401 C  C   . GLY A 52 ? 0.1948 0.1731 0.1470 -0.0038 -0.0018 -0.0099 71  GLY A C   
402 O  O   . GLY A 52 ? 0.1693 0.1938 0.1490 0.0144  0.0221  -0.0146 71  GLY A O   
403 N  N   . GLU A 53 ? 0.2036 0.1744 0.1372 -0.0041 -0.0006 -0.0032 72  GLU A N   
404 C  CA  . GLU A 53 ? 0.1810 0.1752 0.1389 -0.0139 0.0138  -0.0194 72  GLU A CA  
405 C  C   . GLU A 53 ? 0.1578 0.1681 0.1308 0.0052  0.0119  -0.0207 72  GLU A C   
406 O  O   . GLU A 53 ? 0.1486 0.2060 0.1274 -0.0061 -0.0003 -0.0340 72  GLU A O   
407 C  CB  . GLU A 53 ? 0.2072 0.1831 0.1740 -0.0323 0.0223  -0.0006 72  GLU A CB  
408 C  CG  . GLU A 53 ? 0.2462 0.2529 0.2433 -0.0233 0.0225  -0.0023 72  GLU A CG  
409 C  CD  . GLU A 53 ? 0.2592 0.2792 0.2242 -0.0175 0.0608  -0.0445 72  GLU A CD  
410 O  OE1 . GLU A 53 ? 0.3097 0.4408 0.3197 0.0250  0.0174  0.0068  72  GLU A OE1 
411 O  OE2 . GLU A 53 ? 0.2792 0.2241 0.2199 -0.0057 0.0115  -0.0231 72  GLU A OE2 
412 N  N   . LEU A 54 ? 0.1554 0.1789 0.1295 0.0135  0.0129  -0.0338 73  LEU A N   
413 C  CA  . LEU A 54 ? 0.1441 0.1595 0.1325 -0.0030 0.0242  -0.0203 73  LEU A CA  
414 C  C   . LEU A 54 ? 0.1243 0.1683 0.1334 -0.0027 0.0185  -0.0260 73  LEU A C   
415 O  O   . LEU A 54 ? 0.1486 0.2212 0.1414 -0.0206 0.0305  -0.0452 73  LEU A O   
416 C  CB  . LEU A 54 ? 0.1481 0.1598 0.1470 0.0162  0.0183  -0.0313 73  LEU A CB  
417 C  CG  . LEU A 54 ? 0.1759 0.1557 0.1634 0.0099  -0.0148 -0.0175 73  LEU A CG  
418 C  CD1 . LEU A 54 ? 0.1978 0.1658 0.1625 0.0243  -0.0148 0.0042  73  LEU A CD1 
419 C  CD2 . LEU A 54 ? 0.1599 0.1486 0.2236 -0.0093 0.0030  -0.0243 73  LEU A CD2 
420 N  N   . HIS A 55 ? 0.1349 0.1513 0.1292 -0.0135 0.0158  -0.0156 74  HIS A N   
421 C  CA  . HIS A 55 ? 0.1396 0.1499 0.1363 -0.0134 0.0108  -0.0201 74  HIS A CA  
422 C  C   . HIS A 55 ? 0.1183 0.1438 0.1334 -0.0068 0.0139  -0.0051 74  HIS A C   
423 O  O   . HIS A 55 ? 0.1286 0.1480 0.1356 -0.0315 0.0178  0.0087  74  HIS A O   
424 C  CB  . HIS A 55 ? 0.1769 0.1454 0.1352 -0.0158 -0.0030 -0.0141 74  HIS A CB  
425 C  CG  . HIS A 55 ? 0.1794 0.1498 0.1218 -0.0157 -0.0104 0.0044  74  HIS A CG  
426 N  ND1 . HIS A 55 ? 0.2966 0.2813 0.1607 -0.1202 -0.0170 0.0276  74  HIS A ND1 
427 C  CD2 . HIS A 55 ? 0.1909 0.1638 0.1316 -0.0097 -0.0222 0.0010  74  HIS A CD2 
428 C  CE1 . HIS A 55 ? 0.3279 0.3117 0.1516 -0.0998 -0.0388 0.0321  74  HIS A CE1 
429 N  NE2 . HIS A 55 ? 0.2460 0.2366 0.1529 -0.0299 -0.0182 0.0245  74  HIS A NE2 
430 N  N   . LYS A 56 ? 0.1181 0.1115 0.1218 -0.0168 0.0092  -0.0069 75  LYS A N   
431 C  CA  . LYS A 56 ? 0.1284 0.1134 0.1191 -0.0096 0.0116  -0.0069 75  LYS A CA  
432 C  C   . LYS A 56 ? 0.1175 0.1040 0.1000 -0.0093 0.0101  0.0008  75  LYS A C   
433 O  O   . LYS A 56 ? 0.1269 0.1189 0.1105 -0.0089 0.0190  0.0024  75  LYS A O   
434 C  CB  . LYS A 56 ? 0.1323 0.1006 0.1258 0.0001  0.0198  0.0016  75  LYS A CB  
435 C  CG  . LYS A 56 ? 0.1499 0.1237 0.1205 -0.0103 0.0090  0.0020  75  LYS A CG  
436 C  CD  . LYS A 56 ? 0.1698 0.1384 0.1531 -0.0149 -0.0125 -0.0039 75  LYS A CD  
437 C  CE  . LYS A 56 ? 0.1792 0.1444 0.1533 0.0089  -0.0061 0.0063  75  LYS A CE  
438 N  NZ  . LYS A 56 ? 0.2019 0.1630 0.1614 0.0380  -0.0319 0.0046  75  LYS A NZ  
439 N  N   . ILE A 57 ? 0.1271 0.0963 0.1023 -0.0012 0.0094  -0.0025 76  ILE A N   
440 C  CA  . ILE A 57 ? 0.1230 0.0851 0.1069 -0.0080 0.0040  0.0018  76  ILE A CA  
441 C  C   . ILE A 57 ? 0.1307 0.0787 0.1166 -0.0059 -0.0011 0.0018  76  ILE A C   
442 O  O   . ILE A 57 ? 0.1582 0.0998 0.1141 -0.0184 0.0052  0.0011  76  ILE A O   
443 C  CB  . ILE A 57 ? 0.1292 0.1130 0.1139 -0.0009 0.0052  -0.0074 76  ILE A CB  
444 C  CG1 . ILE A 57 ? 0.1281 0.1207 0.1276 -0.0084 0.0061  -0.0037 76  ILE A CG1 
445 C  CG2 . ILE A 57 ? 0.1761 0.1249 0.1324 -0.0092 0.0228  0.0150  76  ILE A CG2 
446 C  CD1 . ILE A 57 ? 0.1315 0.1635 0.1714 0.0064  -0.0006 0.0161  76  ILE A CD1 
447 N  N   . ARG A 58 ? 0.1200 0.1058 0.1154 -0.0233 0.0238  -0.0011 77  ARG A N   
448 C  CA  A ARG A 58 ? 0.1198 0.1014 0.1178 -0.0072 0.0116  -0.0049 77  ARG A CA  
449 C  CA  B ARG A 58 ? 0.1380 0.1137 0.1283 -0.0075 0.0142  -0.0074 77  ARG A CA  
450 C  C   . ARG A 58 ? 0.1337 0.1052 0.1055 0.0040  0.0126  0.0008  77  ARG A C   
451 O  O   . ARG A 58 ? 0.1744 0.1081 0.1227 -0.0292 0.0301  0.0037  77  ARG A O   
452 C  CB  A ARG A 58 ? 0.1245 0.1020 0.1185 -0.0108 -0.0017 -0.0004 77  ARG A CB  
453 C  CB  B ARG A 58 ? 0.1584 0.1421 0.1596 0.0028  -0.0003 -0.0017 77  ARG A CB  
454 C  CG  A ARG A 58 ? 0.0897 0.1042 0.1139 -0.0092 0.0028  -0.0028 77  ARG A CG  
455 C  CG  B ARG A 58 ? 0.2077 0.1798 0.1690 -0.0083 0.0114  -0.0053 77  ARG A CG  
456 C  CD  A ARG A 58 ? 0.1363 0.0926 0.1065 -0.0108 -0.0119 0.0328  77  ARG A CD  
457 C  CD  B ARG A 58 ? 0.2666 0.2621 0.2370 0.0297  -0.0283 -0.0030 77  ARG A CD  
458 N  NE  A ARG A 58 ? 0.1466 0.1789 0.1510 -0.0025 0.0138  0.0292  77  ARG A NE  
459 N  NE  B ARG A 58 ? 0.3317 0.3391 0.2809 -0.0005 -0.0052 0.0266  77  ARG A NE  
460 C  CZ  A ARG A 58 ? 0.1449 0.1619 0.0973 0.0015  0.0017  0.0223  77  ARG A CZ  
461 C  CZ  B ARG A 58 ? 0.3707 0.3636 0.3530 -0.0083 -0.0176 0.0255  77  ARG A CZ  
462 N  NH1 A ARG A 58 ? 0.1484 0.1531 0.1557 0.0365  0.0671  0.0319  77  ARG A NH1 
463 N  NH1 B ARG A 58 ? 0.4345 0.4043 0.3649 -0.0039 -0.0193 0.0024  77  ARG A NH1 
464 N  NH2 A ARG A 58 ? 0.1378 0.1184 0.1326 0.0025  -0.0036 0.0068  77  ARG A NH2 
465 N  NH2 B ARG A 58 ? 0.3998 0.4456 0.3921 0.0098  0.0048  0.0097  77  ARG A NH2 
466 N  N   . PHE A 59 ? 0.1153 0.0929 0.1156 -0.0177 0.0197  0.0058  78  PHE A N   
467 C  CA  . PHE A 59 ? 0.1161 0.0812 0.1270 -0.0181 0.0181  0.0075  78  PHE A CA  
468 C  C   . PHE A 59 ? 0.1169 0.0961 0.1101 -0.0169 0.0060  -0.0053 78  PHE A C   
469 O  O   . PHE A 59 ? 0.1386 0.1206 0.1212 0.0069  0.0188  0.0030  78  PHE A O   
470 C  CB  . PHE A 59 ? 0.1296 0.1079 0.1184 -0.0092 0.0245  0.0011  78  PHE A CB  
471 C  CG  . PHE A 59 ? 0.1144 0.1070 0.1083 0.0006  0.0065  0.0090  78  PHE A CG  
472 C  CD1 . PHE A 59 ? 0.1374 0.1649 0.1140 0.0103  0.0189  -0.0408 78  PHE A CD1 
473 C  CD2 . PHE A 59 ? 0.1045 0.1185 0.1233 0.0161  0.0190  0.0137  78  PHE A CD2 
474 C  CE1 . PHE A 59 ? 0.1511 0.1263 0.1249 0.0021  0.0039  -0.0164 78  PHE A CE1 
475 C  CE2 . PHE A 59 ? 0.1107 0.1455 0.1429 -0.0135 0.0174  -0.0004 78  PHE A CE2 
476 C  CZ  . PHE A 59 ? 0.1467 0.1539 0.1286 -0.0066 0.0075  -0.0076 78  PHE A CZ  
477 N  N   . LEU A 60 ? 0.1336 0.0877 0.1185 -0.0030 0.0324  0.0075  79  LEU A N   
478 C  CA  . LEU A 60 ? 0.1350 0.1078 0.1229 -0.0076 0.0253  -0.0026 79  LEU A CA  
479 C  C   . LEU A 60 ? 0.1326 0.1182 0.1112 -0.0086 0.0139  -0.0011 79  LEU A C   
480 O  O   . LEU A 60 ? 0.1270 0.1215 0.1200 -0.0039 0.0194  0.0020  79  LEU A O   
481 C  CB  . LEU A 60 ? 0.1415 0.1388 0.1393 -0.0228 0.0277  -0.0056 79  LEU A CB  
482 C  CG  . LEU A 60 ? 0.1673 0.1722 0.1626 -0.0317 0.0298  -0.0408 79  LEU A CG  
483 C  CD1 . LEU A 60 ? 0.2216 0.1676 0.2781 -0.0284 0.0125  -0.0583 79  LEU A CD1 
484 C  CD2 . LEU A 60 ? 0.1634 0.2177 0.1837 -0.0065 -0.0189 -0.0529 79  LEU A CD2 
485 N  N   . GLU A 61 ? 0.1106 0.1100 0.1136 0.0073  0.0145  0.0150  80  GLU A N   
486 C  CA  . GLU A 61 ? 0.1112 0.0846 0.0975 -0.0026 0.0121  0.0002  80  GLU A CA  
487 C  C   . GLU A 61 ? 0.1118 0.1053 0.1039 -0.0045 0.0080  0.0033  80  GLU A C   
488 O  O   . GLU A 61 ? 0.1297 0.1594 0.1022 0.0042  0.0018  -0.0039 80  GLU A O   
489 C  CB  . GLU A 61 ? 0.1138 0.1038 0.0986 -0.0112 0.0072  -0.0058 80  GLU A CB  
490 C  CG  . GLU A 61 ? 0.1436 0.1028 0.0979 -0.0122 0.0100  -0.0003 80  GLU A CG  
491 C  CD  . GLU A 61 ? 0.1278 0.1259 0.1011 0.0057  -0.0065 -0.0055 80  GLU A CD  
492 O  OE1 . GLU A 61 ? 0.1553 0.1192 0.1257 0.0025  -0.0248 -0.0016 80  GLU A OE1 
493 O  OE2 . GLU A 61 ? 0.1570 0.1160 0.1267 0.0084  -0.0209 0.0093  80  GLU A OE2 
494 N  N   . TRP A 62 ? 0.1032 0.1101 0.1004 0.0026  0.0053  0.0069  81  TRP A N   
495 C  CA  . TRP A 62 ? 0.0969 0.0926 0.1056 -0.0177 -0.0017 0.0131  81  TRP A CA  
496 C  C   . TRP A 62 ? 0.1072 0.1044 0.1194 -0.0080 0.0148  0.0282  81  TRP A C   
497 O  O   . TRP A 62 ? 0.1196 0.1028 0.1272 -0.0119 -0.0017 0.0017  81  TRP A O   
498 C  CB  . TRP A 62 ? 0.1108 0.1122 0.1257 -0.0022 0.0116  0.0256  81  TRP A CB  
499 C  CG  . TRP A 62 ? 0.1202 0.1107 0.1060 -0.0045 -0.0236 0.0018  81  TRP A CG  
500 C  CD1 . TRP A 62 ? 0.1610 0.1321 0.1249 0.0154  0.0137  -0.0111 81  TRP A CD1 
501 C  CD2 . TRP A 62 ? 0.1175 0.1212 0.1058 0.0067  -0.0287 0.0031  81  TRP A CD2 
502 N  NE1 . TRP A 62 ? 0.1651 0.1170 0.1427 0.0135  0.0029  0.0117  81  TRP A NE1 
503 C  CE2 . TRP A 62 ? 0.1328 0.1124 0.1390 0.0148  -0.0170 -0.0068 81  TRP A CE2 
504 C  CE3 . TRP A 62 ? 0.1523 0.1389 0.1148 0.0062  0.0052  -0.0052 81  TRP A CE3 
505 C  CZ2 . TRP A 62 ? 0.1658 0.1258 0.1944 0.0119  -0.0146 -0.0255 81  TRP A CZ2 
506 C  CZ3 . TRP A 62 ? 0.1893 0.1775 0.1549 0.0093  -0.0071 -0.0205 81  TRP A CZ3 
507 C  CH2 . TRP A 62 ? 0.1761 0.1449 0.1702 0.0260  -0.0116 -0.0477 81  TRP A CH2 
508 N  N   . GLY A 63 ? 0.1200 0.0850 0.1228 -0.0010 -0.0077 0.0134  82  GLY A N   
509 C  CA  . GLY A 63 ? 0.1223 0.1118 0.1070 0.0010  0.0069  0.0283  82  GLY A CA  
510 C  C   . GLY A 63 ? 0.1178 0.0919 0.1185 0.0002  0.0089  0.0173  82  GLY A C   
511 O  O   . GLY A 63 ? 0.1203 0.1042 0.1240 0.0007  0.0064  0.0119  82  GLY A O   
512 N  N   . GLY A 64 ? 0.1215 0.0908 0.1241 0.0107  0.0159  0.0053  83  GLY A N   
513 C  CA  . GLY A 64 ? 0.1147 0.1242 0.1478 0.0144  0.0125  0.0028  83  GLY A CA  
514 C  C   . GLY A 64 ? 0.1517 0.1078 0.1625 0.0119  0.0165  0.0131  83  GLY A C   
515 O  O   . GLY A 64 ? 0.1297 0.1638 0.2016 -0.0164 0.0192  0.0237  83  GLY A O   
516 N  N   . SER A 65 ? 0.1431 0.1331 0.1429 -0.0251 0.0441  0.0300  84  SER A N   
517 C  CA  . SER A 65 ? 0.1589 0.1513 0.1579 -0.0136 0.0344  0.0262  84  SER A CA  
518 C  C   . SER A 65 ? 0.1701 0.1314 0.1341 -0.0099 0.0466  0.0315  84  SER A C   
519 O  O   . SER A 65 ? 0.1984 0.1261 0.1807 -0.0187 0.0584  0.0200  84  SER A O   
520 C  CB  . SER A 65 ? 0.2148 0.1364 0.1633 0.0019  0.0209  0.0295  84  SER A CB  
521 O  OG  . SER A 65 ? 0.2775 0.1427 0.2222 -0.0113 0.0703  0.0427  84  SER A OG  
522 N  N   . THR A 66 ? 0.1813 0.1578 0.1733 0.0010  0.0516  0.0050  85  THR A N   
523 C  CA  . THR A 66 ? 0.1991 0.1581 0.1613 0.0062  0.0218  0.0197  85  THR A CA  
524 C  C   . THR A 66 ? 0.2155 0.1583 0.1801 0.0118  0.0268  0.0396  85  THR A C   
525 O  O   . THR A 66 ? 0.2592 0.1762 0.2023 0.0544  0.0167  0.0409  85  THR A O   
526 C  CB  . THR A 66 ? 0.1931 0.1716 0.1914 0.0074  -0.0006 0.0146  85  THR A CB  
527 O  OG1 . THR A 66 ? 0.2369 0.2385 0.2872 0.0050  0.0903  0.1038  85  THR A OG1 
528 C  CG2 . THR A 66 ? 0.1998 0.2006 0.1831 -0.0231 -0.0409 -0.0093 85  THR A CG2 
529 N  N   . SER A 67 ? 0.2232 0.1863 0.1709 0.0141  0.0047  0.0264  86  SER A N   
530 C  CA  . SER A 67 ? 0.2773 0.2573 0.2246 0.0081  -0.0132 0.0152  86  SER A CA  
531 C  C   . SER A 67 ? 0.3391 0.3443 0.2957 -0.0040 0.0224  0.0069  86  SER A C   
532 O  O   . SER A 67 ? 0.3848 0.3965 0.3429 0.0031  -0.0021 0.0116  86  SER A O   
533 C  CB  . SER A 67 ? 0.3165 0.2983 0.2745 -0.0115 -0.0085 0.0154  86  SER A CB  
534 O  OG  . SER A 67 ? 0.2870 0.2859 0.2497 -0.0197 -0.0170 0.0095  86  SER A OG  
535 C  C1  . GOL B .  ? 0.4068 0.4183 0.3905 0.0047  -0.0046 0.0225  101 GOL A C1  
536 O  O1  . GOL B .  ? 0.4307 0.4479 0.3774 0.0460  0.0200  -0.0294 101 GOL A O1  
537 C  C2  . GOL B .  ? 0.4084 0.4004 0.3901 -0.0052 -0.0055 0.0228  101 GOL A C2  
538 O  O2  . GOL B .  ? 0.3917 0.4231 0.4120 0.0190  0.0141  0.0627  101 GOL A O2  
539 C  C3  . GOL B .  ? 0.3081 0.3455 0.3587 0.0113  0.0063  0.0015  101 GOL A C3  
540 O  O3  . GOL B .  ? 0.2659 0.2471 0.2271 -0.0297 0.0285  0.0079  101 GOL A O3  
541 O  O   . HOH C .  ? 0.1579 0.2405 0.2251 0.0341  -0.0024 -0.0021 201 HOH A O   
542 O  O   . HOH C .  ? 0.1066 0.1325 0.1161 -0.0087 -0.0053 0.0049  202 HOH A O   
543 O  O   . HOH C .  ? 0.1502 0.1496 0.1572 -0.0061 -0.0203 0.0343  203 HOH A O   
544 O  O   . HOH C .  ? 0.1437 0.1241 0.1603 0.0012  0.0039  -0.0024 204 HOH A O   
545 O  O   . HOH C .  ? 0.2755 0.3154 0.2237 0.1106  0.0530  0.0911  205 HOH A O   
546 O  O   . HOH C .  ? 0.3195 0.2284 0.1905 0.0218  -0.0802 -0.0493 206 HOH A O   
547 O  O   . HOH C .  ? 0.2665 0.1925 0.2385 -0.0253 -0.0108 0.0206  207 HOH A O   
548 O  O   . HOH C .  ? 0.2474 0.1488 0.1836 -0.0612 0.0622  0.0457  208 HOH A O   
549 O  O   . HOH C .  ? 0.3228 0.2814 0.2138 -0.0341 0.0144  -0.1029 209 HOH A O   
550 O  O   . HOH C .  ? 0.2217 0.2380 0.1881 0.0092  -0.0241 -0.0358 210 HOH A O   
551 O  O   . HOH C .  ? 0.3561 0.2188 0.2628 0.0048  0.0602  -0.0179 211 HOH A O   
552 O  O   . HOH C .  ? 0.2668 0.2026 0.2604 0.0104  0.0261  -0.0237 212 HOH A O   
553 O  O   . HOH C .  ? 0.2682 0.2863 0.2769 0.0087  0.0669  -0.0803 213 HOH A O   
554 O  O   . HOH C .  ? 0.2859 0.2414 0.3016 -0.0457 -0.0241 0.0147  214 HOH A O   
555 O  O   . HOH C .  ? 0.3222 0.2737 0.2535 0.1112  0.0638  0.0204  215 HOH A O   
556 O  O   . HOH C .  ? 0.3219 0.3144 0.3626 -0.0438 0.0370  0.0160  216 HOH A O   
557 O  O   . HOH C .  ? 0.2665 0.2260 0.2093 0.0261  -0.0315 0.0386  217 HOH A O   
558 O  O   . HOH C .  ? 0.2201 0.1762 0.2046 -0.0136 -0.0517 0.0128  218 HOH A O   
559 O  O   . HOH C .  ? 0.2647 0.2428 0.3307 0.0562  0.0013  0.0690  219 HOH A O   
560 O  O   . HOH C .  ? 0.2660 0.2843 0.2722 0.0065  -0.0837 -0.0266 220 HOH A O   
561 O  O   . HOH C .  ? 0.2361 0.2780 0.4494 -0.0140 -0.0168 -0.0856 221 HOH A O   
562 O  O   . HOH C .  ? 0.2842 0.2821 0.1907 -0.0438 -0.0039 -0.0507 222 HOH A O   
563 O  O   . HOH C .  ? 0.3653 0.3703 0.4385 -0.0258 0.0144  -0.0503 223 HOH A O   
564 O  O   . HOH C .  ? 0.3267 0.3841 0.2016 0.0771  -0.0339 -0.0863 224 HOH A O   
565 O  O   . HOH C .  ? 0.2852 0.2413 0.3947 0.0014  -0.0672 -0.0599 225 HOH A O   
566 O  O   . HOH C .  ? 0.3380 0.3942 0.1806 0.0522  -0.0749 -0.0312 226 HOH A O   
567 O  O   . HOH C .  ? 0.3094 0.3546 0.3013 -0.0166 0.0153  0.0073  227 HOH A O   
568 O  O   . HOH C .  ? 0.2048 0.3801 0.3339 0.0010  -0.0111 -0.1184 228 HOH A O   
569 O  O   . HOH C .  ? 0.2532 0.2792 0.2238 -0.0332 0.0120  -0.0244 229 HOH A O   
570 O  O   . HOH C .  ? 0.3018 0.2078 0.2748 0.0124  -0.0044 0.0308  230 HOH A O   
571 O  O   . HOH C .  ? 0.2769 0.2348 0.4662 0.0593  0.0228  0.0755  231 HOH A O   
572 O  O   . HOH C .  ? 0.2192 0.3057 0.2323 -0.0040 -0.0123 0.0118  232 HOH A O   
573 O  O   . HOH C .  ? 0.3642 0.4019 0.3375 0.0061  0.0771  -0.0054 233 HOH A O   
574 O  O   . HOH C .  ? 0.2707 0.4155 0.4090 0.0065  -0.0274 -0.0453 234 HOH A O   
575 O  O   . HOH C .  ? 0.5910 0.3405 0.5226 -0.0445 -0.0013 0.0169  235 HOH A O   
576 O  O   . HOH C .  ? 0.3926 0.3345 0.3356 -0.0056 0.0143  0.0074  236 HOH A O   
577 O  O   . HOH C .  ? 0.3534 0.3668 0.3010 -0.0547 0.0121  -0.0107 237 HOH A O   
578 O  O   . HOH C .  ? 0.4111 0.4516 0.5265 0.0452  0.0364  0.0176  238 HOH A O   
579 O  O   . HOH C .  ? 0.4396 0.4376 0.3850 0.0376  -0.0700 -0.0341 239 HOH A O   
580 O  O   . HOH C .  ? 0.4269 0.3388 0.4539 -0.0275 -0.0782 -0.0322 240 HOH A O   
581 O  O   . HOH C .  ? 0.3721 0.2056 0.4163 -0.0474 0.0677  0.0283  241 HOH A O   
582 O  O   . HOH C .  ? 0.3248 0.3675 0.2930 0.0538  -0.1030 0.0237  242 HOH A O   
583 O  O   . HOH C .  ? 0.4751 0.4590 0.4716 -0.0072 0.0026  0.0124  243 HOH A O   
584 O  O   . HOH C .  ? 0.4065 0.4381 0.4301 -0.0052 0.0241  0.0545  244 HOH A O   
585 O  O   . HOH C .  ? 0.4667 0.5388 0.4433 -0.0287 0.0276  0.0278  245 HOH A O   
586 O  O   . HOH C .  ? 0.1700 0.3304 0.3498 0.0301  0.0013  -0.0112 246 HOH A O   
587 O  O   . HOH C .  ? 0.1557 0.1955 0.1413 -0.0386 0.0145  0.0004  247 HOH A O   
588 O  O   . HOH C .  ? 0.4769 0.5094 0.3946 0.0094  -0.0023 -0.1055 248 HOH A O   
589 O  O   . HOH C .  ? 0.4673 0.4051 0.4285 -0.0288 0.0189  -0.0312 249 HOH A O   
590 O  O   . HOH C .  ? 0.5291 0.5183 0.4445 -0.0154 -0.0328 -0.0247 250 HOH A O   
591 O  O   . HOH C .  ? 0.3561 0.3795 0.4069 0.0382  -0.0852 0.0435  251 HOH A O   
592 O  O   . HOH C .  ? 0.5362 0.5467 0.4827 -0.0275 -0.0124 -0.0031 252 HOH A O   
593 O  O   . HOH C .  ? 0.1334 0.1403 0.1465 -0.0158 0.0246  0.0001  253 HOH A O   
594 O  O   . HOH C .  ? 0.3382 0.5180 0.3114 0.0131  0.0002  -0.0629 254 HOH A O   
595 O  O   B HOH C .  ? 0.2223 0.1713 0.2715 0.0118  0.0106  0.0284  255 HOH A O   
596 O  O   B HOH C .  ? 0.2590 0.1814 0.2048 -0.0462 -0.0038 0.0003  256 HOH A O   
597 O  O   . HOH C .  ? 0.4111 0.2570 0.2822 0.0039  0.1452  0.0206  257 HOH A O   
598 O  O   . HOH C .  ? 0.4174 0.4880 0.4555 0.0362  0.0248  -0.0268 258 HOH A O   
599 O  O   . HOH C .  ? 0.4604 0.4255 0.4349 -0.0019 -0.0212 0.0366  259 HOH A O   
600 O  O   . HOH C .  ? 0.4473 0.4603 0.3686 -0.0263 0.0596  -0.0296 260 HOH A O   
601 O  O   . HOH C .  ? 0.5110 0.4776 0.4266 -0.0254 0.0036  0.0124  261 HOH A O   
602 O  O   . HOH C .  ? 0.5804 0.5943 0.6318 0.0047  0.0138  0.0367  262 HOH A O   
603 O  O   . HOH C .  ? 0.5832 0.5306 0.4984 -0.0015 0.0349  -0.0161 263 HOH A O   
604 O  O   . HOH C .  ? 0.4736 0.5434 0.4779 0.0003  0.0041  -0.0037 264 HOH A O   
605 O  O   . HOH C .  ? 0.5601 0.5029 0.6004 -0.0339 0.0035  -0.0157 265 HOH A O   
606 O  O   . HOH C .  ? 0.4569 0.4177 0.4587 0.0521  0.0933  0.0184  266 HOH A O   
607 O  O   . HOH C .  ? 0.5380 0.5482 0.5078 0.0318  0.0349  -0.0028 267 HOH A O   
# 
